data_6ES6
#
_entry.id   6ES6
#
loop_
_entity.id
_entity.type
_entity.pdbx_description
1 polymer CID
2 polymer NCBD
#
loop_
_entity_poly.entity_id
_entity_poly.type
_entity_poly.pdbx_seq_one_letter_code
_entity_poly.pdbx_strand_id
1 'polypeptide(L)' GSESQNDEKALLDQLDSLLSSTDEMELAEIDRALGIDKLVSQQGG A
2 'polypeptide(L)' GSIPPNALQDLLRTLRSPSSPQQQQQVLNILKSNPQLMAAFIKQRAAKYQ B
#
# COMPACT_ATOMS: atom_id res chain seq x y z
N GLY A 1 -10.20 6.83 7.54
CA GLY A 1 -11.27 5.85 7.45
C GLY A 1 -12.48 6.24 8.27
N SER A 2 -13.24 7.22 7.78
CA SER A 2 -14.42 7.69 8.47
C SER A 2 -14.06 8.26 9.84
N GLU A 3 -13.89 9.59 9.90
CA GLU A 3 -13.54 10.25 11.15
C GLU A 3 -12.41 9.52 11.85
N SER A 4 -11.20 9.64 11.30
CA SER A 4 -10.03 9.00 11.88
C SER A 4 -8.75 9.73 11.48
N GLN A 5 -8.33 9.55 10.23
CA GLN A 5 -7.12 10.20 9.73
C GLN A 5 -5.90 9.74 10.51
N ASN A 6 -6.05 8.63 11.22
CA ASN A 6 -4.95 8.08 12.02
C ASN A 6 -5.01 6.56 12.05
N ASP A 7 -5.79 5.98 11.15
CA ASP A 7 -5.94 4.53 11.06
C ASP A 7 -4.74 3.90 10.37
N GLU A 8 -4.80 2.58 10.18
CA GLU A 8 -3.71 1.86 9.54
C GLU A 8 -3.35 2.51 8.20
N LYS A 9 -4.36 2.98 7.48
CA LYS A 9 -4.14 3.62 6.19
C LYS A 9 -3.19 4.81 6.32
N ALA A 10 -3.22 5.46 7.49
CA ALA A 10 -2.36 6.60 7.73
C ALA A 10 -1.03 6.16 8.34
N LEU A 11 -1.02 4.99 8.95
CA LEU A 11 0.18 4.46 9.57
C LEU A 11 1.31 4.33 8.56
N LEU A 12 1.05 3.58 7.49
CA LEU A 12 2.04 3.37 6.44
C LEU A 12 2.07 4.56 5.47
N ASP A 13 0.99 5.33 5.47
CA ASP A 13 0.89 6.50 4.60
C ASP A 13 2.16 7.33 4.66
N GLN A 14 2.80 7.34 5.83
CA GLN A 14 4.03 8.10 6.02
C GLN A 14 5.21 7.40 5.36
N LEU A 15 5.62 6.28 5.96
CA LEU A 15 6.74 5.51 5.43
C LEU A 15 6.58 5.23 3.94
N ASP A 16 5.33 5.14 3.50
CA ASP A 16 5.02 4.88 2.10
C ASP A 16 5.81 5.82 1.20
N SER A 17 6.16 6.99 1.72
CA SER A 17 6.91 7.97 0.95
C SER A 17 8.15 7.35 0.32
N LEU A 18 8.72 6.36 1.00
CA LEU A 18 9.91 5.67 0.50
C LEU A 18 9.64 5.06 -0.88
N LEU A 19 8.38 4.74 -1.15
CA LEU A 19 7.99 4.16 -2.43
C LEU A 19 8.47 5.02 -3.59
N SER A 20 8.57 6.33 -3.34
CA SER A 20 9.01 7.26 -4.37
C SER A 20 10.44 6.95 -4.81
N SER A 21 11.15 6.21 -3.98
CA SER A 21 12.54 5.85 -4.27
C SER A 21 12.60 4.48 -4.95
N THR A 22 11.62 4.20 -5.80
CA THR A 22 11.56 2.93 -6.50
C THR A 22 11.32 3.14 -8.00
N ASP A 23 11.88 2.26 -8.81
CA ASP A 23 11.73 2.35 -10.27
C ASP A 23 10.25 2.47 -10.65
N GLU A 24 9.96 3.37 -11.58
CA GLU A 24 8.59 3.58 -12.03
C GLU A 24 8.11 2.41 -12.88
N MET A 25 9.04 1.80 -13.61
CA MET A 25 8.72 0.67 -14.47
C MET A 25 8.36 -0.56 -13.64
N GLU A 26 9.15 -0.81 -12.59
CA GLU A 26 8.90 -1.95 -11.72
C GLU A 26 7.53 -1.88 -11.08
N LEU A 27 7.14 -0.68 -10.65
CA LEU A 27 5.85 -0.47 -10.03
C LEU A 27 4.71 -0.78 -10.99
N ALA A 28 4.93 -0.52 -12.27
CA ALA A 28 3.93 -0.79 -13.30
C ALA A 28 3.67 -2.28 -13.43
N GLU A 29 4.72 -3.08 -13.30
CA GLU A 29 4.60 -4.53 -13.42
C GLU A 29 3.73 -5.09 -12.29
N ILE A 30 3.90 -4.55 -11.09
CA ILE A 30 3.13 -4.99 -9.94
C ILE A 30 1.70 -4.46 -10.00
N ASP A 31 1.55 -3.25 -10.54
CA ASP A 31 0.23 -2.63 -10.65
C ASP A 31 -0.65 -3.40 -11.65
N ARG A 32 -0.15 -3.53 -12.87
CA ARG A 32 -0.89 -4.24 -13.91
C ARG A 32 -1.01 -5.72 -13.58
N ALA A 33 -0.08 -6.23 -12.78
CA ALA A 33 -0.08 -7.63 -12.39
C ALA A 33 -1.39 -8.01 -11.70
N LEU A 34 -1.80 -7.19 -10.74
CA LEU A 34 -3.04 -7.43 -10.00
C LEU A 34 -4.17 -6.56 -10.54
N GLY A 35 -3.81 -5.50 -11.27
CA GLY A 35 -4.80 -4.62 -11.83
C GLY A 35 -5.50 -3.79 -10.77
N ILE A 36 -4.76 -2.92 -10.12
CA ILE A 36 -5.31 -2.06 -9.07
C ILE A 36 -6.29 -1.04 -9.66
N ASP A 37 -6.33 -0.97 -10.99
CA ASP A 37 -7.23 -0.04 -11.67
C ASP A 37 -8.68 -0.33 -11.32
N LYS A 38 -8.99 -1.60 -11.10
CA LYS A 38 -10.35 -2.02 -10.77
C LYS A 38 -10.51 -2.17 -9.26
N LEU A 39 -9.40 -2.40 -8.57
CA LEU A 39 -9.41 -2.57 -7.12
C LEU A 39 -9.68 -1.24 -6.42
N VAL A 40 -9.52 -0.14 -7.17
CA VAL A 40 -9.75 1.19 -6.62
C VAL A 40 -11.19 1.65 -6.87
N SER A 41 -11.92 0.89 -7.68
CA SER A 41 -13.29 1.21 -8.01
C SER A 41 -14.23 0.82 -6.86
N GLN A 42 -13.86 -0.21 -6.13
CA GLN A 42 -14.65 -0.69 -5.00
C GLN A 42 -13.77 -1.31 -3.93
N GLN A 43 -14.10 -1.03 -2.67
CA GLN A 43 -13.34 -1.56 -1.55
C GLN A 43 -14.21 -1.69 -0.30
N GLY A 44 -14.29 -2.90 0.24
CA GLY A 44 -15.09 -3.12 1.43
C GLY A 44 -15.03 -4.57 1.89
N GLY A 45 -14.28 -4.81 2.97
CA GLY A 45 -14.15 -6.15 3.50
C GLY A 45 -13.50 -6.17 4.87
N GLY B 1 -11.15 8.83 20.46
CA GLY B 1 -11.07 7.59 19.71
C GLY B 1 -10.02 7.64 18.62
N SER B 2 -8.92 6.91 18.83
CA SER B 2 -7.84 6.88 17.85
C SER B 2 -7.00 5.62 18.01
N ILE B 3 -7.41 4.55 17.32
CA ILE B 3 -6.70 3.28 17.38
C ILE B 3 -6.93 2.47 16.11
N PRO B 4 -5.88 2.34 15.29
CA PRO B 4 -5.93 1.59 14.03
C PRO B 4 -6.06 0.08 14.26
N PRO B 5 -6.50 -0.65 13.23
CA PRO B 5 -6.67 -2.10 13.30
C PRO B 5 -5.33 -2.84 13.37
N ASN B 6 -5.40 -4.14 13.61
CA ASN B 6 -4.20 -4.96 13.70
C ASN B 6 -4.00 -5.79 12.44
N ALA B 7 -5.11 -6.14 11.78
CA ALA B 7 -5.05 -6.92 10.56
C ALA B 7 -4.42 -6.13 9.43
N LEU B 8 -4.89 -4.89 9.24
CA LEU B 8 -4.36 -4.03 8.19
C LEU B 8 -2.86 -3.82 8.36
N GLN B 9 -2.43 -3.68 9.60
CA GLN B 9 -1.01 -3.47 9.91
C GLN B 9 -0.18 -4.65 9.45
N ASP B 10 -0.73 -5.85 9.56
CA ASP B 10 -0.03 -7.07 9.15
C ASP B 10 0.31 -7.01 7.66
N LEU B 11 -0.69 -6.70 6.84
CA LEU B 11 -0.48 -6.61 5.40
C LEU B 11 0.61 -5.60 5.05
N LEU B 12 0.38 -4.35 5.44
CA LEU B 12 1.35 -3.28 5.17
C LEU B 12 2.69 -3.60 5.81
N ARG B 13 2.66 -4.19 7.00
CA ARG B 13 3.87 -4.54 7.71
C ARG B 13 4.83 -5.33 6.81
N THR B 14 4.26 -6.09 5.87
CA THR B 14 5.06 -6.88 4.94
C THR B 14 5.94 -5.99 4.08
N LEU B 15 5.31 -5.07 3.36
CA LEU B 15 6.04 -4.16 2.48
C LEU B 15 6.89 -3.19 3.29
N ARG B 16 6.59 -3.08 4.58
CA ARG B 16 7.33 -2.19 5.47
C ARG B 16 8.58 -2.89 6.02
N SER B 17 8.47 -4.20 6.23
CA SER B 17 9.58 -4.97 6.76
C SER B 17 10.85 -4.75 5.94
N PRO B 18 11.95 -4.42 6.63
CA PRO B 18 13.25 -4.17 5.97
C PRO B 18 13.87 -5.44 5.40
N SER B 19 13.51 -5.75 4.16
CA SER B 19 14.03 -6.95 3.50
C SER B 19 14.60 -6.60 2.12
N SER B 20 15.35 -7.54 1.55
CA SER B 20 15.95 -7.33 0.24
C SER B 20 14.90 -6.94 -0.80
N PRO B 21 15.36 -6.52 -1.98
CA PRO B 21 14.49 -6.11 -3.07
C PRO B 21 13.72 -7.29 -3.67
N GLN B 22 14.19 -8.49 -3.41
CA GLN B 22 13.55 -9.69 -3.93
C GLN B 22 12.20 -9.93 -3.26
N GLN B 23 12.19 -9.87 -1.93
CA GLN B 23 10.96 -10.08 -1.17
C GLN B 23 9.87 -9.13 -1.65
N GLN B 24 10.27 -8.05 -2.31
CA GLN B 24 9.33 -7.06 -2.81
C GLN B 24 8.21 -7.72 -3.61
N GLN B 25 8.56 -8.82 -4.29
CA GLN B 25 7.58 -9.55 -5.09
C GLN B 25 6.34 -9.88 -4.27
N GLN B 26 6.53 -10.10 -2.98
CA GLN B 26 5.42 -10.43 -2.09
C GLN B 26 4.56 -9.19 -1.81
N VAL B 27 5.22 -8.03 -1.74
CA VAL B 27 4.52 -6.78 -1.49
C VAL B 27 3.37 -6.57 -2.47
N LEU B 28 3.67 -6.70 -3.75
CA LEU B 28 2.66 -6.54 -4.80
C LEU B 28 1.39 -7.30 -4.45
N ASN B 29 1.53 -8.58 -4.15
CA ASN B 29 0.39 -9.43 -3.81
C ASN B 29 -0.26 -8.94 -2.51
N ILE B 30 0.54 -8.38 -1.62
CA ILE B 30 0.04 -7.88 -0.35
C ILE B 30 -0.81 -6.62 -0.55
N LEU B 31 -0.38 -5.76 -1.46
CA LEU B 31 -1.11 -4.53 -1.76
C LEU B 31 -2.60 -4.81 -1.95
N LYS B 32 -2.90 -5.78 -2.81
CA LYS B 32 -4.29 -6.15 -3.08
C LYS B 32 -4.96 -6.69 -1.83
N SER B 33 -4.18 -7.36 -0.98
CA SER B 33 -4.71 -7.94 0.25
C SER B 33 -4.97 -6.85 1.28
N ASN B 34 -4.62 -5.61 0.94
CA ASN B 34 -4.83 -4.48 1.83
C ASN B 34 -5.88 -3.52 1.27
N PRO B 35 -7.00 -3.40 1.99
CA PRO B 35 -8.10 -2.52 1.58
C PRO B 35 -7.75 -1.04 1.71
N GLN B 36 -7.99 -0.48 2.89
CA GLN B 36 -7.69 0.92 3.14
C GLN B 36 -6.27 1.26 2.71
N LEU B 37 -5.39 0.28 2.78
CA LEU B 37 -3.99 0.47 2.39
C LEU B 37 -3.86 0.58 0.87
N MET B 38 -4.73 -0.13 0.16
CA MET B 38 -4.71 -0.10 -1.30
C MET B 38 -4.91 1.31 -1.83
N ALA B 39 -5.98 1.97 -1.39
CA ALA B 39 -6.28 3.32 -1.81
C ALA B 39 -5.11 4.27 -1.51
N ALA B 40 -4.68 4.28 -0.25
CA ALA B 40 -3.58 5.13 0.17
C ALA B 40 -2.30 4.77 -0.58
N PHE B 41 -1.91 3.51 -0.51
CA PHE B 41 -0.70 3.04 -1.18
C PHE B 41 -0.70 3.43 -2.65
N ILE B 42 -1.83 3.20 -3.31
CA ILE B 42 -1.97 3.54 -4.73
C ILE B 42 -1.37 4.91 -5.03
N LYS B 43 -1.47 5.81 -4.06
CA LYS B 43 -0.93 7.16 -4.22
C LYS B 43 0.52 7.12 -4.64
N GLN B 44 1.32 6.32 -3.94
CA GLN B 44 2.74 6.19 -4.25
C GLN B 44 2.98 5.16 -5.35
N ARG B 45 2.48 3.95 -5.13
CA ARG B 45 2.63 2.88 -6.10
C ARG B 45 2.06 3.29 -7.46
N ALA B 46 0.74 3.40 -7.53
CA ALA B 46 0.08 3.78 -8.77
C ALA B 46 0.74 5.01 -9.39
N ALA B 47 1.37 5.83 -8.55
CA ALA B 47 2.04 7.04 -9.02
C ALA B 47 3.09 6.71 -10.07
N LYS B 48 3.44 5.43 -10.17
CA LYS B 48 4.43 4.98 -11.14
C LYS B 48 4.08 5.48 -12.54
N TYR B 49 2.81 5.77 -12.76
CA TYR B 49 2.35 6.26 -14.06
C TYR B 49 1.67 7.61 -13.91
N GLN B 50 2.14 8.42 -12.98
CA GLN B 50 1.57 9.74 -12.73
C GLN B 50 2.60 10.83 -12.98
N GLY A 1 -16.16 9.17 15.97
CA GLY A 1 -14.91 9.23 16.71
C GLY A 1 -14.00 8.05 16.41
N SER A 2 -14.03 7.59 15.17
CA SER A 2 -13.20 6.47 14.75
C SER A 2 -13.24 6.28 13.24
N GLU A 3 -13.26 7.39 12.52
CA GLU A 3 -13.31 7.36 11.05
C GLU A 3 -11.92 7.07 10.48
N SER A 4 -11.05 8.08 10.50
CA SER A 4 -9.70 7.93 9.97
C SER A 4 -8.78 9.00 10.55
N GLN A 5 -7.58 8.58 10.96
CA GLN A 5 -6.60 9.50 11.54
C GLN A 5 -5.26 8.81 11.74
N ASN A 6 -5.28 7.67 12.42
CA ASN A 6 -4.07 6.91 12.69
C ASN A 6 -4.35 5.41 12.70
N ASP A 7 -5.34 5.00 11.91
CA ASP A 7 -5.71 3.58 11.82
C ASP A 7 -4.78 2.84 10.88
N GLU A 8 -5.15 1.61 10.53
CA GLU A 8 -4.35 0.79 9.64
C GLU A 8 -4.01 1.54 8.36
N LYS A 9 -5.00 2.22 7.79
CA LYS A 9 -4.82 2.99 6.57
C LYS A 9 -3.72 4.03 6.75
N ALA A 10 -3.59 4.54 7.97
CA ALA A 10 -2.59 5.56 8.28
C ALA A 10 -1.27 4.90 8.69
N LEU A 11 -1.34 3.66 9.13
CA LEU A 11 -0.15 2.92 9.56
C LEU A 11 0.89 2.87 8.44
N LEU A 12 0.48 2.31 7.30
CA LEU A 12 1.37 2.20 6.15
C LEU A 12 1.43 3.52 5.37
N ASP A 13 0.43 4.35 5.57
CA ASP A 13 0.36 5.64 4.89
C ASP A 13 1.69 6.37 4.96
N GLN A 14 2.34 6.28 6.14
CA GLN A 14 3.63 6.94 6.33
C GLN A 14 4.72 6.23 5.55
N LEU A 15 5.02 4.99 5.92
CA LEU A 15 6.04 4.20 5.25
C LEU A 15 5.84 4.22 3.74
N ASP A 16 4.59 4.29 3.33
CA ASP A 16 4.26 4.31 1.90
C ASP A 16 5.07 5.38 1.18
N SER A 17 5.47 6.41 1.91
CA SER A 17 6.25 7.51 1.33
C SER A 17 7.43 6.96 0.53
N LEU A 18 7.98 5.85 0.99
CA LEU A 18 9.13 5.23 0.32
C LEU A 18 8.79 4.90 -1.13
N LEU A 19 7.53 4.57 -1.38
CA LEU A 19 7.08 4.23 -2.72
C LEU A 19 7.43 5.33 -3.71
N SER A 20 7.46 6.57 -3.22
CA SER A 20 7.78 7.72 -4.06
C SER A 20 9.24 7.67 -4.51
N SER A 21 10.08 7.08 -3.67
CA SER A 21 11.51 6.97 -3.97
C SER A 21 11.82 5.64 -4.67
N THR A 22 10.89 5.21 -5.53
CA THR A 22 11.06 3.96 -6.26
C THR A 22 11.00 4.20 -7.77
N ASP A 23 11.76 3.39 -8.51
CA ASP A 23 11.79 3.51 -9.97
C ASP A 23 10.39 3.54 -10.54
N GLU A 24 10.17 4.43 -11.52
CA GLU A 24 8.86 4.56 -12.14
C GLU A 24 8.47 3.27 -12.85
N MET A 25 9.47 2.54 -13.36
CA MET A 25 9.23 1.29 -14.07
C MET A 25 8.77 0.20 -13.09
N GLU A 26 9.53 0.02 -12.01
CA GLU A 26 9.21 -0.98 -11.01
C GLU A 26 7.85 -0.71 -10.39
N LEU A 27 7.50 0.57 -10.27
CA LEU A 27 6.22 0.96 -9.68
C LEU A 27 5.06 0.38 -10.48
N ALA A 28 5.11 0.55 -11.80
CA ALA A 28 4.06 0.04 -12.67
C ALA A 28 4.14 -1.48 -12.79
N GLU A 29 5.34 -2.02 -12.62
CA GLU A 29 5.56 -3.46 -12.72
C GLU A 29 4.61 -4.21 -11.79
N ILE A 30 4.61 -3.83 -10.52
CA ILE A 30 3.74 -4.47 -9.54
C ILE A 30 2.30 -4.01 -9.69
N ASP A 31 2.12 -2.71 -9.92
CA ASP A 31 0.79 -2.13 -10.08
C ASP A 31 -0.01 -2.92 -11.11
N ARG A 32 0.55 -3.06 -12.31
CA ARG A 32 -0.11 -3.79 -13.39
C ARG A 32 -0.29 -5.26 -13.02
N ALA A 33 0.60 -5.76 -12.16
CA ALA A 33 0.53 -7.16 -11.73
C ALA A 33 -0.83 -7.48 -11.11
N LEU A 34 -1.26 -6.64 -10.18
CA LEU A 34 -2.53 -6.83 -9.51
C LEU A 34 -3.63 -6.01 -10.17
N GLY A 35 -3.22 -5.02 -10.96
CA GLY A 35 -4.19 -4.17 -11.64
C GLY A 35 -4.79 -3.12 -10.73
N ILE A 36 -3.94 -2.29 -10.14
CA ILE A 36 -4.40 -1.24 -9.24
C ILE A 36 -5.17 -0.16 -9.99
N ASP A 37 -5.12 -0.23 -11.32
CA ASP A 37 -5.81 0.74 -12.16
C ASP A 37 -7.32 0.65 -11.95
N LYS A 38 -7.86 -0.55 -12.03
CA LYS A 38 -9.29 -0.77 -11.85
C LYS A 38 -9.62 -1.08 -10.40
N LEU A 39 -8.58 -1.34 -9.61
CA LEU A 39 -8.75 -1.65 -8.19
C LEU A 39 -9.15 -0.41 -7.40
N VAL A 40 -9.06 0.74 -8.04
CA VAL A 40 -9.42 2.01 -7.40
C VAL A 40 -10.90 2.30 -7.58
N SER A 41 -11.60 1.43 -8.30
CA SER A 41 -13.02 1.61 -8.55
C SER A 41 -13.84 1.14 -7.35
N GLN A 42 -13.24 0.26 -6.54
CA GLN A 42 -13.92 -0.26 -5.36
C GLN A 42 -13.16 0.11 -4.09
N GLN A 43 -13.69 -0.31 -2.95
CA GLN A 43 -13.06 -0.01 -1.67
C GLN A 43 -12.75 1.48 -1.54
N GLY A 44 -13.72 2.24 -1.06
CA GLY A 44 -13.53 3.68 -0.90
C GLY A 44 -13.83 4.45 -2.17
N GLY A 45 -12.94 4.36 -3.15
CA GLY A 45 -13.13 5.05 -4.41
C GLY A 45 -13.06 6.57 -4.25
N GLY B 1 -8.00 6.51 21.52
CA GLY B 1 -7.87 5.15 21.03
C GLY B 1 -7.15 5.08 19.70
N SER B 2 -7.90 4.77 18.65
CA SER B 2 -7.34 4.66 17.31
C SER B 2 -6.31 3.54 17.24
N ILE B 3 -6.78 2.33 16.96
CA ILE B 3 -5.90 1.17 16.86
C ILE B 3 -6.50 0.10 15.95
N PRO B 4 -5.83 -0.16 14.83
CA PRO B 4 -6.27 -1.17 13.86
C PRO B 4 -6.14 -2.59 14.39
N PRO B 5 -6.74 -3.55 13.67
CA PRO B 5 -6.71 -4.96 14.05
C PRO B 5 -5.32 -5.58 13.89
N ASN B 6 -5.24 -6.89 14.03
CA ASN B 6 -3.97 -7.60 13.91
C ASN B 6 -3.76 -8.09 12.47
N ALA B 7 -4.86 -8.31 11.77
CA ALA B 7 -4.81 -8.78 10.38
C ALA B 7 -4.30 -7.67 9.46
N LEU B 8 -4.94 -6.52 9.52
CA LEU B 8 -4.55 -5.38 8.69
C LEU B 8 -3.09 -5.03 8.88
N GLN B 9 -2.65 -5.02 10.14
CA GLN B 9 -1.26 -4.70 10.47
C GLN B 9 -0.31 -5.72 9.84
N ASP B 10 -0.76 -6.97 9.75
CA ASP B 10 0.04 -8.04 9.17
C ASP B 10 0.41 -7.72 7.73
N LEU B 11 -0.60 -7.36 6.93
CA LEU B 11 -0.39 -7.03 5.53
C LEU B 11 0.61 -5.89 5.38
N LEU B 12 0.25 -4.73 5.92
CA LEU B 12 1.11 -3.56 5.84
C LEU B 12 2.47 -3.84 6.47
N ARG B 13 2.48 -4.68 7.50
CA ARG B 13 3.71 -5.04 8.20
C ARG B 13 4.79 -5.45 7.20
N THR B 14 4.37 -6.03 6.09
CA THR B 14 5.31 -6.46 5.06
C THR B 14 6.10 -5.29 4.50
N LEU B 15 5.43 -4.16 4.34
CA LEU B 15 6.08 -2.95 3.81
C LEU B 15 7.16 -2.46 4.77
N ARG B 16 6.96 -2.68 6.06
CA ARG B 16 7.92 -2.26 7.07
C ARG B 16 8.64 -3.47 7.68
N SER B 17 8.59 -4.59 6.98
CA SER B 17 9.22 -5.82 7.45
C SER B 17 10.74 -5.66 7.49
N PRO B 18 11.33 -6.00 8.64
CA PRO B 18 12.79 -5.90 8.84
C PRO B 18 13.54 -6.94 8.03
N SER B 19 13.28 -6.98 6.73
CA SER B 19 13.95 -7.92 5.84
C SER B 19 14.51 -7.22 4.61
N SER B 20 15.29 -7.96 3.82
CA SER B 20 15.90 -7.39 2.62
C SER B 20 14.84 -6.79 1.71
N PRO B 21 15.30 -6.08 0.66
CA PRO B 21 14.41 -5.44 -0.31
C PRO B 21 13.67 -6.44 -1.19
N GLN B 22 14.16 -7.68 -1.20
CA GLN B 22 13.55 -8.74 -2.00
C GLN B 22 12.12 -9.01 -1.53
N GLN B 23 11.89 -8.86 -0.23
CA GLN B 23 10.57 -9.10 0.34
C GLN B 23 9.51 -8.24 -0.36
N GLN B 24 9.97 -7.18 -1.03
CA GLN B 24 9.06 -6.28 -1.74
C GLN B 24 8.12 -7.07 -2.65
N GLN B 25 8.61 -8.19 -3.16
CA GLN B 25 7.81 -9.04 -4.04
C GLN B 25 6.48 -9.41 -3.40
N GLN B 26 6.48 -9.51 -2.07
CA GLN B 26 5.28 -9.86 -1.33
C GLN B 26 4.29 -8.69 -1.31
N VAL B 27 4.81 -7.50 -1.57
CA VAL B 27 3.97 -6.30 -1.58
C VAL B 27 2.76 -6.48 -2.50
N LEU B 28 3.03 -6.93 -3.73
CA LEU B 28 1.96 -7.15 -4.70
C LEU B 28 0.78 -7.88 -4.07
N ASN B 29 1.07 -8.99 -3.41
CA ASN B 29 0.03 -9.78 -2.75
C ASN B 29 -0.52 -9.05 -1.53
N ILE B 30 0.30 -8.22 -0.92
CA ILE B 30 -0.10 -7.46 0.26
C ILE B 30 -1.15 -6.41 -0.10
N LEU B 31 -0.89 -5.67 -1.17
CA LEU B 31 -1.82 -4.64 -1.63
C LEU B 31 -3.26 -5.15 -1.61
N LYS B 32 -3.52 -6.22 -2.35
CA LYS B 32 -4.84 -6.81 -2.41
C LYS B 32 -5.27 -7.34 -1.06
N SER B 33 -4.30 -7.78 -0.26
CA SER B 33 -4.58 -8.32 1.06
C SER B 33 -4.97 -7.21 2.02
N ASN B 34 -4.80 -5.97 1.59
CA ASN B 34 -5.14 -4.81 2.41
C ASN B 34 -6.31 -4.04 1.80
N PRO B 35 -7.47 -4.13 2.45
CA PRO B 35 -8.70 -3.44 1.99
C PRO B 35 -8.61 -1.93 2.17
N GLN B 36 -9.02 -1.45 3.34
CA GLN B 36 -8.99 -0.03 3.64
C GLN B 36 -7.61 0.56 3.37
N LEU B 37 -6.58 -0.26 3.57
CA LEU B 37 -5.20 0.18 3.35
C LEU B 37 -4.93 0.37 1.85
N MET B 38 -5.63 -0.39 1.02
CA MET B 38 -5.47 -0.29 -0.42
C MET B 38 -5.77 1.13 -0.91
N ALA B 39 -6.79 1.75 -0.32
CA ALA B 39 -7.17 3.10 -0.70
C ALA B 39 -6.00 4.07 -0.55
N ALA B 40 -5.38 4.05 0.63
CA ALA B 40 -4.24 4.93 0.90
C ALA B 40 -3.04 4.56 0.04
N PHE B 41 -2.65 3.28 0.09
CA PHE B 41 -1.51 2.80 -0.69
C PHE B 41 -1.64 3.20 -2.15
N ILE B 42 -2.82 2.96 -2.72
CA ILE B 42 -3.08 3.31 -4.12
C ILE B 42 -2.52 4.68 -4.46
N LYS B 43 -2.57 5.59 -3.49
CA LYS B 43 -2.05 6.94 -3.68
C LYS B 43 -0.63 6.92 -4.24
N GLN B 44 0.19 6.04 -3.69
CA GLN B 44 1.58 5.91 -4.12
C GLN B 44 1.70 4.97 -5.31
N ARG B 45 1.32 3.71 -5.09
CA ARG B 45 1.38 2.70 -6.14
C ARG B 45 0.57 3.13 -7.36
N ALA B 46 -0.75 3.18 -7.21
CA ALA B 46 -1.63 3.58 -8.30
C ALA B 46 -1.12 4.84 -8.98
N ALA B 47 -0.41 5.68 -8.23
CA ALA B 47 0.13 6.91 -8.77
C ALA B 47 0.95 6.65 -10.03
N LYS B 48 1.43 5.42 -10.17
CA LYS B 48 2.23 5.03 -11.33
C LYS B 48 1.50 5.40 -12.62
N TYR B 49 0.19 5.52 -12.55
CA TYR B 49 -0.62 5.86 -13.72
C TYR B 49 -1.43 7.14 -13.47
N GLN B 50 -0.85 8.04 -12.68
CA GLN B 50 -1.52 9.30 -12.35
C GLN B 50 -0.67 10.49 -12.81
N GLY A 1 -19.95 8.05 11.09
CA GLY A 1 -19.88 9.36 11.71
C GLY A 1 -18.72 9.48 12.68
N SER A 2 -17.53 9.03 12.25
CA SER A 2 -16.35 9.08 13.09
C SER A 2 -15.14 9.56 12.29
N GLU A 3 -14.92 8.93 11.13
CA GLU A 3 -13.80 9.29 10.28
C GLU A 3 -12.47 8.94 10.94
N SER A 4 -11.37 9.37 10.33
CA SER A 4 -10.04 9.10 10.86
C SER A 4 -9.04 10.14 10.37
N GLN A 5 -8.00 10.37 11.16
CA GLN A 5 -6.97 11.34 10.80
C GLN A 5 -5.60 10.67 10.69
N ASN A 6 -5.38 9.64 11.50
CA ASN A 6 -4.12 8.91 11.48
C ASN A 6 -4.36 7.41 11.63
N ASP A 7 -5.28 6.87 10.82
CA ASP A 7 -5.59 5.45 10.86
C ASP A 7 -4.54 4.63 10.11
N GLU A 8 -4.87 3.38 9.82
CA GLU A 8 -3.95 2.49 9.11
C GLU A 8 -3.41 3.17 7.84
N LYS A 9 -4.29 3.91 7.16
CA LYS A 9 -3.90 4.61 5.94
C LYS A 9 -2.72 5.55 6.19
N ALA A 10 -2.66 6.08 7.41
CA ALA A 10 -1.58 6.99 7.77
C ALA A 10 -0.33 6.22 8.20
N LEU A 11 -0.53 5.00 8.67
CA LEU A 11 0.58 4.16 9.11
C LEU A 11 1.58 3.93 7.97
N LEU A 12 1.08 3.40 6.86
CA LEU A 12 1.92 3.14 5.70
C LEU A 12 2.15 4.41 4.89
N ASP A 13 1.26 5.39 5.07
CA ASP A 13 1.36 6.66 4.35
C ASP A 13 2.79 7.20 4.41
N GLN A 14 3.45 6.97 5.54
CA GLN A 14 4.82 7.45 5.72
C GLN A 14 5.80 6.60 4.92
N LEU A 15 5.95 5.33 5.30
CA LEU A 15 6.85 4.42 4.61
C LEU A 15 6.60 4.44 3.12
N ASP A 16 5.35 4.65 2.73
CA ASP A 16 4.97 4.69 1.33
C ASP A 16 5.89 5.62 0.54
N SER A 17 6.44 6.61 1.23
CA SER A 17 7.34 7.58 0.60
C SER A 17 8.42 6.87 -0.21
N LEU A 18 8.84 5.71 0.27
CA LEU A 18 9.87 4.93 -0.41
C LEU A 18 9.44 4.58 -1.83
N LEU A 19 8.16 4.27 -1.99
CA LEU A 19 7.62 3.92 -3.30
C LEU A 19 7.93 5.02 -4.32
N SER A 20 8.07 6.24 -3.84
CA SER A 20 8.35 7.37 -4.72
C SER A 20 9.75 7.25 -5.32
N SER A 21 10.66 6.65 -4.56
CA SER A 21 12.04 6.47 -5.02
C SER A 21 12.22 5.11 -5.67
N THR A 22 11.20 4.67 -6.40
CA THR A 22 11.24 3.38 -7.09
C THR A 22 11.13 3.56 -8.60
N ASP A 23 11.81 2.68 -9.34
CA ASP A 23 11.78 2.75 -10.80
C ASP A 23 10.35 2.79 -11.31
N GLU A 24 10.11 3.64 -12.31
CA GLU A 24 8.77 3.77 -12.89
C GLU A 24 8.35 2.48 -13.59
N MET A 25 9.32 1.78 -14.16
CA MET A 25 9.05 0.52 -14.85
C MET A 25 8.68 -0.57 -13.86
N GLU A 26 9.53 -0.77 -12.86
CA GLU A 26 9.29 -1.79 -11.85
C GLU A 26 7.92 -1.62 -11.21
N LEU A 27 7.58 -0.37 -10.89
CA LEU A 27 6.29 -0.07 -10.27
C LEU A 27 5.14 -0.53 -11.16
N ALA A 28 5.33 -0.44 -12.47
CA ALA A 28 4.31 -0.85 -13.43
C ALA A 28 4.09 -2.36 -13.38
N GLU A 29 5.17 -3.10 -13.14
CA GLU A 29 5.09 -4.55 -13.07
C GLU A 29 4.23 -5.00 -11.89
N ILE A 30 4.42 -4.33 -10.75
CA ILE A 30 3.67 -4.66 -9.55
C ILE A 30 2.23 -4.16 -9.64
N ASP A 31 2.06 -2.98 -10.23
CA ASP A 31 0.73 -2.39 -10.39
C ASP A 31 -0.11 -3.20 -11.37
N ARG A 32 0.41 -3.39 -12.57
CA ARG A 32 -0.29 -4.15 -13.60
C ARG A 32 -0.46 -5.60 -13.18
N ALA A 33 0.41 -6.07 -12.29
CA ALA A 33 0.36 -7.44 -11.82
C ALA A 33 -0.99 -7.75 -11.19
N LEU A 34 -1.46 -6.87 -10.32
CA LEU A 34 -2.75 -7.05 -9.65
C LEU A 34 -3.83 -6.22 -10.32
N GLY A 35 -3.41 -5.25 -11.12
CA GLY A 35 -4.36 -4.39 -11.81
C GLY A 35 -5.10 -3.46 -10.87
N ILE A 36 -4.37 -2.53 -10.26
CA ILE A 36 -4.98 -1.58 -9.33
C ILE A 36 -5.88 -0.60 -10.06
N ASP A 37 -5.93 -0.71 -11.39
CA ASP A 37 -6.75 0.17 -12.20
C ASP A 37 -8.22 0.08 -11.78
N LYS A 38 -8.58 -1.01 -11.11
CA LYS A 38 -9.94 -1.22 -10.66
C LYS A 38 -10.15 -0.62 -9.26
N LEU A 39 -9.17 0.15 -8.80
CA LEU A 39 -9.24 0.77 -7.49
C LEU A 39 -10.32 1.86 -7.46
N VAL A 40 -10.73 2.30 -8.64
CA VAL A 40 -11.76 3.34 -8.75
C VAL A 40 -13.16 2.72 -8.81
N SER A 41 -13.21 1.42 -9.10
CA SER A 41 -14.48 0.72 -9.19
C SER A 41 -14.94 0.25 -7.81
N GLN A 42 -13.99 -0.19 -6.99
CA GLN A 42 -14.30 -0.67 -5.64
C GLN A 42 -13.04 -1.17 -4.95
N GLN A 43 -12.86 -0.74 -3.70
CA GLN A 43 -11.70 -1.14 -2.92
C GLN A 43 -11.91 -2.54 -2.31
N GLY A 44 -13.16 -2.84 -1.97
CA GLY A 44 -13.46 -4.13 -1.38
C GLY A 44 -12.84 -4.31 -0.01
N GLY A 45 -13.37 -3.60 0.98
CA GLY A 45 -12.83 -3.70 2.33
C GLY A 45 -12.76 -5.13 2.82
N GLY B 1 -7.70 9.36 18.28
CA GLY B 1 -8.57 8.27 17.87
C GLY B 1 -8.33 7.85 16.44
N SER B 2 -7.24 7.13 16.21
CA SER B 2 -6.89 6.67 14.88
C SER B 2 -6.04 5.40 14.94
N ILE B 3 -6.33 4.55 15.93
CA ILE B 3 -5.60 3.31 16.11
C ILE B 3 -6.13 2.22 15.17
N PRO B 4 -5.31 1.83 14.19
CA PRO B 4 -5.67 0.80 13.21
C PRO B 4 -5.74 -0.59 13.83
N PRO B 5 -6.43 -1.51 13.16
CA PRO B 5 -6.59 -2.89 13.63
C PRO B 5 -5.29 -3.68 13.55
N ASN B 6 -5.38 -4.99 13.78
CA ASN B 6 -4.21 -5.86 13.73
C ASN B 6 -4.00 -6.42 12.33
N ALA B 7 -5.09 -6.56 11.59
CA ALA B 7 -5.03 -7.09 10.23
C ALA B 7 -4.36 -6.10 9.29
N LEU B 8 -4.87 -4.87 9.27
CA LEU B 8 -4.33 -3.82 8.42
C LEU B 8 -2.83 -3.64 8.67
N GLN B 9 -2.45 -3.64 9.94
CA GLN B 9 -1.05 -3.47 10.32
C GLN B 9 -0.20 -4.63 9.80
N ASP B 10 -0.76 -5.83 9.85
CA ASP B 10 -0.06 -7.02 9.38
C ASP B 10 0.42 -6.83 7.94
N LEU B 11 -0.49 -6.50 7.04
CA LEU B 11 -0.16 -6.29 5.64
C LEU B 11 0.91 -5.22 5.49
N LEU B 12 0.57 -4.00 5.90
CA LEU B 12 1.51 -2.89 5.81
C LEU B 12 2.84 -3.22 6.48
N ARG B 13 2.76 -3.99 7.57
CA ARG B 13 3.97 -4.39 8.29
C ARG B 13 4.94 -5.12 7.38
N THR B 14 4.40 -5.85 6.40
CA THR B 14 5.23 -6.59 5.45
C THR B 14 6.14 -5.66 4.66
N LEU B 15 5.53 -4.74 3.91
CA LEU B 15 6.28 -3.80 3.10
C LEU B 15 6.96 -2.75 3.99
N ARG B 16 6.52 -2.67 5.24
CA ARG B 16 7.09 -1.71 6.18
C ARG B 16 8.33 -2.29 6.86
N SER B 17 8.34 -3.60 7.05
CA SER B 17 9.46 -4.27 7.69
C SER B 17 10.77 -3.97 6.94
N PRO B 18 11.82 -3.66 7.71
CA PRO B 18 13.14 -3.35 7.14
C PRO B 18 13.82 -4.58 6.54
N SER B 19 13.53 -4.83 5.26
CA SER B 19 14.10 -5.98 4.56
C SER B 19 14.73 -5.54 3.24
N SER B 20 15.54 -6.42 2.66
CA SER B 20 16.20 -6.14 1.39
C SER B 20 15.18 -5.73 0.32
N PRO B 21 15.69 -5.25 -0.82
CA PRO B 21 14.85 -4.82 -1.94
C PRO B 21 14.16 -5.98 -2.62
N GLN B 22 14.69 -7.19 -2.43
CA GLN B 22 14.13 -8.38 -3.03
C GLN B 22 12.76 -8.69 -2.43
N GLN B 23 12.66 -8.61 -1.12
CA GLN B 23 11.41 -8.88 -0.42
C GLN B 23 10.27 -8.04 -1.00
N GLN B 24 10.63 -6.96 -1.68
CA GLN B 24 9.64 -6.07 -2.27
C GLN B 24 8.62 -6.85 -3.08
N GLN B 25 9.06 -7.95 -3.68
CA GLN B 25 8.19 -8.79 -4.49
C GLN B 25 6.93 -9.16 -3.72
N GLN B 26 7.09 -9.39 -2.43
CA GLN B 26 5.95 -9.76 -1.58
C GLN B 26 5.06 -8.56 -1.32
N VAL B 27 5.67 -7.37 -1.24
CA VAL B 27 4.92 -6.15 -1.00
C VAL B 27 3.79 -5.98 -2.01
N LEU B 28 4.13 -6.07 -3.30
CA LEU B 28 3.15 -5.93 -4.36
C LEU B 28 1.90 -6.76 -4.06
N ASN B 29 2.11 -8.04 -3.76
CA ASN B 29 1.00 -8.94 -3.46
C ASN B 29 0.27 -8.50 -2.19
N ILE B 30 1.03 -7.93 -1.26
CA ILE B 30 0.46 -7.46 0.00
C ILE B 30 -0.44 -6.25 -0.22
N LEU B 31 -0.03 -5.37 -1.14
CA LEU B 31 -0.79 -4.16 -1.44
C LEU B 31 -2.27 -4.50 -1.63
N LYS B 32 -2.55 -5.47 -2.48
CA LYS B 32 -3.93 -5.88 -2.74
C LYS B 32 -4.59 -6.40 -1.47
N SER B 33 -3.79 -6.98 -0.58
CA SER B 33 -4.31 -7.51 0.67
C SER B 33 -4.67 -6.38 1.64
N ASN B 34 -4.36 -5.16 1.24
CA ASN B 34 -4.66 -3.99 2.07
C ASN B 34 -5.76 -3.13 1.44
N PRO B 35 -6.93 -3.13 2.07
CA PRO B 35 -8.08 -2.36 1.60
C PRO B 35 -7.88 -0.85 1.76
N GLN B 36 -8.22 -0.33 2.92
CA GLN B 36 -8.08 1.09 3.20
C GLN B 36 -6.70 1.58 2.79
N LEU B 37 -5.71 0.70 2.86
CA LEU B 37 -4.34 1.06 2.49
C LEU B 37 -4.19 1.11 0.97
N MET B 38 -4.99 0.31 0.27
CA MET B 38 -4.94 0.28 -1.19
C MET B 38 -5.21 1.66 -1.77
N ALA B 39 -6.28 2.29 -1.32
CA ALA B 39 -6.66 3.62 -1.79
C ALA B 39 -5.53 4.62 -1.58
N ALA B 40 -5.03 4.69 -0.35
CA ALA B 40 -3.94 5.61 -0.03
C ALA B 40 -2.68 5.26 -0.82
N PHE B 41 -2.24 4.01 -0.71
CA PHE B 41 -1.05 3.56 -1.41
C PHE B 41 -1.14 3.88 -2.90
N ILE B 42 -2.30 3.64 -3.48
CA ILE B 42 -2.52 3.91 -4.91
C ILE B 42 -1.92 5.26 -5.30
N LYS B 43 -1.94 6.21 -4.38
CA LYS B 43 -1.40 7.54 -4.63
C LYS B 43 0.06 7.46 -5.07
N GLN B 44 0.84 6.65 -4.36
CA GLN B 44 2.26 6.48 -4.68
C GLN B 44 2.45 5.41 -5.75
N ARG B 45 1.99 4.20 -5.46
CA ARG B 45 2.10 3.09 -6.40
C ARG B 45 1.50 3.46 -7.75
N ALA B 46 0.18 3.54 -7.81
CA ALA B 46 -0.51 3.88 -9.05
C ALA B 46 0.13 5.08 -9.72
N ALA B 47 0.78 5.92 -8.93
CA ALA B 47 1.44 7.12 -9.45
C ALA B 47 2.42 6.75 -10.56
N LYS B 48 2.74 5.47 -10.67
CA LYS B 48 3.67 4.99 -11.69
C LYS B 48 3.24 5.48 -13.07
N TYR B 49 1.97 5.77 -13.22
CA TYR B 49 1.44 6.25 -14.50
C TYR B 49 0.85 7.65 -14.36
N GLN B 50 1.31 8.38 -13.35
CA GLN B 50 0.83 9.73 -13.11
C GLN B 50 1.97 10.74 -13.19
N GLY A 1 -8.92 9.90 5.25
CA GLY A 1 -8.61 10.76 4.12
C GLY A 1 -7.13 11.08 4.03
N SER A 2 -6.84 12.33 3.70
CA SER A 2 -5.45 12.78 3.57
C SER A 2 -4.66 12.46 4.84
N GLU A 3 -4.98 13.15 5.92
CA GLU A 3 -4.31 12.95 7.20
C GLU A 3 -4.82 11.68 7.88
N SER A 4 -6.12 11.41 7.74
CA SER A 4 -6.73 10.24 8.34
C SER A 4 -6.71 10.35 9.87
N GLN A 5 -7.43 9.44 10.52
CA GLN A 5 -7.51 9.44 11.97
C GLN A 5 -6.44 8.54 12.57
N ASN A 6 -5.30 8.44 11.88
CA ASN A 6 -4.20 7.60 12.34
C ASN A 6 -4.59 6.13 12.36
N ASP A 7 -5.42 5.74 11.39
CA ASP A 7 -5.86 4.35 11.30
C ASP A 7 -4.82 3.48 10.61
N GLU A 8 -5.18 2.23 10.33
CA GLU A 8 -4.27 1.30 9.66
C GLU A 8 -3.67 1.93 8.41
N LYS A 9 -4.51 2.60 7.63
CA LYS A 9 -4.06 3.25 6.40
C LYS A 9 -2.99 4.28 6.69
N ALA A 10 -3.07 4.90 7.87
CA ALA A 10 -2.10 5.91 8.27
C ALA A 10 -0.81 5.27 8.78
N LEU A 11 -0.91 4.02 9.23
CA LEU A 11 0.24 3.30 9.74
C LEU A 11 1.35 3.22 8.70
N LEU A 12 1.03 2.63 7.55
CA LEU A 12 1.98 2.50 6.47
C LEU A 12 2.08 3.78 5.65
N ASP A 13 1.07 4.63 5.77
CA ASP A 13 1.04 5.90 5.05
C ASP A 13 2.38 6.61 5.16
N GLN A 14 3.03 6.48 6.31
CA GLN A 14 4.32 7.11 6.54
C GLN A 14 5.43 6.40 5.77
N LEU A 15 5.74 5.18 6.20
CA LEU A 15 6.78 4.39 5.56
C LEU A 15 6.57 4.34 4.05
N ASP A 16 5.31 4.38 3.63
CA ASP A 16 4.97 4.35 2.20
C ASP A 16 5.78 5.38 1.43
N SER A 17 6.17 6.45 2.12
CA SER A 17 6.94 7.52 1.50
C SER A 17 8.12 6.97 0.73
N LEU A 18 8.69 5.87 1.23
CA LEU A 18 9.83 5.24 0.60
C LEU A 18 9.52 4.86 -0.85
N LEU A 19 8.27 4.51 -1.10
CA LEU A 19 7.83 4.13 -2.44
C LEU A 19 8.16 5.23 -3.44
N SER A 20 8.26 6.46 -2.96
CA SER A 20 8.57 7.59 -3.81
C SER A 20 9.98 7.48 -4.39
N SER A 21 10.86 6.81 -3.65
CA SER A 21 12.24 6.63 -4.07
C SER A 21 12.41 5.30 -4.81
N THR A 22 11.39 4.93 -5.58
CA THR A 22 11.43 3.68 -6.34
C THR A 22 11.21 3.94 -7.82
N ASP A 23 11.78 3.08 -8.66
CA ASP A 23 11.64 3.21 -10.10
C ASP A 23 10.18 3.34 -10.50
N GLU A 24 9.89 4.24 -11.44
CA GLU A 24 8.52 4.46 -11.89
C GLU A 24 8.03 3.28 -12.73
N MET A 25 8.96 2.64 -13.43
CA MET A 25 8.62 1.50 -14.27
C MET A 25 8.27 0.28 -13.42
N GLU A 26 9.07 0.02 -12.39
CA GLU A 26 8.85 -1.11 -11.50
C GLU A 26 7.44 -1.05 -10.92
N LEU A 27 7.04 0.11 -10.42
CA LEU A 27 5.72 0.30 -9.83
C LEU A 27 4.63 -0.15 -10.81
N ALA A 28 4.87 0.07 -12.10
CA ALA A 28 3.91 -0.30 -13.13
C ALA A 28 3.70 -1.81 -13.15
N GLU A 29 4.80 -2.55 -13.11
CA GLU A 29 4.73 -4.01 -13.13
C GLU A 29 3.88 -4.54 -11.97
N ILE A 30 4.06 -3.95 -10.80
CA ILE A 30 3.32 -4.35 -9.61
C ILE A 30 1.87 -3.85 -9.68
N ASP A 31 1.69 -2.68 -10.25
CA ASP A 31 0.36 -2.09 -10.38
C ASP A 31 -0.50 -2.88 -11.36
N ARG A 32 0.01 -3.03 -12.59
CA ARG A 32 -0.71 -3.76 -13.62
C ARG A 32 -0.84 -5.24 -13.25
N ALA A 33 0.08 -5.71 -12.42
CA ALA A 33 0.06 -7.11 -11.99
C ALA A 33 -1.26 -7.46 -11.30
N LEU A 34 -1.68 -6.62 -10.37
CA LEU A 34 -2.92 -6.83 -9.64
C LEU A 34 -4.05 -5.99 -10.23
N GLY A 35 -3.68 -4.97 -11.01
CA GLY A 35 -4.67 -4.11 -11.61
C GLY A 35 -5.40 -3.25 -10.60
N ILE A 36 -4.66 -2.37 -9.94
CA ILE A 36 -5.24 -1.49 -8.94
C ILE A 36 -6.18 -0.46 -9.57
N ASP A 37 -6.18 -0.42 -10.90
CA ASP A 37 -7.02 0.51 -11.63
C ASP A 37 -8.50 0.28 -11.31
N LYS A 38 -8.86 -0.98 -11.10
CA LYS A 38 -10.23 -1.34 -10.78
C LYS A 38 -10.43 -1.44 -9.27
N LEU A 39 -9.35 -1.30 -8.52
CA LEU A 39 -9.40 -1.36 -7.06
C LEU A 39 -10.00 -0.08 -6.49
N VAL A 40 -10.05 0.96 -7.29
CA VAL A 40 -10.60 2.24 -6.87
C VAL A 40 -12.10 2.31 -7.12
N SER A 41 -12.61 1.34 -7.87
CA SER A 41 -14.04 1.29 -8.19
C SER A 41 -14.82 0.68 -7.03
N GLN A 42 -14.19 -0.22 -6.30
CA GLN A 42 -14.83 -0.88 -5.17
C GLN A 42 -13.79 -1.49 -4.24
N GLN A 43 -13.79 -1.03 -2.99
CA GLN A 43 -12.84 -1.54 -2.00
C GLN A 43 -13.34 -2.84 -1.39
N GLY A 44 -14.65 -2.97 -1.27
CA GLY A 44 -15.23 -4.18 -0.70
C GLY A 44 -14.79 -5.43 -1.44
N GLY A 45 -15.43 -5.72 -2.57
CA GLY A 45 -15.09 -6.89 -3.35
C GLY A 45 -15.16 -8.16 -2.53
N GLY B 1 -9.73 3.99 18.86
CA GLY B 1 -8.80 4.38 19.89
C GLY B 1 -7.41 4.65 19.33
N SER B 2 -7.36 5.27 18.14
CA SER B 2 -6.08 5.58 17.51
C SER B 2 -5.21 4.34 17.41
N ILE B 3 -5.83 3.20 17.11
CA ILE B 3 -5.10 1.95 16.97
C ILE B 3 -5.83 0.98 16.05
N PRO B 4 -5.19 0.63 14.93
CA PRO B 4 -5.77 -0.29 13.94
C PRO B 4 -5.83 -1.73 14.46
N PRO B 5 -6.56 -2.58 13.74
CA PRO B 5 -6.71 -3.99 14.10
C PRO B 5 -5.43 -4.79 13.92
N ASN B 6 -5.53 -6.10 14.10
CA ASN B 6 -4.36 -6.98 13.96
C ASN B 6 -4.22 -7.46 12.52
N ALA B 7 -5.35 -7.55 11.82
CA ALA B 7 -5.35 -7.99 10.43
C ALA B 7 -4.69 -6.95 9.52
N LEU B 8 -5.17 -5.72 9.59
CA LEU B 8 -4.62 -4.64 8.77
C LEU B 8 -3.13 -4.48 9.00
N GLN B 9 -2.72 -4.59 10.26
CA GLN B 9 -1.30 -4.45 10.62
C GLN B 9 -0.47 -5.56 9.96
N ASP B 10 -1.06 -6.73 9.84
CA ASP B 10 -0.37 -7.86 9.22
C ASP B 10 0.04 -7.54 7.79
N LEU B 11 -0.92 -7.07 7.00
CA LEU B 11 -0.66 -6.71 5.61
C LEU B 11 0.42 -5.63 5.51
N LEU B 12 0.13 -4.45 6.07
CA LEU B 12 1.06 -3.34 6.05
C LEU B 12 2.40 -3.74 6.67
N ARG B 13 2.34 -4.59 7.70
CA ARG B 13 3.54 -5.04 8.38
C ARG B 13 4.57 -5.57 7.39
N THR B 14 4.08 -6.11 6.28
CA THR B 14 4.95 -6.65 5.24
C THR B 14 5.85 -5.57 4.65
N LEU B 15 5.33 -4.35 4.61
CA LEU B 15 6.10 -3.22 4.07
C LEU B 15 7.31 -2.92 4.94
N ARG B 16 7.17 -3.13 6.25
CA ARG B 16 8.26 -2.88 7.18
C ARG B 16 8.85 -4.20 7.69
N SER B 17 8.63 -5.27 6.93
CA SER B 17 9.14 -6.58 7.29
C SER B 17 10.66 -6.59 7.30
N PRO B 18 11.25 -7.07 8.41
CA PRO B 18 12.71 -7.14 8.57
C PRO B 18 13.34 -8.20 7.66
N SER B 19 13.14 -8.05 6.36
CA SER B 19 13.68 -9.00 5.38
C SER B 19 14.44 -8.27 4.28
N SER B 20 15.15 -9.04 3.46
CA SER B 20 15.93 -8.46 2.37
C SER B 20 15.04 -7.62 1.45
N PRO B 21 15.68 -6.92 0.50
CA PRO B 21 14.96 -6.06 -0.45
C PRO B 21 14.15 -6.86 -1.45
N GLN B 22 14.57 -8.10 -1.70
CA GLN B 22 13.87 -8.97 -2.64
C GLN B 22 12.44 -9.25 -2.16
N GLN B 23 12.26 -9.31 -0.84
CA GLN B 23 10.95 -9.57 -0.27
C GLN B 23 9.93 -8.54 -0.76
N GLN B 24 10.41 -7.43 -1.27
CA GLN B 24 9.54 -6.37 -1.78
C GLN B 24 8.47 -6.95 -2.70
N GLN B 25 8.83 -8.00 -3.44
CA GLN B 25 7.90 -8.64 -4.35
C GLN B 25 6.58 -8.97 -3.67
N GLN B 26 6.65 -9.24 -2.36
CA GLN B 26 5.46 -9.57 -1.59
C GLN B 26 4.60 -8.33 -1.37
N VAL B 27 5.24 -7.18 -1.25
CA VAL B 27 4.52 -5.93 -1.04
C VAL B 27 3.44 -5.73 -2.09
N LEU B 28 3.82 -5.86 -3.36
CA LEU B 28 2.89 -5.71 -4.46
C LEU B 28 1.59 -6.46 -4.20
N ASN B 29 1.72 -7.73 -3.84
CA ASN B 29 0.55 -8.56 -3.55
C ASN B 29 -0.14 -8.10 -2.27
N ILE B 30 0.65 -7.56 -1.34
CA ILE B 30 0.11 -7.09 -0.07
C ILE B 30 -0.79 -5.88 -0.28
N LEU B 31 -0.41 -5.01 -1.22
CA LEU B 31 -1.20 -3.81 -1.51
C LEU B 31 -2.68 -4.16 -1.66
N LYS B 32 -2.98 -5.12 -2.52
CA LYS B 32 -4.36 -5.54 -2.74
C LYS B 32 -4.97 -6.12 -1.47
N SER B 33 -4.13 -6.75 -0.64
CA SER B 33 -4.60 -7.34 0.60
C SER B 33 -4.96 -6.26 1.61
N ASN B 34 -4.61 -5.02 1.29
CA ASN B 34 -4.90 -3.89 2.17
C ASN B 34 -5.90 -2.94 1.53
N PRO B 35 -7.10 -2.88 2.11
CA PRO B 35 -8.17 -2.01 1.61
C PRO B 35 -7.88 -0.53 1.85
N GLN B 36 -8.15 -0.05 3.06
CA GLN B 36 -7.92 1.34 3.40
C GLN B 36 -6.51 1.77 2.98
N LEU B 37 -5.57 0.84 3.04
CA LEU B 37 -4.18 1.13 2.68
C LEU B 37 -4.04 1.24 1.17
N MET B 38 -4.86 0.49 0.44
CA MET B 38 -4.82 0.51 -1.02
C MET B 38 -5.07 1.92 -1.55
N ALA B 39 -6.11 2.56 -1.04
CA ALA B 39 -6.45 3.92 -1.46
C ALA B 39 -5.29 4.88 -1.22
N ALA B 40 -4.78 4.88 0.00
CA ALA B 40 -3.68 5.76 0.36
C ALA B 40 -2.41 5.38 -0.41
N PHE B 41 -2.02 4.12 -0.31
CA PHE B 41 -0.82 3.64 -1.00
C PHE B 41 -0.85 4.03 -2.47
N ILE B 42 -1.98 3.79 -3.12
CA ILE B 42 -2.14 4.13 -4.52
C ILE B 42 -1.56 5.51 -4.84
N LYS B 43 -1.63 6.40 -3.86
CA LYS B 43 -1.11 7.76 -4.03
C LYS B 43 0.35 7.73 -4.43
N GLN B 44 1.13 6.88 -3.76
CA GLN B 44 2.56 6.76 -4.05
C GLN B 44 2.80 5.78 -5.20
N ARG B 45 2.38 4.54 -5.00
CA ARG B 45 2.55 3.50 -6.01
C ARG B 45 1.92 3.92 -7.33
N ALA B 46 0.59 3.98 -7.34
CA ALA B 46 -0.14 4.37 -8.54
C ALA B 46 0.45 5.63 -9.17
N ALA B 47 1.09 6.44 -8.34
CA ALA B 47 1.71 7.68 -8.81
C ALA B 47 2.65 7.41 -9.99
N LYS B 48 3.07 6.16 -10.13
CA LYS B 48 3.97 5.76 -11.20
C LYS B 48 3.45 6.26 -12.55
N TYR B 49 2.14 6.47 -12.64
CA TYR B 49 1.52 6.96 -13.87
C TYR B 49 0.82 8.28 -13.64
N GLN B 50 1.37 9.10 -12.76
CA GLN B 50 0.79 10.40 -12.45
C GLN B 50 1.77 11.53 -12.79
N GLY A 1 -18.46 3.00 12.20
CA GLY A 1 -18.33 4.08 11.25
C GLY A 1 -17.06 3.97 10.42
N SER A 2 -16.87 4.91 9.50
CA SER A 2 -15.69 4.91 8.65
C SER A 2 -14.43 5.22 9.45
N GLU A 3 -14.27 6.47 9.85
CA GLU A 3 -13.12 6.89 10.62
C GLU A 3 -11.84 6.81 9.79
N SER A 4 -11.16 7.94 9.63
CA SER A 4 -9.93 7.99 8.85
C SER A 4 -9.07 9.17 9.30
N GLN A 5 -7.93 8.87 9.92
CA GLN A 5 -7.01 9.90 10.38
C GLN A 5 -5.65 9.30 10.73
N ASN A 6 -5.67 8.20 11.47
CA ASN A 6 -4.44 7.53 11.87
C ASN A 6 -4.61 6.02 11.90
N ASP A 7 -5.49 5.52 11.03
CA ASP A 7 -5.75 4.09 10.94
C ASP A 7 -4.68 3.38 10.12
N GLU A 8 -4.94 2.12 9.79
CA GLU A 8 -4.00 1.33 9.00
C GLU A 8 -3.59 2.08 7.73
N LYS A 9 -4.56 2.68 7.06
CA LYS A 9 -4.29 3.42 5.83
C LYS A 9 -3.30 4.56 6.09
N ALA A 10 -3.35 5.12 7.29
CA ALA A 10 -2.45 6.20 7.67
C ALA A 10 -1.12 5.66 8.18
N LEU A 11 -1.14 4.42 8.66
CA LEU A 11 0.06 3.79 9.18
C LEU A 11 1.15 3.71 8.12
N LEU A 12 0.82 3.08 6.99
CA LEU A 12 1.77 2.95 5.89
C LEU A 12 1.77 4.19 5.01
N ASP A 13 0.73 5.00 5.15
CA ASP A 13 0.61 6.23 4.37
C ASP A 13 1.93 7.00 4.38
N GLN A 14 2.64 6.92 5.50
CA GLN A 14 3.92 7.62 5.64
C GLN A 14 5.00 6.95 4.80
N LEU A 15 5.44 5.78 5.24
CA LEU A 15 6.48 5.04 4.53
C LEU A 15 6.12 4.89 3.06
N ASP A 16 4.83 4.81 2.77
CA ASP A 16 4.35 4.67 1.40
C ASP A 16 5.00 5.70 0.49
N SER A 17 5.39 6.83 1.07
CA SER A 17 6.01 7.90 0.30
C SER A 17 7.16 7.37 -0.55
N LEU A 18 7.82 6.33 -0.05
CA LEU A 18 8.93 5.72 -0.76
C LEU A 18 8.52 5.30 -2.17
N LEU A 19 7.23 5.02 -2.34
CA LEU A 19 6.70 4.59 -3.63
C LEU A 19 7.09 5.60 -4.72
N SER A 20 7.10 6.88 -4.36
CA SER A 20 7.45 7.93 -5.31
C SER A 20 8.92 7.84 -5.71
N SER A 21 9.74 7.35 -4.79
CA SER A 21 11.17 7.21 -5.04
C SER A 21 11.51 5.80 -5.50
N THR A 22 10.62 5.21 -6.29
CA THR A 22 10.83 3.86 -6.80
C THR A 22 10.92 3.86 -8.33
N ASP A 23 11.72 2.94 -8.87
CA ASP A 23 11.89 2.83 -10.31
C ASP A 23 10.55 2.70 -11.00
N GLU A 24 10.34 3.51 -12.03
CA GLU A 24 9.09 3.49 -12.78
C GLU A 24 8.82 2.10 -13.35
N MET A 25 9.89 1.35 -13.61
CA MET A 25 9.76 0.00 -14.15
C MET A 25 9.22 -0.95 -13.10
N GLU A 26 9.87 -0.97 -11.93
CA GLU A 26 9.45 -1.85 -10.85
C GLU A 26 8.10 -1.41 -10.29
N LEU A 27 7.87 -0.10 -10.25
CA LEU A 27 6.61 0.44 -9.73
C LEU A 27 5.43 -0.08 -10.53
N ALA A 28 5.52 0.02 -11.85
CA ALA A 28 4.46 -0.44 -12.73
C ALA A 28 4.43 -1.97 -12.80
N GLU A 29 5.58 -2.59 -12.59
CA GLU A 29 5.69 -4.04 -12.63
C GLU A 29 4.69 -4.69 -11.68
N ILE A 30 4.66 -4.21 -10.45
CA ILE A 30 3.75 -4.73 -9.44
C ILE A 30 2.33 -4.21 -9.66
N ASP A 31 2.23 -2.94 -10.03
CA ASP A 31 0.93 -2.32 -10.27
C ASP A 31 0.15 -3.08 -11.34
N ARG A 32 0.76 -3.23 -12.51
CA ARG A 32 0.13 -3.94 -13.62
C ARG A 32 -0.03 -5.42 -13.29
N ALA A 33 0.80 -5.92 -12.38
CA ALA A 33 0.76 -7.31 -11.97
C ALA A 33 -0.64 -7.71 -11.51
N LEU A 34 -1.19 -6.93 -10.58
CA LEU A 34 -2.51 -7.19 -10.03
C LEU A 34 -3.55 -6.25 -10.66
N GLY A 35 -3.07 -5.16 -11.24
CA GLY A 35 -3.97 -4.20 -11.86
C GLY A 35 -4.67 -3.32 -10.85
N ILE A 36 -3.91 -2.72 -9.96
CA ILE A 36 -4.47 -1.85 -8.93
C ILE A 36 -5.13 -0.63 -9.55
N ASP A 37 -4.70 -0.26 -10.74
CA ASP A 37 -5.26 0.88 -11.45
C ASP A 37 -6.68 0.59 -11.92
N LYS A 38 -6.86 -0.53 -12.60
CA LYS A 38 -8.17 -0.93 -13.11
C LYS A 38 -8.84 -1.92 -12.15
N LEU A 39 -8.33 -1.99 -10.93
CA LEU A 39 -8.89 -2.89 -9.93
C LEU A 39 -10.26 -2.40 -9.46
N VAL A 40 -10.28 -1.22 -8.83
CA VAL A 40 -11.52 -0.64 -8.34
C VAL A 40 -11.50 0.87 -8.44
N SER A 41 -10.44 1.41 -9.04
CA SER A 41 -10.29 2.84 -9.20
C SER A 41 -9.90 3.51 -7.88
N GLN A 42 -10.59 3.13 -6.81
CA GLN A 42 -10.32 3.69 -5.49
C GLN A 42 -11.09 2.93 -4.41
N GLN A 43 -10.45 2.71 -3.27
CA GLN A 43 -11.07 2.01 -2.16
C GLN A 43 -11.89 2.96 -1.30
N GLY A 44 -13.19 2.68 -1.18
CA GLY A 44 -14.05 3.53 -0.38
C GLY A 44 -14.59 2.82 0.84
N GLY A 45 -13.85 2.89 1.94
CA GLY A 45 -14.27 2.24 3.17
C GLY A 45 -13.86 0.79 3.23
N GLY B 1 -6.95 9.09 17.62
CA GLY B 1 -8.14 8.28 17.73
C GLY B 1 -8.41 7.46 16.48
N SER B 2 -7.51 6.53 16.17
CA SER B 2 -7.65 5.69 14.99
C SER B 2 -6.68 4.52 15.04
N ILE B 3 -6.73 3.75 16.12
CA ILE B 3 -5.85 2.60 16.29
C ILE B 3 -6.35 1.40 15.49
N PRO B 4 -5.60 1.04 14.45
CA PRO B 4 -5.94 -0.09 13.57
C PRO B 4 -5.79 -1.43 14.28
N PRO B 5 -6.41 -2.48 13.71
CA PRO B 5 -6.35 -3.83 14.26
C PRO B 5 -4.97 -4.46 14.15
N ASN B 6 -4.89 -5.76 14.43
CA ASN B 6 -3.62 -6.47 14.36
C ASN B 6 -3.43 -7.10 12.97
N ALA B 7 -4.54 -7.39 12.31
CA ALA B 7 -4.50 -7.99 10.98
C ALA B 7 -4.01 -7.00 9.94
N LEU B 8 -4.66 -5.84 9.88
CA LEU B 8 -4.29 -4.81 8.93
C LEU B 8 -2.83 -4.41 9.09
N GLN B 9 -2.39 -4.29 10.34
CA GLN B 9 -1.01 -3.91 10.64
C GLN B 9 -0.04 -4.92 10.06
N ASP B 10 -0.45 -6.19 10.04
CA ASP B 10 0.40 -7.26 9.51
C ASP B 10 0.72 -7.02 8.05
N LEU B 11 -0.30 -6.72 7.26
CA LEU B 11 -0.12 -6.47 5.83
C LEU B 11 0.84 -5.30 5.60
N LEU B 12 0.44 -4.12 6.05
CA LEU B 12 1.25 -2.92 5.90
C LEU B 12 2.65 -3.14 6.46
N ARG B 13 2.73 -3.89 7.56
CA ARG B 13 4.01 -4.18 8.20
C ARG B 13 5.00 -4.72 7.19
N THR B 14 4.50 -5.39 6.16
CA THR B 14 5.35 -5.96 5.13
C THR B 14 6.15 -4.88 4.40
N LEU B 15 5.53 -3.72 4.21
CA LEU B 15 6.18 -2.61 3.54
C LEU B 15 7.36 -2.10 4.35
N ARG B 16 7.27 -2.24 5.67
CA ARG B 16 8.33 -1.79 6.56
C ARG B 16 9.00 -2.98 7.25
N SER B 17 8.85 -4.16 6.66
CA SER B 17 9.43 -5.37 7.21
C SER B 17 10.96 -5.29 7.23
N PRO B 18 11.55 -5.59 8.39
CA PRO B 18 13.01 -5.56 8.57
C PRO B 18 13.72 -6.66 7.80
N SER B 19 13.41 -6.77 6.51
CA SER B 19 14.02 -7.80 5.67
C SER B 19 14.58 -7.19 4.39
N SER B 20 15.32 -8.00 3.63
CA SER B 20 15.91 -7.53 2.38
C SER B 20 14.86 -6.92 1.47
N PRO B 21 15.32 -6.30 0.37
CA PRO B 21 14.43 -5.66 -0.61
C PRO B 21 13.61 -6.67 -1.40
N GLN B 22 14.09 -7.91 -1.43
CA GLN B 22 13.39 -8.97 -2.16
C GLN B 22 12.00 -9.20 -1.59
N GLN B 23 11.86 -9.04 -0.28
CA GLN B 23 10.59 -9.24 0.39
C GLN B 23 9.51 -8.33 -0.23
N GLN B 24 9.96 -7.29 -0.92
CA GLN B 24 9.04 -6.35 -1.56
C GLN B 24 7.99 -7.09 -2.38
N GLN B 25 8.36 -8.25 -2.90
CA GLN B 25 7.46 -9.06 -3.71
C GLN B 25 6.15 -9.32 -2.96
N GLN B 26 6.23 -9.39 -1.64
CA GLN B 26 5.06 -9.62 -0.81
C GLN B 26 4.11 -8.43 -0.84
N VAL B 27 4.64 -7.28 -1.23
CA VAL B 27 3.85 -6.05 -1.31
C VAL B 27 2.62 -6.24 -2.18
N LEU B 28 2.84 -6.75 -3.40
CA LEU B 28 1.75 -6.98 -4.33
C LEU B 28 0.57 -7.68 -3.64
N ASN B 29 0.87 -8.78 -2.96
CA ASN B 29 -0.16 -9.53 -2.25
C ASN B 29 -0.72 -8.73 -1.08
N ILE B 30 0.13 -7.89 -0.49
CA ILE B 30 -0.27 -7.06 0.64
C ILE B 30 -1.25 -5.98 0.21
N LEU B 31 -1.00 -5.38 -0.95
CA LEU B 31 -1.86 -4.33 -1.48
C LEU B 31 -3.32 -4.74 -1.41
N LYS B 32 -3.67 -5.82 -2.10
CA LYS B 32 -5.04 -6.31 -2.10
C LYS B 32 -5.47 -6.76 -0.71
N SER B 33 -4.51 -7.22 0.09
CA SER B 33 -4.79 -7.67 1.45
C SER B 33 -5.07 -6.48 2.37
N ASN B 34 -4.83 -5.28 1.86
CA ASN B 34 -5.05 -4.06 2.63
C ASN B 34 -6.16 -3.22 2.01
N PRO B 35 -7.33 -3.19 2.68
CA PRO B 35 -8.48 -2.43 2.21
C PRO B 35 -8.27 -0.92 2.32
N GLN B 36 -8.47 -0.38 3.52
CA GLN B 36 -8.30 1.05 3.75
C GLN B 36 -6.97 1.54 3.20
N LEU B 37 -5.96 0.68 3.27
CA LEU B 37 -4.63 1.01 2.78
C LEU B 37 -4.61 1.06 1.25
N MET B 38 -5.43 0.22 0.63
CA MET B 38 -5.51 0.16 -0.83
C MET B 38 -5.90 1.51 -1.41
N ALA B 39 -6.86 2.17 -0.77
CA ALA B 39 -7.31 3.48 -1.22
C ALA B 39 -6.17 4.49 -1.25
N ALA B 40 -5.47 4.62 -0.13
CA ALA B 40 -4.35 5.54 -0.04
C ALA B 40 -3.19 5.11 -0.93
N PHE B 41 -2.76 3.86 -0.76
CA PHE B 41 -1.66 3.32 -1.56
C PHE B 41 -1.91 3.54 -3.04
N ILE B 42 -3.13 3.25 -3.48
CA ILE B 42 -3.49 3.42 -4.89
C ILE B 42 -2.97 4.75 -5.44
N LYS B 43 -2.94 5.76 -4.58
CA LYS B 43 -2.47 7.09 -4.98
C LYS B 43 -1.07 6.99 -5.59
N GLN B 44 -0.21 6.18 -4.98
CA GLN B 44 1.15 6.02 -5.46
C GLN B 44 1.22 4.93 -6.54
N ARG B 45 0.83 3.72 -6.17
CA ARG B 45 0.84 2.60 -7.11
C ARG B 45 -0.03 2.89 -8.32
N ALA B 46 -1.34 2.92 -8.11
CA ALA B 46 -2.29 3.18 -9.19
C ALA B 46 -1.85 4.39 -10.01
N ALA B 47 -1.08 5.28 -9.38
CA ALA B 47 -0.59 6.48 -10.06
C ALA B 47 0.06 6.13 -11.38
N LYS B 48 0.55 4.89 -11.50
CA LYS B 48 1.20 4.45 -12.72
C LYS B 48 0.27 4.57 -13.92
N TYR B 49 -1.02 4.66 -13.64
CA TYR B 49 -2.02 4.80 -14.70
C TYR B 49 -2.81 6.10 -14.55
N GLN B 50 -2.17 7.10 -13.97
CA GLN B 50 -2.81 8.39 -13.76
C GLN B 50 -2.05 9.49 -14.50
N GLY A 1 0.75 10.38 20.67
CA GLY A 1 0.46 10.77 19.31
C GLY A 1 1.03 9.79 18.29
N SER A 2 2.22 9.26 18.59
CA SER A 2 2.87 8.31 17.70
C SER A 2 1.95 7.14 17.38
N GLU A 3 2.14 6.56 16.19
CA GLU A 3 1.31 5.43 15.77
C GLU A 3 -0.13 5.85 15.57
N SER A 4 -0.90 5.02 14.87
CA SER A 4 -2.30 5.31 14.61
C SER A 4 -2.45 6.56 13.74
N GLN A 5 -2.35 7.72 14.38
CA GLN A 5 -2.48 8.99 13.66
C GLN A 5 -3.93 9.25 13.27
N ASN A 6 -4.45 8.40 12.39
CA ASN A 6 -5.83 8.53 11.92
C ASN A 6 -6.47 7.17 11.70
N ASP A 7 -5.93 6.42 10.74
CA ASP A 7 -6.44 5.09 10.42
C ASP A 7 -5.39 4.26 9.69
N GLU A 8 -5.81 3.11 9.17
CA GLU A 8 -4.91 2.22 8.45
C GLU A 8 -4.13 2.99 7.39
N LYS A 9 -4.83 3.82 6.62
CA LYS A 9 -4.20 4.60 5.57
C LYS A 9 -3.08 5.47 6.14
N ALA A 10 -3.26 5.91 7.39
CA ALA A 10 -2.26 6.75 8.05
C ALA A 10 -1.06 5.92 8.50
N LEU A 11 -1.31 4.65 8.81
CA LEU A 11 -0.25 3.76 9.25
C LEU A 11 0.83 3.62 8.18
N LEU A 12 0.42 3.20 7.00
CA LEU A 12 1.34 3.02 5.88
C LEU A 12 1.67 4.35 5.22
N ASP A 13 0.82 5.35 5.45
CA ASP A 13 1.02 6.68 4.89
C ASP A 13 2.46 7.14 5.10
N GLN A 14 3.01 6.83 6.27
CA GLN A 14 4.37 7.22 6.61
C GLN A 14 5.38 6.42 5.80
N LEU A 15 5.48 5.13 6.10
CA LEU A 15 6.41 4.24 5.40
C LEU A 15 6.25 4.38 3.89
N ASP A 16 5.04 4.69 3.45
CA ASP A 16 4.76 4.86 2.03
C ASP A 16 5.77 5.79 1.38
N SER A 17 6.35 6.68 2.18
CA SER A 17 7.34 7.63 1.68
C SER A 17 8.40 6.92 0.84
N LEU A 18 8.73 5.70 1.23
CA LEU A 18 9.73 4.92 0.51
C LEU A 18 9.32 4.70 -0.94
N LEU A 19 8.02 4.55 -1.17
CA LEU A 19 7.50 4.34 -2.52
C LEU A 19 7.98 5.44 -3.46
N SER A 20 8.23 6.62 -2.91
CA SER A 20 8.69 7.75 -3.70
C SER A 20 10.09 7.48 -4.27
N SER A 21 10.91 6.76 -3.50
CA SER A 21 12.27 6.44 -3.92
C SER A 21 12.31 5.07 -4.59
N THR A 22 11.26 4.74 -5.34
CA THR A 22 11.18 3.46 -6.02
C THR A 22 11.04 3.66 -7.53
N ASP A 23 11.74 2.81 -8.29
CA ASP A 23 11.70 2.90 -9.75
C ASP A 23 10.26 2.93 -10.25
N GLU A 24 10.00 3.78 -11.23
CA GLU A 24 8.65 3.91 -11.80
C GLU A 24 8.30 2.67 -12.62
N MET A 25 9.30 2.06 -13.23
CA MET A 25 9.08 0.87 -14.05
C MET A 25 8.72 -0.33 -13.17
N GLU A 26 9.47 -0.52 -12.09
CA GLU A 26 9.23 -1.62 -11.18
C GLU A 26 7.78 -1.64 -10.71
N LEU A 27 7.29 -0.46 -10.31
CA LEU A 27 5.91 -0.34 -9.84
C LEU A 27 4.91 -0.81 -10.89
N ALA A 28 5.29 -0.65 -12.16
CA ALA A 28 4.44 -1.06 -13.26
C ALA A 28 4.27 -2.58 -13.30
N GLU A 29 5.38 -3.29 -13.13
CA GLU A 29 5.36 -4.75 -13.14
C GLU A 29 4.41 -5.29 -12.07
N ILE A 30 4.43 -4.65 -10.90
CA ILE A 30 3.58 -5.07 -9.79
C ILE A 30 2.14 -4.63 -10.02
N ASP A 31 1.96 -3.47 -10.65
CA ASP A 31 0.63 -2.94 -10.93
C ASP A 31 -0.11 -3.85 -11.90
N ARG A 32 0.48 -4.09 -13.06
CA ARG A 32 -0.14 -4.93 -14.07
C ARG A 32 -0.21 -6.38 -13.60
N ALA A 33 0.69 -6.75 -12.70
CA ALA A 33 0.72 -8.10 -12.15
C ALA A 33 -0.63 -8.48 -11.53
N LEU A 34 -1.14 -7.59 -10.69
CA LEU A 34 -2.42 -7.83 -10.02
C LEU A 34 -3.54 -7.09 -10.73
N GLY A 35 -3.18 -6.10 -11.54
CA GLY A 35 -4.18 -5.34 -12.28
C GLY A 35 -5.01 -4.46 -11.37
N ILE A 36 -4.36 -3.53 -10.69
CA ILE A 36 -5.05 -2.61 -9.79
C ILE A 36 -5.96 -1.65 -10.55
N ASP A 37 -5.83 -1.66 -11.87
CA ASP A 37 -6.64 -0.80 -12.73
C ASP A 37 -8.13 -1.09 -12.54
N LYS A 38 -8.45 -2.37 -12.37
CA LYS A 38 -9.84 -2.78 -12.20
C LYS A 38 -10.16 -2.99 -10.72
N LEU A 39 -9.12 -3.17 -9.92
CA LEU A 39 -9.28 -3.37 -8.48
C LEU A 39 -9.71 -2.08 -7.79
N VAL A 40 -9.51 -0.96 -8.48
CA VAL A 40 -9.88 0.34 -7.94
C VAL A 40 -11.27 0.75 -8.39
N SER A 41 -11.86 -0.02 -9.29
CA SER A 41 -13.19 0.27 -9.81
C SER A 41 -14.26 -0.16 -8.82
N GLN A 42 -13.94 -1.17 -8.02
CA GLN A 42 -14.89 -1.68 -7.03
C GLN A 42 -14.71 -0.96 -5.69
N GLN A 43 -13.65 -1.31 -4.96
CA GLN A 43 -13.37 -0.70 -3.67
C GLN A 43 -12.66 0.63 -3.84
N GLY A 44 -12.53 1.38 -2.75
CA GLY A 44 -11.88 2.67 -2.81
C GLY A 44 -12.18 3.53 -1.60
N GLY A 45 -11.42 3.34 -0.53
CA GLY A 45 -11.63 4.11 0.69
C GLY A 45 -10.41 4.12 1.59
N GLY B 1 -10.05 7.31 19.87
CA GLY B 1 -9.51 6.01 19.54
C GLY B 1 -8.59 6.04 18.34
N SER B 2 -9.17 6.02 17.15
CA SER B 2 -8.38 6.05 15.92
C SER B 2 -7.44 4.85 15.85
N ILE B 3 -7.98 3.70 15.47
CA ILE B 3 -7.18 2.49 15.37
C ILE B 3 -7.80 1.52 14.37
N PRO B 4 -7.09 1.26 13.27
CA PRO B 4 -7.54 0.34 12.22
C PRO B 4 -7.53 -1.12 12.67
N PRO B 5 -8.14 -1.99 11.87
CA PRO B 5 -8.22 -3.42 12.17
C PRO B 5 -6.86 -4.11 12.05
N ASN B 6 -6.59 -5.02 12.99
CA ASN B 6 -5.33 -5.75 12.99
C ASN B 6 -5.08 -6.40 11.63
N ALA B 7 -6.15 -6.65 10.89
CA ALA B 7 -6.04 -7.26 9.56
C ALA B 7 -5.37 -6.31 8.57
N LEU B 8 -5.93 -5.11 8.44
CA LEU B 8 -5.38 -4.12 7.53
C LEU B 8 -3.92 -3.82 7.84
N GLN B 9 -3.60 -3.76 9.13
CA GLN B 9 -2.24 -3.49 9.57
C GLN B 9 -1.29 -4.60 9.14
N ASP B 10 -1.80 -5.83 9.15
CA ASP B 10 -1.01 -6.99 8.76
C ASP B 10 -0.49 -6.84 7.33
N LEU B 11 -1.40 -6.57 6.40
CA LEU B 11 -1.03 -6.40 5.00
C LEU B 11 0.00 -5.29 4.84
N LEU B 12 -0.38 -4.07 5.17
CA LEU B 12 0.51 -2.92 5.05
C LEU B 12 1.81 -3.18 5.83
N ARG B 13 1.68 -3.81 6.99
CA ARG B 13 2.85 -4.12 7.82
C ARG B 13 3.91 -4.84 7.01
N THR B 14 3.49 -5.55 5.97
CA THR B 14 4.41 -6.30 5.13
C THR B 14 5.42 -5.37 4.46
N LEU B 15 4.91 -4.39 3.73
CA LEU B 15 5.77 -3.42 3.04
C LEU B 15 6.55 -2.57 4.04
N ARG B 16 6.08 -2.55 5.28
CA ARG B 16 6.74 -1.78 6.33
C ARG B 16 7.86 -2.58 6.98
N SER B 17 7.67 -3.91 7.04
CA SER B 17 8.66 -4.79 7.64
C SER B 17 10.05 -4.50 7.10
N PRO B 18 11.01 -4.27 8.01
CA PRO B 18 12.39 -3.97 7.64
C PRO B 18 13.11 -5.18 7.06
N SER B 19 12.84 -5.47 5.79
CA SER B 19 13.45 -6.60 5.11
C SER B 19 14.07 -6.17 3.78
N SER B 20 14.91 -7.04 3.21
CA SER B 20 15.57 -6.75 1.95
C SER B 20 14.55 -6.38 0.88
N PRO B 21 15.06 -5.90 -0.27
CA PRO B 21 14.21 -5.51 -1.40
C PRO B 21 13.54 -6.70 -2.07
N GLN B 22 14.05 -7.90 -1.79
CA GLN B 22 13.51 -9.12 -2.36
C GLN B 22 12.09 -9.39 -1.83
N GLN B 23 11.96 -9.38 -0.51
CA GLN B 23 10.68 -9.63 0.13
C GLN B 23 9.61 -8.70 -0.42
N GLN B 24 10.04 -7.57 -0.99
CA GLN B 24 9.12 -6.60 -1.55
C GLN B 24 8.13 -7.26 -2.51
N GLN B 25 8.59 -8.32 -3.18
CA GLN B 25 7.74 -9.03 -4.13
C GLN B 25 6.41 -9.41 -3.49
N GLN B 26 6.43 -9.65 -2.18
CA GLN B 26 5.22 -10.02 -1.45
C GLN B 26 4.28 -8.82 -1.33
N VAL B 27 4.85 -7.63 -1.21
CA VAL B 27 4.06 -6.41 -1.09
C VAL B 27 3.06 -6.29 -2.23
N LEU B 28 3.55 -6.42 -3.46
CA LEU B 28 2.70 -6.33 -4.64
C LEU B 28 1.43 -7.16 -4.46
N ASN B 29 1.59 -8.43 -4.09
CA ASN B 29 0.46 -9.33 -3.89
C ASN B 29 -0.36 -8.89 -2.68
N ILE B 30 0.31 -8.30 -1.70
CA ILE B 30 -0.36 -7.83 -0.49
C ILE B 30 -1.31 -6.68 -0.80
N LEU B 31 -0.93 -5.86 -1.77
CA LEU B 31 -1.76 -4.71 -2.16
C LEU B 31 -3.22 -5.12 -2.32
N LYS B 32 -3.46 -6.14 -3.13
CA LYS B 32 -4.81 -6.64 -3.36
C LYS B 32 -5.43 -7.17 -2.07
N SER B 33 -4.59 -7.69 -1.19
CA SER B 33 -5.05 -8.24 0.08
C SER B 33 -5.47 -7.11 1.04
N ASN B 34 -5.31 -5.88 0.58
CA ASN B 34 -5.68 -4.72 1.39
C ASN B 34 -6.83 -3.95 0.75
N PRO B 35 -7.98 -3.94 1.43
CA PRO B 35 -9.18 -3.25 0.96
C PRO B 35 -9.03 -1.73 0.99
N GLN B 36 -9.49 -1.12 2.09
CA GLN B 36 -9.40 0.33 2.24
C GLN B 36 -7.97 0.81 2.06
N LEU B 37 -7.02 -0.08 2.30
CA LEU B 37 -5.60 0.25 2.16
C LEU B 37 -5.21 0.34 0.69
N MET B 38 -5.89 -0.43 -0.14
CA MET B 38 -5.61 -0.44 -1.58
C MET B 38 -5.75 0.96 -2.17
N ALA B 39 -6.84 1.64 -1.81
CA ALA B 39 -7.10 2.99 -2.31
C ALA B 39 -5.95 3.93 -1.94
N ALA B 40 -5.52 3.89 -0.68
CA ALA B 40 -4.44 4.73 -0.21
C ALA B 40 -3.12 4.36 -0.88
N PHE B 41 -2.77 3.08 -0.81
CA PHE B 41 -1.54 2.60 -1.41
C PHE B 41 -1.44 3.01 -2.87
N ILE B 42 -2.51 2.77 -3.62
CA ILE B 42 -2.54 3.13 -5.03
C ILE B 42 -1.98 4.52 -5.27
N LYS B 43 -2.18 5.41 -4.30
CA LYS B 43 -1.69 6.77 -4.39
C LYS B 43 -0.20 6.80 -4.66
N GLN B 44 0.55 5.98 -3.92
CA GLN B 44 2.00 5.91 -4.08
C GLN B 44 2.37 4.97 -5.21
N ARG B 45 1.93 3.72 -5.12
CA ARG B 45 2.22 2.72 -6.14
C ARG B 45 1.73 3.18 -7.51
N ALA B 46 0.41 3.22 -7.67
CA ALA B 46 -0.19 3.64 -8.93
C ALA B 46 0.45 4.93 -9.44
N ALA B 47 0.97 5.73 -8.52
CA ALA B 47 1.62 6.99 -8.88
C ALA B 47 2.68 6.77 -9.96
N LYS B 48 3.16 5.53 -10.07
CA LYS B 48 4.18 5.19 -11.04
C LYS B 48 3.74 5.57 -12.45
N TYR B 49 2.43 5.76 -12.62
CA TYR B 49 1.87 6.13 -13.91
C TYR B 49 1.17 7.48 -13.85
N GLN B 50 1.61 8.33 -12.92
CA GLN B 50 1.02 9.64 -12.74
C GLN B 50 2.06 10.74 -12.97
N GLY A 1 -1.87 12.60 6.21
CA GLY A 1 -0.76 12.05 6.95
C GLY A 1 -1.02 11.98 8.44
N SER A 2 -0.87 13.11 9.12
CA SER A 2 -1.09 13.18 10.56
C SER A 2 -0.12 12.28 11.30
N GLU A 3 0.04 12.53 12.60
CA GLU A 3 0.95 11.74 13.43
C GLU A 3 0.33 10.39 13.79
N SER A 4 -0.02 9.62 12.76
CA SER A 4 -0.63 8.31 12.96
C SER A 4 -1.79 8.39 13.94
N GLN A 5 -2.25 7.24 14.42
CA GLN A 5 -3.36 7.18 15.35
C GLN A 5 -4.64 7.68 14.72
N ASN A 6 -5.01 7.08 13.59
CA ASN A 6 -6.21 7.46 12.87
C ASN A 6 -6.94 6.23 12.32
N ASP A 7 -6.39 5.66 11.26
CA ASP A 7 -6.98 4.48 10.64
C ASP A 7 -5.92 3.70 9.85
N GLU A 8 -6.25 2.46 9.50
CA GLU A 8 -5.35 1.61 8.75
C GLU A 8 -4.82 2.32 7.50
N LYS A 9 -5.74 2.87 6.72
CA LYS A 9 -5.38 3.59 5.50
C LYS A 9 -4.43 4.74 5.82
N ALA A 10 -4.58 5.33 7.00
CA ALA A 10 -3.74 6.43 7.42
C ALA A 10 -2.42 5.93 8.01
N LEU A 11 -2.41 4.69 8.48
CA LEU A 11 -1.23 4.09 9.06
C LEU A 11 -0.07 4.10 8.08
N LEU A 12 -0.29 3.46 6.93
CA LEU A 12 0.75 3.39 5.89
C LEU A 12 0.75 4.66 5.04
N ASP A 13 -0.34 5.42 5.10
CA ASP A 13 -0.45 6.65 4.35
C ASP A 13 0.82 7.49 4.48
N GLN A 14 1.40 7.48 5.68
CA GLN A 14 2.61 8.24 5.94
C GLN A 14 3.81 7.61 5.24
N LEU A 15 4.21 6.43 5.71
CA LEU A 15 5.33 5.72 5.12
C LEU A 15 5.21 5.63 3.60
N ASP A 16 3.96 5.55 3.13
CA ASP A 16 3.70 5.45 1.70
C ASP A 16 4.43 6.56 0.94
N SER A 17 4.68 7.67 1.62
CA SER A 17 5.36 8.81 1.01
C SER A 17 6.64 8.35 0.30
N LEU A 18 7.30 7.34 0.87
CA LEU A 18 8.53 6.82 0.30
C LEU A 18 8.30 6.33 -1.12
N LEU A 19 7.11 5.80 -1.38
CA LEU A 19 6.76 5.29 -2.71
C LEU A 19 6.99 6.36 -3.77
N SER A 20 6.97 7.63 -3.35
CA SER A 20 7.17 8.74 -4.27
C SER A 20 8.58 8.71 -4.85
N SER A 21 9.53 8.20 -4.07
CA SER A 21 10.91 8.13 -4.51
C SER A 21 11.24 6.74 -5.06
N THR A 22 10.27 6.15 -5.76
CA THR A 22 10.44 4.83 -6.33
C THR A 22 10.35 4.88 -7.86
N ASP A 23 11.12 4.00 -8.51
CA ASP A 23 11.13 3.95 -9.97
C ASP A 23 9.72 3.84 -10.52
N GLU A 24 9.44 4.60 -11.57
CA GLU A 24 8.11 4.58 -12.19
C GLU A 24 7.90 3.29 -12.97
N MET A 25 8.98 2.73 -13.49
CA MET A 25 8.90 1.49 -14.26
C MET A 25 8.60 0.31 -13.34
N GLU A 26 9.37 0.17 -12.27
CA GLU A 26 9.19 -0.92 -11.32
C GLU A 26 7.75 -0.94 -10.81
N LEU A 27 7.23 0.23 -10.49
CA LEU A 27 5.86 0.35 -9.98
C LEU A 27 4.86 -0.24 -10.98
N ALA A 28 5.12 -0.04 -12.27
CA ALA A 28 4.25 -0.56 -13.32
C ALA A 28 4.19 -2.08 -13.28
N GLU A 29 5.33 -2.71 -13.03
CA GLU A 29 5.40 -4.16 -12.97
C GLU A 29 4.52 -4.71 -11.86
N ILE A 30 4.56 -4.05 -10.71
CA ILE A 30 3.76 -4.46 -9.56
C ILE A 30 2.29 -4.09 -9.75
N ASP A 31 2.05 -2.99 -10.44
CA ASP A 31 0.69 -2.53 -10.69
C ASP A 31 -0.01 -3.43 -11.71
N ARG A 32 0.61 -3.58 -12.88
CA ARG A 32 0.05 -4.41 -13.93
C ARG A 32 -0.06 -5.87 -13.48
N ALA A 33 0.77 -6.24 -12.50
CA ALA A 33 0.77 -7.60 -11.98
C ALA A 33 -0.60 -7.97 -11.41
N LEU A 34 -1.16 -7.08 -10.60
CA LEU A 34 -2.46 -7.31 -9.99
C LEU A 34 -3.56 -6.59 -10.76
N GLY A 35 -3.16 -5.62 -11.57
CA GLY A 35 -4.13 -4.86 -12.35
C GLY A 35 -5.02 -3.99 -11.49
N ILE A 36 -4.42 -3.00 -10.82
CA ILE A 36 -5.17 -2.10 -9.96
C ILE A 36 -6.09 -1.19 -10.78
N ASP A 37 -5.94 -1.25 -12.09
CA ASP A 37 -6.76 -0.43 -12.98
C ASP A 37 -8.24 -0.72 -12.77
N LYS A 38 -8.59 -2.00 -12.69
CA LYS A 38 -9.97 -2.41 -12.50
C LYS A 38 -10.26 -2.67 -11.01
N LEU A 39 -9.19 -2.81 -10.23
CA LEU A 39 -9.33 -3.07 -8.80
C LEU A 39 -9.79 -1.81 -8.07
N VAL A 40 -9.72 -0.66 -8.76
CA VAL A 40 -10.14 0.60 -8.17
C VAL A 40 -11.61 0.87 -8.45
N SER A 41 -12.22 0.04 -9.27
CA SER A 41 -13.62 0.18 -9.62
C SER A 41 -14.53 -0.35 -8.51
N GLN A 42 -13.99 -1.28 -7.73
CA GLN A 42 -14.74 -1.87 -6.63
C GLN A 42 -13.80 -2.52 -5.61
N GLN A 43 -13.95 -2.14 -4.34
CA GLN A 43 -13.11 -2.69 -3.28
C GLN A 43 -13.62 -4.06 -2.83
N GLY A 44 -14.69 -4.07 -2.06
CA GLY A 44 -15.26 -5.31 -1.59
C GLY A 44 -14.29 -6.10 -0.74
N GLY A 45 -14.21 -5.75 0.55
CA GLY A 45 -13.31 -6.44 1.44
C GLY A 45 -13.58 -6.14 2.90
N GLY B 1 -8.62 6.23 21.41
CA GLY B 1 -9.45 6.28 20.22
C GLY B 1 -8.66 6.17 18.94
N SER B 2 -9.36 6.04 17.81
CA SER B 2 -8.71 5.90 16.52
C SER B 2 -7.69 4.77 16.52
N ILE B 3 -8.16 3.57 16.20
CA ILE B 3 -7.29 2.40 16.16
C ILE B 3 -7.84 1.34 15.21
N PRO B 4 -7.08 1.06 14.14
CA PRO B 4 -7.47 0.08 13.13
C PRO B 4 -7.39 -1.35 13.68
N PRO B 5 -7.94 -2.31 12.91
CA PRO B 5 -7.96 -3.72 13.28
C PRO B 5 -6.57 -4.35 13.22
N ASN B 6 -6.50 -5.65 13.43
CA ASN B 6 -5.23 -6.37 13.41
C ASN B 6 -4.95 -6.92 12.02
N ALA B 7 -6.01 -7.14 11.24
CA ALA B 7 -5.87 -7.67 9.89
C ALA B 7 -5.28 -6.62 8.96
N LEU B 8 -5.88 -5.43 8.94
CA LEU B 8 -5.41 -4.35 8.08
C LEU B 8 -3.95 -4.01 8.39
N GLN B 9 -3.61 -3.98 9.67
CA GLN B 9 -2.24 -3.69 10.09
C GLN B 9 -1.27 -4.71 9.53
N ASP B 10 -1.72 -5.96 9.40
CA ASP B 10 -0.88 -7.03 8.88
C ASP B 10 -0.40 -6.70 7.47
N LEU B 11 -1.34 -6.35 6.60
CA LEU B 11 -1.03 -6.01 5.22
C LEU B 11 -0.06 -4.83 5.15
N LEU B 12 -0.50 -3.69 5.65
CA LEU B 12 0.33 -2.48 5.65
C LEU B 12 1.65 -2.73 6.36
N ARG B 13 1.60 -3.53 7.43
CA ARG B 13 2.79 -3.85 8.19
C ARG B 13 3.92 -4.32 7.28
N THR B 14 3.55 -4.92 6.16
CA THR B 14 4.54 -5.42 5.20
C THR B 14 5.40 -4.28 4.66
N LEU B 15 4.80 -3.11 4.51
CA LEU B 15 5.52 -1.95 4.00
C LEU B 15 6.60 -1.50 4.98
N ARG B 16 6.35 -1.71 6.27
CA ARG B 16 7.30 -1.33 7.30
C ARG B 16 7.92 -2.57 7.94
N SER B 17 7.86 -3.69 7.23
CA SER B 17 8.42 -4.94 7.74
C SER B 17 9.93 -4.84 7.92
N PRO B 18 10.40 -5.21 9.12
CA PRO B 18 11.83 -5.17 9.45
C PRO B 18 12.62 -6.21 8.70
N SER B 19 12.55 -6.18 7.37
CA SER B 19 13.28 -7.12 6.53
C SER B 19 14.06 -6.40 5.44
N SER B 20 14.90 -7.15 4.73
CA SER B 20 15.71 -6.58 3.66
C SER B 20 14.84 -5.82 2.66
N PRO B 21 15.49 -5.13 1.72
CA PRO B 21 14.80 -4.35 0.69
C PRO B 21 14.10 -5.24 -0.33
N GLN B 22 14.54 -6.49 -0.43
CA GLN B 22 13.94 -7.45 -1.35
C GLN B 22 12.51 -7.78 -0.95
N GLN B 23 12.22 -7.66 0.34
CA GLN B 23 10.88 -7.95 0.84
C GLN B 23 9.83 -7.13 0.13
N GLN B 24 10.27 -6.05 -0.51
CA GLN B 24 9.37 -5.16 -1.24
C GLN B 24 8.45 -5.96 -2.16
N GLN B 25 8.97 -7.05 -2.71
CA GLN B 25 8.19 -7.91 -3.60
C GLN B 25 6.86 -8.30 -2.96
N GLN B 26 6.87 -8.44 -1.63
CA GLN B 26 5.66 -8.81 -0.90
C GLN B 26 4.67 -7.66 -0.86
N VAL B 27 5.19 -6.44 -0.83
CA VAL B 27 4.35 -5.24 -0.79
C VAL B 27 3.32 -5.27 -1.90
N LEU B 28 3.79 -5.45 -3.14
CA LEU B 28 2.90 -5.49 -4.30
C LEU B 28 1.69 -6.38 -4.03
N ASN B 29 1.95 -7.59 -3.53
CA ASN B 29 0.88 -8.53 -3.23
C ASN B 29 0.02 -8.04 -2.07
N ILE B 30 0.66 -7.34 -1.12
CA ILE B 30 -0.04 -6.81 0.03
C ILE B 30 -0.97 -5.66 -0.37
N LEU B 31 -0.55 -4.88 -1.35
CA LEU B 31 -1.34 -3.76 -1.83
C LEU B 31 -2.79 -4.17 -2.06
N LYS B 32 -2.99 -5.16 -2.92
CA LYS B 32 -4.32 -5.66 -3.24
C LYS B 32 -4.99 -6.21 -1.99
N SER B 33 -4.20 -6.72 -1.06
CA SER B 33 -4.72 -7.29 0.18
C SER B 33 -5.21 -6.18 1.11
N ASN B 34 -4.96 -4.94 0.73
CA ASN B 34 -5.38 -3.78 1.53
C ASN B 34 -6.44 -2.97 0.80
N PRO B 35 -7.66 -2.95 1.34
CA PRO B 35 -8.78 -2.21 0.76
C PRO B 35 -8.61 -0.70 0.88
N GLN B 36 -8.97 -0.15 2.04
CA GLN B 36 -8.85 1.28 2.27
C GLN B 36 -7.47 1.78 1.89
N LEU B 37 -6.46 0.93 2.05
CA LEU B 37 -5.09 1.29 1.73
C LEU B 37 -4.87 1.26 0.22
N MET B 38 -5.60 0.40 -0.48
CA MET B 38 -5.49 0.28 -1.93
C MET B 38 -5.80 1.62 -2.60
N ALA B 39 -6.91 2.22 -2.21
CA ALA B 39 -7.32 3.51 -2.78
C ALA B 39 -6.25 4.57 -2.55
N ALA B 40 -5.83 4.71 -1.29
CA ALA B 40 -4.81 5.70 -0.94
C ALA B 40 -3.48 5.39 -1.63
N PHE B 41 -2.99 4.17 -1.42
CA PHE B 41 -1.73 3.75 -2.02
C PHE B 41 -1.71 4.04 -3.52
N ILE B 42 -2.79 3.66 -4.19
CA ILE B 42 -2.91 3.89 -5.63
C ILE B 42 -2.41 5.27 -6.02
N LYS B 43 -2.59 6.24 -5.11
CA LYS B 43 -2.16 7.60 -5.35
C LYS B 43 -0.67 7.66 -5.63
N GLN B 44 0.11 6.94 -4.83
CA GLN B 44 1.56 6.92 -4.99
C GLN B 44 1.97 5.87 -6.02
N ARG B 45 1.63 4.61 -5.74
CA ARG B 45 1.97 3.51 -6.64
C ARG B 45 1.43 3.78 -8.04
N ALA B 46 0.10 3.68 -8.19
CA ALA B 46 -0.55 3.90 -9.47
C ALA B 46 0.00 5.16 -10.15
N ALA B 47 0.47 6.10 -9.34
CA ALA B 47 1.02 7.34 -9.86
C ALA B 47 2.06 7.09 -10.94
N LYS B 48 2.63 5.88 -10.92
CA LYS B 48 3.64 5.50 -11.91
C LYS B 48 3.15 5.79 -13.33
N TYR B 49 1.84 5.83 -13.50
CA TYR B 49 1.24 6.09 -14.81
C TYR B 49 0.37 7.34 -14.76
N GLN B 50 0.77 8.31 -13.96
CA GLN B 50 0.02 9.55 -13.82
C GLN B 50 0.86 10.75 -14.23
N GLY A 1 -1.26 10.90 6.21
CA GLY A 1 -0.33 11.77 5.50
C GLY A 1 1.01 11.86 6.19
N SER A 2 1.02 12.33 7.43
CA SER A 2 2.26 12.48 8.19
C SER A 2 1.99 12.35 9.69
N GLU A 3 0.91 12.97 10.15
CA GLU A 3 0.55 12.93 11.55
C GLU A 3 -0.09 11.59 11.91
N SER A 4 -0.84 11.02 10.97
CA SER A 4 -1.50 9.74 11.18
C SER A 4 -2.61 9.88 12.23
N GLN A 5 -3.80 9.41 11.88
CA GLN A 5 -4.95 9.47 12.79
C GLN A 5 -5.09 8.18 13.57
N ASN A 6 -3.96 7.52 13.83
CA ASN A 6 -3.97 6.25 14.57
C ASN A 6 -4.87 5.23 13.89
N ASP A 7 -4.45 4.78 12.72
CA ASP A 7 -5.22 3.78 11.97
C ASP A 7 -4.32 3.00 11.03
N GLU A 8 -4.83 1.87 10.54
CA GLU A 8 -4.06 1.02 9.63
C GLU A 8 -3.58 1.81 8.42
N LYS A 9 -4.50 2.53 7.79
CA LYS A 9 -4.17 3.35 6.62
C LYS A 9 -3.04 4.33 6.93
N ALA A 10 -2.99 4.77 8.18
CA ALA A 10 -1.97 5.72 8.62
C ALA A 10 -0.70 4.99 9.05
N LEU A 11 -0.84 3.72 9.41
CA LEU A 11 0.29 2.91 9.84
C LEU A 11 1.35 2.83 8.75
N LEU A 12 0.95 2.35 7.58
CA LEU A 12 1.87 2.22 6.45
C LEU A 12 2.01 3.55 5.71
N ASP A 13 1.06 4.46 5.94
CA ASP A 13 1.09 5.77 5.31
C ASP A 13 2.48 6.39 5.39
N GLN A 14 3.13 6.21 6.54
CA GLN A 14 4.46 6.75 6.74
C GLN A 14 5.50 6.01 5.90
N LEU A 15 5.71 4.74 6.23
CA LEU A 15 6.67 3.91 5.51
C LEU A 15 6.43 3.99 4.00
N ASP A 16 5.16 4.17 3.62
CA ASP A 16 4.80 4.25 2.21
C ASP A 16 5.66 5.29 1.50
N SER A 17 6.16 6.26 2.25
CA SER A 17 7.00 7.31 1.69
C SER A 17 8.10 6.72 0.80
N LEU A 18 8.58 5.54 1.19
CA LEU A 18 9.64 4.87 0.43
C LEU A 18 9.22 4.65 -1.02
N LEU A 19 7.92 4.43 -1.22
CA LEU A 19 7.37 4.21 -2.56
C LEU A 19 7.79 5.32 -3.51
N SER A 20 7.94 6.53 -2.96
CA SER A 20 8.32 7.68 -3.77
C SER A 20 9.74 7.51 -4.32
N SER A 21 10.59 6.85 -3.54
CA SER A 21 11.97 6.63 -3.94
C SER A 21 12.12 5.28 -4.64
N THR A 22 11.11 4.92 -5.42
CA THR A 22 11.13 3.65 -6.15
C THR A 22 11.05 3.88 -7.66
N ASP A 23 11.77 3.07 -8.42
CA ASP A 23 11.78 3.18 -9.86
C ASP A 23 10.36 3.20 -10.42
N GLU A 24 10.14 4.01 -11.45
CA GLU A 24 8.82 4.12 -12.07
C GLU A 24 8.46 2.84 -12.83
N MET A 25 9.48 2.17 -13.34
CA MET A 25 9.27 0.93 -14.09
C MET A 25 8.85 -0.20 -13.17
N GLU A 26 9.54 -0.34 -12.05
CA GLU A 26 9.23 -1.38 -11.08
C GLU A 26 7.76 -1.31 -10.66
N LEU A 27 7.28 -0.11 -10.39
CA LEU A 27 5.89 0.09 -9.98
C LEU A 27 4.93 -0.49 -11.01
N ALA A 28 5.32 -0.41 -12.29
CA ALA A 28 4.49 -0.94 -13.37
C ALA A 28 4.33 -2.46 -13.24
N GLU A 29 5.43 -3.14 -12.98
CA GLU A 29 5.42 -4.59 -12.84
C GLU A 29 4.44 -5.03 -11.75
N ILE A 30 4.50 -4.34 -10.61
CA ILE A 30 3.63 -4.66 -9.49
C ILE A 30 2.21 -4.17 -9.75
N ASP A 31 2.09 -3.06 -10.48
CA ASP A 31 0.79 -2.48 -10.80
C ASP A 31 -0.02 -3.43 -11.68
N ARG A 32 0.56 -3.84 -12.79
CA ARG A 32 -0.11 -4.74 -13.72
C ARG A 32 -0.28 -6.12 -13.10
N ALA A 33 0.58 -6.45 -12.14
CA ALA A 33 0.51 -7.74 -11.46
C ALA A 33 -0.81 -7.91 -10.72
N LEU A 34 -1.15 -6.91 -9.91
CA LEU A 34 -2.39 -6.95 -9.15
C LEU A 34 -3.49 -6.14 -9.85
N GLY A 35 -3.09 -5.29 -10.78
CA GLY A 35 -4.04 -4.48 -11.51
C GLY A 35 -4.68 -3.41 -10.64
N ILE A 36 -3.85 -2.52 -10.10
CA ILE A 36 -4.32 -1.44 -9.25
C ILE A 36 -5.13 -0.42 -10.05
N ASP A 37 -5.11 -0.57 -11.36
CA ASP A 37 -5.84 0.33 -12.25
C ASP A 37 -7.34 0.21 -12.03
N LYS A 38 -7.83 -1.02 -12.01
CA LYS A 38 -9.26 -1.28 -11.80
C LYS A 38 -9.58 -1.41 -10.32
N LEU A 39 -8.58 -1.18 -9.48
CA LEU A 39 -8.75 -1.27 -8.03
C LEU A 39 -9.45 -0.03 -7.49
N VAL A 40 -9.52 1.01 -8.32
CA VAL A 40 -10.16 2.26 -7.92
C VAL A 40 -11.66 2.21 -8.20
N SER A 41 -12.11 1.14 -8.82
CA SER A 41 -13.52 0.97 -9.15
C SER A 41 -14.29 0.41 -7.95
N GLN A 42 -13.58 -0.25 -7.04
CA GLN A 42 -14.20 -0.83 -5.86
C GLN A 42 -13.14 -1.42 -4.93
N GLN A 43 -13.22 -1.05 -3.66
CA GLN A 43 -12.27 -1.54 -2.67
C GLN A 43 -12.65 -2.94 -2.18
N GLY A 44 -11.68 -3.85 -2.18
CA GLY A 44 -11.95 -5.20 -1.74
C GLY A 44 -12.03 -5.33 -0.23
N GLY A 45 -13.03 -4.67 0.36
CA GLY A 45 -13.20 -4.72 1.80
C GLY A 45 -14.56 -4.22 2.25
N GLY B 1 -11.36 5.13 19.13
CA GLY B 1 -10.38 4.09 18.93
C GLY B 1 -9.09 4.62 18.32
N SER B 2 -7.99 3.91 18.54
CA SER B 2 -6.70 4.32 18.02
C SER B 2 -5.81 3.10 17.75
N ILE B 3 -6.43 2.02 17.28
CA ILE B 3 -5.70 0.80 16.99
C ILE B 3 -6.42 -0.04 15.93
N PRO B 4 -5.76 -0.22 14.78
CA PRO B 4 -6.33 -1.00 13.67
C PRO B 4 -6.39 -2.49 13.99
N PRO B 5 -7.11 -3.24 13.14
CA PRO B 5 -7.27 -4.69 13.30
C PRO B 5 -5.97 -5.44 13.03
N ASN B 6 -5.73 -6.49 13.81
CA ASN B 6 -4.53 -7.30 13.65
C ASN B 6 -4.39 -7.79 12.22
N ALA B 7 -5.51 -7.88 11.52
CA ALA B 7 -5.52 -8.33 10.13
C ALA B 7 -4.84 -7.31 9.21
N LEU B 8 -5.32 -6.07 9.27
CA LEU B 8 -4.77 -5.00 8.46
C LEU B 8 -3.28 -4.83 8.71
N GLN B 9 -2.88 -4.93 9.97
CA GLN B 9 -1.48 -4.78 10.35
C GLN B 9 -0.62 -5.85 9.67
N ASP B 10 -1.20 -7.03 9.47
CA ASP B 10 -0.49 -8.13 8.83
C ASP B 10 -0.04 -7.74 7.43
N LEU B 11 -0.98 -7.23 6.63
CA LEU B 11 -0.69 -6.83 5.26
C LEU B 11 0.40 -5.75 5.23
N LEU B 12 0.11 -4.61 5.85
CA LEU B 12 1.07 -3.51 5.89
C LEU B 12 2.39 -3.96 6.49
N ARG B 13 2.32 -4.87 7.46
CA ARG B 13 3.51 -5.39 8.11
C ARG B 13 4.54 -5.85 7.09
N THR B 14 4.06 -6.28 5.92
CA THR B 14 4.93 -6.74 4.85
C THR B 14 5.87 -5.64 4.39
N LEU B 15 5.35 -4.41 4.38
CA LEU B 15 6.14 -3.26 3.95
C LEU B 15 7.31 -3.01 4.90
N ARG B 16 7.11 -3.31 6.18
CA ARG B 16 8.14 -3.12 7.19
C ARG B 16 8.64 -4.47 7.70
N SER B 17 8.43 -5.52 6.92
CA SER B 17 8.85 -6.85 7.30
C SER B 17 10.36 -6.93 7.43
N PRO B 18 10.84 -7.45 8.56
CA PRO B 18 12.28 -7.60 8.83
C PRO B 18 12.93 -8.66 7.96
N SER B 19 12.79 -8.51 6.64
CA SER B 19 13.37 -9.46 5.69
C SER B 19 14.16 -8.73 4.62
N SER B 20 14.89 -9.49 3.81
CA SER B 20 15.70 -8.93 2.74
C SER B 20 14.85 -8.04 1.84
N PRO B 21 15.52 -7.36 0.89
CA PRO B 21 14.86 -6.46 -0.06
C PRO B 21 13.99 -7.22 -1.06
N GLN B 22 14.29 -8.49 -1.26
CA GLN B 22 13.55 -9.33 -2.19
C GLN B 22 12.12 -9.55 -1.70
N GLN B 23 11.95 -9.55 -0.38
CA GLN B 23 10.63 -9.75 0.21
C GLN B 23 9.63 -8.73 -0.31
N GLN B 24 10.15 -7.64 -0.86
CA GLN B 24 9.30 -6.59 -1.39
C GLN B 24 8.24 -7.17 -2.34
N GLN B 25 8.61 -8.24 -3.03
CA GLN B 25 7.70 -8.88 -3.97
C GLN B 25 6.35 -9.19 -3.30
N GLN B 26 6.39 -9.45 -2.00
CA GLN B 26 5.19 -9.75 -1.24
C GLN B 26 4.31 -8.51 -1.09
N VAL B 27 4.95 -7.36 -0.97
CA VAL B 27 4.22 -6.09 -0.82
C VAL B 27 3.20 -5.91 -1.94
N LEU B 28 3.66 -6.03 -3.17
CA LEU B 28 2.78 -5.88 -4.33
C LEU B 28 1.49 -6.68 -4.14
N ASN B 29 1.63 -7.95 -3.76
CA ASN B 29 0.48 -8.81 -3.54
C ASN B 29 -0.32 -8.37 -2.31
N ILE B 30 0.39 -7.78 -1.35
CA ILE B 30 -0.25 -7.31 -0.12
C ILE B 30 -1.16 -6.11 -0.40
N LEU B 31 -0.81 -5.34 -1.43
CA LEU B 31 -1.58 -4.17 -1.80
C LEU B 31 -3.08 -4.50 -1.83
N LYS B 32 -3.45 -5.49 -2.64
CA LYS B 32 -4.84 -5.90 -2.76
C LYS B 32 -5.38 -6.39 -1.43
N SER B 33 -4.49 -6.97 -0.62
CA SER B 33 -4.89 -7.48 0.69
C SER B 33 -5.17 -6.34 1.67
N ASN B 34 -4.79 -5.14 1.27
CA ASN B 34 -5.01 -3.96 2.11
C ASN B 34 -6.05 -3.03 1.49
N PRO B 35 -7.24 -2.98 2.10
CA PRO B 35 -8.35 -2.14 1.62
C PRO B 35 -8.06 -0.65 1.83
N GLN B 36 -8.39 -0.16 3.02
CA GLN B 36 -8.17 1.24 3.35
C GLN B 36 -6.76 1.68 2.99
N LEU B 37 -5.81 0.75 3.09
CA LEU B 37 -4.42 1.03 2.78
C LEU B 37 -4.22 1.17 1.27
N MET B 38 -5.03 0.46 0.50
CA MET B 38 -4.95 0.50 -0.95
C MET B 38 -5.19 1.92 -1.47
N ALA B 39 -6.22 2.57 -0.92
CA ALA B 39 -6.56 3.93 -1.31
C ALA B 39 -5.36 4.86 -1.16
N ALA B 40 -4.76 4.86 0.03
CA ALA B 40 -3.61 5.71 0.30
C ALA B 40 -2.40 5.27 -0.52
N PHE B 41 -2.06 3.99 -0.44
CA PHE B 41 -0.92 3.46 -1.17
C PHE B 41 -1.00 3.84 -2.65
N ILE B 42 -2.16 3.62 -3.24
CA ILE B 42 -2.37 3.94 -4.65
C ILE B 42 -1.76 5.30 -5.00
N LYS B 43 -1.83 6.23 -4.05
CA LYS B 43 -1.30 7.57 -4.26
C LYS B 43 0.13 7.51 -4.77
N GLN B 44 0.94 6.66 -4.14
CA GLN B 44 2.34 6.51 -4.53
C GLN B 44 2.48 5.51 -5.67
N ARG B 45 2.02 4.28 -5.44
CA ARG B 45 2.09 3.23 -6.45
C ARG B 45 1.38 3.66 -7.73
N ALA B 46 0.06 3.72 -7.68
CA ALA B 46 -0.75 4.11 -8.83
C ALA B 46 -0.16 5.34 -9.51
N ALA B 47 0.53 6.17 -8.72
CA ALA B 47 1.14 7.38 -9.24
C ALA B 47 2.02 7.08 -10.46
N LYS B 48 2.44 5.83 -10.58
CA LYS B 48 3.27 5.41 -11.70
C LYS B 48 2.65 5.81 -13.03
N TYR B 49 1.33 6.01 -13.02
CA TYR B 49 0.60 6.39 -14.23
C TYR B 49 -0.13 7.71 -14.02
N GLN B 50 0.47 8.60 -13.23
CA GLN B 50 -0.12 9.89 -12.95
C GLN B 50 0.79 11.02 -13.42
N GLY A 1 -12.64 3.52 7.37
CA GLY A 1 -12.63 4.97 7.29
C GLY A 1 -11.73 5.61 8.33
N SER A 2 -10.91 6.55 7.89
CA SER A 2 -9.99 7.24 8.79
C SER A 2 -9.27 8.37 8.07
N GLU A 3 -8.89 8.13 6.82
CA GLU A 3 -8.20 9.14 6.03
C GLU A 3 -7.06 9.77 6.81
N SER A 4 -5.97 9.03 6.96
CA SER A 4 -4.81 9.52 7.71
C SER A 4 -5.23 10.11 9.06
N GLN A 5 -5.80 9.26 9.91
CA GLN A 5 -6.25 9.68 11.22
C GLN A 5 -6.01 8.60 12.26
N ASN A 6 -4.76 8.19 12.42
CA ASN A 6 -4.39 7.16 13.39
C ASN A 6 -5.04 5.83 13.01
N ASP A 7 -4.63 5.26 11.89
CA ASP A 7 -5.16 3.99 11.43
C ASP A 7 -4.17 3.29 10.50
N GLU A 8 -4.55 2.12 10.00
CA GLU A 8 -3.70 1.34 9.11
C GLU A 8 -3.28 2.18 7.90
N LYS A 9 -4.26 2.80 7.25
CA LYS A 9 -4.00 3.64 6.08
C LYS A 9 -2.92 4.67 6.39
N ALA A 10 -2.85 5.11 7.64
CA ALA A 10 -1.87 6.09 8.06
C ALA A 10 -0.59 5.41 8.54
N LEU A 11 -0.70 4.15 8.95
CA LEU A 11 0.45 3.40 9.44
C LEU A 11 1.53 3.31 8.36
N LEU A 12 1.17 2.77 7.20
CA LEU A 12 2.11 2.64 6.09
C LEU A 12 2.22 3.95 5.31
N ASP A 13 1.23 4.81 5.49
CA ASP A 13 1.23 6.10 4.79
C ASP A 13 2.60 6.77 4.86
N GLN A 14 3.24 6.67 6.02
CA GLN A 14 4.55 7.26 6.22
C GLN A 14 5.63 6.48 5.46
N LEU A 15 5.59 5.16 5.61
CA LEU A 15 6.55 4.29 4.94
C LEU A 15 6.43 4.40 3.43
N ASP A 16 5.20 4.59 2.95
CA ASP A 16 4.94 4.72 1.52
C ASP A 16 5.91 5.71 0.88
N SER A 17 6.39 6.66 1.68
CA SER A 17 7.31 7.68 1.19
C SER A 17 8.45 7.05 0.40
N LEU A 18 8.88 5.86 0.85
CA LEU A 18 9.96 5.16 0.18
C LEU A 18 9.61 4.84 -1.26
N LEU A 19 8.34 4.54 -1.50
CA LEU A 19 7.86 4.22 -2.84
C LEU A 19 8.24 5.32 -3.84
N SER A 20 8.34 6.54 -3.34
CA SER A 20 8.70 7.68 -4.19
C SER A 20 10.12 7.53 -4.72
N SER A 21 10.97 6.85 -3.95
CA SER A 21 12.35 6.64 -4.36
C SER A 21 12.51 5.32 -5.09
N THR A 22 11.50 4.96 -5.88
CA THR A 22 11.53 3.72 -6.64
C THR A 22 11.22 3.96 -8.11
N ASP A 23 11.82 3.15 -8.98
CA ASP A 23 11.61 3.29 -10.42
C ASP A 23 10.12 3.35 -10.74
N GLU A 24 9.77 4.23 -11.67
CA GLU A 24 8.37 4.39 -12.07
C GLU A 24 7.89 3.19 -12.89
N MET A 25 8.82 2.57 -13.61
CA MET A 25 8.49 1.41 -14.43
C MET A 25 8.17 0.20 -13.56
N GLU A 26 9.00 0.00 -12.53
CA GLU A 26 8.81 -1.13 -11.62
C GLU A 26 7.40 -1.12 -11.03
N LEU A 27 6.94 0.05 -10.63
CA LEU A 27 5.61 0.20 -10.06
C LEU A 27 4.54 -0.33 -11.00
N ALA A 28 4.76 -0.16 -12.30
CA ALA A 28 3.82 -0.63 -13.31
C ALA A 28 3.70 -2.15 -13.27
N GLU A 29 4.83 -2.83 -13.19
CA GLU A 29 4.85 -4.28 -13.15
C GLU A 29 4.01 -4.81 -11.99
N ILE A 30 4.16 -4.16 -10.83
CA ILE A 30 3.42 -4.56 -9.64
C ILE A 30 1.95 -4.14 -9.74
N ASP A 31 1.70 -3.00 -10.36
CA ASP A 31 0.35 -2.49 -10.52
C ASP A 31 -0.50 -3.46 -11.35
N ARG A 32 -0.04 -3.77 -12.56
CA ARG A 32 -0.75 -4.68 -13.43
C ARG A 32 -0.79 -6.09 -12.85
N ALA A 33 0.22 -6.41 -12.04
CA ALA A 33 0.30 -7.72 -11.42
C ALA A 33 -0.95 -8.03 -10.61
N LEU A 34 -1.34 -7.08 -9.76
CA LEU A 34 -2.53 -7.25 -8.92
C LEU A 34 -3.75 -6.60 -9.57
N GLY A 35 -3.51 -5.72 -10.54
CA GLY A 35 -4.59 -5.05 -11.22
C GLY A 35 -5.34 -4.09 -10.31
N ILE A 36 -4.64 -3.07 -9.83
CA ILE A 36 -5.24 -2.08 -8.95
C ILE A 36 -6.23 -1.20 -9.71
N ASP A 37 -6.30 -1.39 -11.02
CA ASP A 37 -7.21 -0.62 -11.86
C ASP A 37 -8.65 -0.80 -11.41
N LYS A 38 -8.91 -1.87 -10.65
CA LYS A 38 -10.25 -2.17 -10.16
C LYS A 38 -10.48 -1.50 -8.80
N LEU A 39 -9.57 -0.62 -8.42
CA LEU A 39 -9.67 0.08 -7.15
C LEU A 39 -10.84 1.07 -7.17
N VAL A 40 -11.32 1.38 -8.36
CA VAL A 40 -12.43 2.32 -8.52
C VAL A 40 -13.77 1.57 -8.50
N SER A 41 -13.71 0.26 -8.73
CA SER A 41 -14.92 -0.56 -8.74
C SER A 41 -15.30 -0.99 -7.32
N GLN A 42 -14.30 -1.09 -6.46
CA GLN A 42 -14.52 -1.50 -5.08
C GLN A 42 -13.21 -1.54 -4.30
N GLN A 43 -13.27 -2.08 -3.09
CA GLN A 43 -12.08 -2.18 -2.24
C GLN A 43 -12.21 -3.34 -1.25
N GLY A 44 -13.43 -3.54 -0.75
CA GLY A 44 -13.66 -4.61 0.19
C GLY A 44 -14.11 -4.10 1.55
N GLY A 45 -15.11 -4.76 2.13
CA GLY A 45 -15.61 -4.35 3.43
C GLY A 45 -15.97 -2.87 3.47
N GLY B 1 -10.49 6.90 19.74
CA GLY B 1 -10.13 5.96 18.70
C GLY B 1 -8.92 6.40 17.91
N SER B 2 -7.92 5.54 17.82
CA SER B 2 -6.70 5.85 17.09
C SER B 2 -5.76 4.64 17.03
N ILE B 3 -6.35 3.47 16.77
CA ILE B 3 -5.57 2.24 16.68
C ILE B 3 -6.28 1.21 15.80
N PRO B 4 -5.63 0.85 14.68
CA PRO B 4 -6.17 -0.12 13.73
C PRO B 4 -6.16 -1.54 14.29
N PRO B 5 -6.84 -2.46 13.59
CA PRO B 5 -6.93 -3.86 14.01
C PRO B 5 -5.60 -4.59 13.85
N ASN B 6 -5.61 -5.90 14.10
CA ASN B 6 -4.40 -6.71 13.99
C ASN B 6 -4.24 -7.25 12.58
N ALA B 7 -5.35 -7.40 11.87
CA ALA B 7 -5.33 -7.90 10.51
C ALA B 7 -4.71 -6.89 9.55
N LEU B 8 -5.23 -5.66 9.58
CA LEU B 8 -4.73 -4.59 8.72
C LEU B 8 -3.23 -4.39 8.93
N GLN B 9 -2.81 -4.40 10.19
CA GLN B 9 -1.40 -4.22 10.52
C GLN B 9 -0.54 -5.31 9.92
N ASP B 10 -1.11 -6.51 9.83
CA ASP B 10 -0.40 -7.65 9.27
C ASP B 10 -0.01 -7.38 7.81
N LEU B 11 -0.97 -6.96 7.01
CA LEU B 11 -0.72 -6.66 5.61
C LEU B 11 0.39 -5.63 5.45
N LEU B 12 0.15 -4.43 5.98
CA LEU B 12 1.13 -3.35 5.91
C LEU B 12 2.45 -3.77 6.53
N ARG B 13 2.37 -4.57 7.58
CA ARG B 13 3.57 -5.05 8.27
C ARG B 13 4.58 -5.62 7.28
N THR B 14 4.06 -6.21 6.20
CA THR B 14 4.91 -6.80 5.17
C THR B 14 5.76 -5.74 4.49
N LEU B 15 5.16 -4.58 4.24
CA LEU B 15 5.87 -3.48 3.59
C LEU B 15 7.00 -2.97 4.45
N ARG B 16 6.81 -3.04 5.77
CA ARG B 16 7.83 -2.58 6.71
C ARG B 16 8.58 -3.76 7.33
N SER B 17 8.50 -4.91 6.67
CA SER B 17 9.16 -6.12 7.16
C SER B 17 10.67 -5.95 7.15
N PRO B 18 11.31 -6.23 8.29
CA PRO B 18 12.76 -6.11 8.44
C PRO B 18 13.51 -7.18 7.64
N SER B 19 13.29 -7.19 6.33
CA SER B 19 13.94 -8.16 5.45
C SER B 19 14.61 -7.47 4.28
N SER B 20 15.39 -8.24 3.51
CA SER B 20 16.09 -7.69 2.35
C SER B 20 15.13 -6.95 1.43
N PRO B 21 15.69 -6.26 0.43
CA PRO B 21 14.90 -5.51 -0.54
C PRO B 21 14.11 -6.42 -1.49
N GLN B 22 14.58 -7.65 -1.64
CA GLN B 22 13.92 -8.61 -2.51
C GLN B 22 12.51 -8.92 -2.01
N GLN B 23 12.35 -8.96 -0.70
CA GLN B 23 11.05 -9.24 -0.09
C GLN B 23 9.99 -8.26 -0.58
N GLN B 24 10.44 -7.14 -1.13
CA GLN B 24 9.53 -6.12 -1.65
C GLN B 24 8.49 -6.73 -2.57
N GLN B 25 8.89 -7.79 -3.28
CA GLN B 25 7.98 -8.48 -4.20
C GLN B 25 6.67 -8.83 -3.51
N GLN B 26 6.74 -9.09 -2.21
CA GLN B 26 5.56 -9.44 -1.44
C GLN B 26 4.65 -8.23 -1.25
N VAL B 27 5.25 -7.05 -1.14
CA VAL B 27 4.50 -5.82 -0.96
C VAL B 27 3.44 -5.66 -2.05
N LEU B 28 3.85 -5.81 -3.30
CA LEU B 28 2.93 -5.69 -4.42
C LEU B 28 1.64 -6.47 -4.16
N ASN B 29 1.79 -7.73 -3.80
CA ASN B 29 0.64 -8.59 -3.53
C ASN B 29 -0.09 -8.12 -2.27
N ILE B 30 0.64 -7.52 -1.34
CA ILE B 30 0.06 -7.03 -0.10
C ILE B 30 -0.86 -5.85 -0.36
N LEU B 31 -0.50 -5.02 -1.33
CA LEU B 31 -1.29 -3.85 -1.69
C LEU B 31 -2.77 -4.21 -1.80
N LYS B 32 -3.07 -5.21 -2.63
CA LYS B 32 -4.44 -5.66 -2.83
C LYS B 32 -5.02 -6.21 -1.54
N SER B 33 -4.18 -6.81 -0.71
CA SER B 33 -4.61 -7.39 0.55
C SER B 33 -4.97 -6.28 1.55
N ASN B 34 -4.58 -5.05 1.23
CA ASN B 34 -4.87 -3.92 2.09
C ASN B 34 -5.84 -2.95 1.42
N PRO B 35 -7.06 -2.86 1.98
CA PRO B 35 -8.11 -1.97 1.46
C PRO B 35 -7.78 -0.50 1.67
N GLN B 36 -8.01 -0.02 2.88
CA GLN B 36 -7.74 1.39 3.21
C GLN B 36 -6.34 1.80 2.77
N LEU B 37 -5.42 0.84 2.81
CA LEU B 37 -4.03 1.10 2.41
C LEU B 37 -3.91 1.18 0.90
N MET B 38 -4.74 0.40 0.20
CA MET B 38 -4.72 0.38 -1.26
C MET B 38 -5.02 1.77 -1.82
N ALA B 39 -6.09 2.38 -1.32
CA ALA B 39 -6.49 3.71 -1.77
C ALA B 39 -5.35 4.72 -1.59
N ALA B 40 -4.84 4.79 -0.36
CA ALA B 40 -3.75 5.70 -0.05
C ALA B 40 -2.49 5.36 -0.83
N PHE B 41 -2.04 4.11 -0.70
CA PHE B 41 -0.85 3.65 -1.40
C PHE B 41 -0.92 3.98 -2.88
N ILE B 42 -2.07 3.70 -3.50
CA ILE B 42 -2.27 3.95 -4.91
C ILE B 42 -1.74 5.34 -5.29
N LYS B 43 -1.82 6.27 -4.35
CA LYS B 43 -1.34 7.63 -4.59
C LYS B 43 0.12 7.62 -5.03
N GLN B 44 0.94 6.84 -4.34
CA GLN B 44 2.35 6.74 -4.65
C GLN B 44 2.60 5.72 -5.76
N ARG B 45 2.22 4.47 -5.51
CA ARG B 45 2.40 3.40 -6.48
C ARG B 45 1.72 3.75 -7.80
N ALA B 46 0.39 3.78 -7.79
CA ALA B 46 -0.37 4.09 -8.99
C ALA B 46 0.18 5.33 -9.68
N ALA B 47 0.80 6.21 -8.90
CA ALA B 47 1.37 7.44 -9.43
C ALA B 47 2.28 7.15 -10.62
N LYS B 48 2.78 5.91 -10.71
CA LYS B 48 3.64 5.50 -11.79
C LYS B 48 3.02 5.82 -13.15
N TYR B 49 1.69 5.93 -13.16
CA TYR B 49 0.96 6.23 -14.39
C TYR B 49 0.18 7.53 -14.27
N GLN B 50 0.72 8.47 -13.48
CA GLN B 50 0.08 9.76 -13.27
C GLN B 50 0.98 10.90 -13.76
N GLY A 1 -5.14 14.86 1.50
CA GLY A 1 -4.56 13.61 1.03
C GLY A 1 -4.56 12.55 2.12
N SER A 2 -5.59 12.55 2.96
CA SER A 2 -5.69 11.58 4.04
C SER A 2 -4.47 11.65 4.96
N GLU A 3 -4.59 12.42 6.03
CA GLU A 3 -3.49 12.57 6.98
C GLU A 3 -3.39 11.35 7.89
N SER A 4 -4.53 10.94 8.45
CA SER A 4 -4.57 9.79 9.35
C SER A 4 -3.50 9.90 10.42
N GLN A 5 -3.86 10.54 11.54
CA GLN A 5 -2.93 10.71 12.65
C GLN A 5 -2.61 9.39 13.30
N ASN A 6 -3.64 8.68 13.75
CA ASN A 6 -3.47 7.39 14.40
C ASN A 6 -4.56 6.42 13.97
N ASP A 7 -4.98 6.51 12.71
CA ASP A 7 -6.01 5.63 12.18
C ASP A 7 -5.42 4.32 11.71
N GLU A 8 -6.21 3.53 10.98
CA GLU A 8 -5.76 2.24 10.47
C GLU A 8 -4.60 2.42 9.50
N LYS A 9 -4.89 2.98 8.32
CA LYS A 9 -3.87 3.20 7.31
C LYS A 9 -2.72 4.03 7.86
N ALA A 10 -3.03 4.90 8.83
CA ALA A 10 -2.02 5.74 9.45
C ALA A 10 -0.74 4.95 9.75
N LEU A 11 -0.91 3.67 10.06
CA LEU A 11 0.23 2.81 10.37
C LEU A 11 1.23 2.79 9.22
N LEU A 12 0.75 2.45 8.03
CA LEU A 12 1.61 2.41 6.85
C LEU A 12 1.78 3.79 6.25
N ASP A 13 0.87 4.71 6.59
CA ASP A 13 0.93 6.07 6.09
C ASP A 13 2.35 6.64 6.19
N GLN A 14 3.06 6.21 7.23
CA GLN A 14 4.42 6.67 7.46
C GLN A 14 5.39 6.03 6.47
N LEU A 15 5.59 4.72 6.61
CA LEU A 15 6.48 3.98 5.74
C LEU A 15 6.15 4.26 4.27
N ASP A 16 4.87 4.38 3.97
CA ASP A 16 4.41 4.64 2.61
C ASP A 16 5.18 5.80 2.00
N SER A 17 5.66 6.70 2.85
CA SER A 17 6.42 7.87 2.39
C SER A 17 7.52 7.45 1.43
N LEU A 18 8.11 6.28 1.67
CA LEU A 18 9.18 5.77 0.82
C LEU A 18 8.70 5.60 -0.61
N LEU A 19 7.47 5.13 -0.76
CA LEU A 19 6.88 4.91 -2.09
C LEU A 19 6.97 6.18 -2.93
N SER A 20 7.04 7.33 -2.27
CA SER A 20 7.13 8.61 -2.96
C SER A 20 8.45 8.74 -3.70
N SER A 21 9.51 8.18 -3.12
CA SER A 21 10.84 8.23 -3.72
C SER A 21 11.11 6.96 -4.53
N THR A 22 10.08 6.45 -5.19
CA THR A 22 10.21 5.25 -6.00
C THR A 22 9.89 5.53 -7.46
N ASP A 23 10.70 4.96 -8.35
CA ASP A 23 10.51 5.15 -9.78
C ASP A 23 9.06 4.88 -10.18
N GLU A 24 8.55 5.65 -11.14
CA GLU A 24 7.18 5.50 -11.60
C GLU A 24 7.02 4.21 -12.40
N MET A 25 8.11 3.77 -13.04
CA MET A 25 8.08 2.56 -13.83
C MET A 25 7.94 1.33 -12.95
N GLU A 26 8.79 1.22 -11.94
CA GLU A 26 8.74 0.09 -11.02
C GLU A 26 7.36 -0.07 -10.41
N LEU A 27 6.72 1.05 -10.11
CA LEU A 27 5.38 1.04 -9.53
C LEU A 27 4.37 0.43 -10.49
N ALA A 28 4.49 0.77 -11.77
CA ALA A 28 3.60 0.25 -12.79
C ALA A 28 3.65 -1.28 -12.85
N GLU A 29 4.84 -1.82 -12.61
CA GLU A 29 5.03 -3.27 -12.64
C GLU A 29 4.25 -3.94 -11.50
N ILE A 30 4.30 -3.35 -10.32
CA ILE A 30 3.60 -3.89 -9.16
C ILE A 30 2.11 -3.60 -9.24
N ASP A 31 1.76 -2.45 -9.80
CA ASP A 31 0.36 -2.05 -9.94
C ASP A 31 -0.36 -2.95 -10.95
N ARG A 32 0.18 -3.03 -12.15
CA ARG A 32 -0.41 -3.86 -13.20
C ARG A 32 -0.38 -5.34 -12.81
N ALA A 33 0.58 -5.69 -11.97
CA ALA A 33 0.71 -7.08 -11.52
C ALA A 33 -0.58 -7.58 -10.87
N LEU A 34 -1.14 -6.77 -9.98
CA LEU A 34 -2.38 -7.13 -9.29
C LEU A 34 -3.57 -6.43 -9.94
N GLY A 35 -3.31 -5.38 -10.69
CA GLY A 35 -4.38 -4.65 -11.35
C GLY A 35 -5.26 -3.90 -10.38
N ILE A 36 -4.65 -3.00 -9.60
CA ILE A 36 -5.40 -2.22 -8.62
C ILE A 36 -6.34 -1.26 -9.30
N ASP A 37 -5.94 -0.74 -10.45
CA ASP A 37 -6.76 0.20 -11.21
C ASP A 37 -8.00 -0.50 -11.77
N LYS A 38 -7.81 -1.71 -12.27
CA LYS A 38 -8.92 -2.48 -12.83
C LYS A 38 -9.48 -3.46 -11.82
N LEU A 39 -9.08 -3.30 -10.56
CA LEU A 39 -9.54 -4.17 -9.48
C LEU A 39 -10.97 -3.84 -9.09
N VAL A 40 -11.18 -2.62 -8.59
CA VAL A 40 -12.50 -2.18 -8.18
C VAL A 40 -12.68 -0.68 -8.42
N SER A 41 -11.72 -0.08 -9.11
CA SER A 41 -11.77 1.34 -9.41
C SER A 41 -11.40 2.16 -8.17
N GLN A 42 -12.00 1.81 -7.03
CA GLN A 42 -11.73 2.51 -5.79
C GLN A 42 -12.19 1.68 -4.59
N GLN A 43 -11.45 1.80 -3.49
CA GLN A 43 -11.78 1.05 -2.28
C GLN A 43 -12.88 1.76 -1.48
N GLY A 44 -12.87 3.09 -1.52
CA GLY A 44 -13.88 3.86 -0.80
C GLY A 44 -15.29 3.53 -1.24
N GLY A 45 -15.61 3.85 -2.50
CA GLY A 45 -16.94 3.57 -3.01
C GLY A 45 -17.33 2.12 -2.85
N GLY B 1 -10.28 4.36 19.33
CA GLY B 1 -10.51 4.53 17.91
C GLY B 1 -9.27 4.99 17.17
N SER B 2 -8.15 4.33 17.43
CA SER B 2 -6.88 4.68 16.79
C SER B 2 -5.99 3.45 16.64
N ILE B 3 -6.60 2.32 16.30
CA ILE B 3 -5.85 1.08 16.13
C ILE B 3 -6.58 0.14 15.19
N PRO B 4 -5.91 -0.22 14.07
CA PRO B 4 -6.47 -1.12 13.06
C PRO B 4 -6.58 -2.55 13.57
N PRO B 5 -7.31 -3.39 12.81
CA PRO B 5 -7.51 -4.80 13.17
C PRO B 5 -6.23 -5.62 13.01
N ASN B 6 -6.17 -6.75 13.70
CA ASN B 6 -5.00 -7.63 13.63
C ASN B 6 -4.64 -7.94 12.18
N ALA B 7 -5.65 -7.99 11.32
CA ALA B 7 -5.44 -8.26 9.91
C ALA B 7 -4.73 -7.12 9.22
N LEU B 8 -5.29 -5.92 9.33
CA LEU B 8 -4.70 -4.74 8.72
C LEU B 8 -3.24 -4.58 9.10
N GLN B 9 -2.93 -4.81 10.38
CA GLN B 9 -1.57 -4.71 10.88
C GLN B 9 -0.67 -5.74 10.22
N ASP B 10 -1.21 -6.94 10.01
CA ASP B 10 -0.46 -8.02 9.39
C ASP B 10 0.01 -7.63 7.99
N LEU B 11 -0.94 -7.20 7.16
CA LEU B 11 -0.63 -6.80 5.78
C LEU B 11 0.40 -5.66 5.78
N LEU B 12 0.03 -4.54 6.37
CA LEU B 12 0.92 -3.38 6.43
C LEU B 12 2.26 -3.76 7.05
N ARG B 13 2.22 -4.65 8.02
CA ARG B 13 3.44 -5.10 8.70
C ARG B 13 4.50 -5.52 7.69
N THR B 14 4.06 -6.04 6.56
CA THR B 14 4.97 -6.48 5.50
C THR B 14 5.79 -5.32 4.96
N LEU B 15 5.17 -4.14 4.92
CA LEU B 15 5.84 -2.94 4.42
C LEU B 15 7.01 -2.56 5.32
N ARG B 16 6.86 -2.80 6.62
CA ARG B 16 7.90 -2.48 7.59
C ARG B 16 8.57 -3.75 8.11
N SER B 17 8.43 -4.83 7.35
CA SER B 17 9.01 -6.11 7.73
C SER B 17 10.53 -6.02 7.77
N PRO B 18 11.13 -6.47 8.89
CA PRO B 18 12.58 -6.45 9.08
C PRO B 18 13.30 -7.46 8.18
N SER B 19 13.13 -7.30 6.88
CA SER B 19 13.75 -8.20 5.91
C SER B 19 14.49 -7.42 4.84
N SER B 20 15.27 -8.12 4.02
CA SER B 20 16.04 -7.49 2.96
C SER B 20 15.13 -6.67 2.04
N PRO B 21 15.75 -5.90 1.13
CA PRO B 21 15.02 -5.07 0.17
C PRO B 21 14.28 -5.89 -0.88
N GLN B 22 14.79 -7.09 -1.15
CA GLN B 22 14.18 -7.96 -2.14
C GLN B 22 12.78 -8.37 -1.70
N GLN B 23 12.57 -8.50 -0.40
CA GLN B 23 11.27 -8.88 0.15
C GLN B 23 10.19 -7.92 -0.32
N GLN B 24 10.60 -6.74 -0.78
CA GLN B 24 9.66 -5.73 -1.26
C GLN B 24 8.66 -6.35 -2.24
N GLN B 25 9.10 -7.34 -3.00
CA GLN B 25 8.25 -8.01 -3.97
C GLN B 25 6.94 -8.45 -3.32
N GLN B 26 7.00 -8.77 -2.04
CA GLN B 26 5.81 -9.22 -1.31
C GLN B 26 4.86 -8.06 -1.07
N VAL B 27 5.41 -6.87 -0.86
CA VAL B 27 4.61 -5.67 -0.62
C VAL B 27 3.55 -5.50 -1.71
N LEU B 28 3.99 -5.54 -2.96
CA LEU B 28 3.08 -5.39 -4.09
C LEU B 28 1.83 -6.23 -3.91
N ASN B 29 2.03 -7.52 -3.63
CA ASN B 29 0.91 -8.43 -3.42
C ASN B 29 0.16 -8.10 -2.13
N ILE B 30 0.89 -7.57 -1.16
CA ILE B 30 0.29 -7.20 0.12
C ILE B 30 -0.69 -6.03 -0.04
N LEU B 31 -0.38 -5.13 -0.96
CA LEU B 31 -1.22 -3.97 -1.22
C LEU B 31 -2.69 -4.39 -1.34
N LYS B 32 -2.95 -5.35 -2.21
CA LYS B 32 -4.30 -5.85 -2.44
C LYS B 32 -4.86 -6.46 -1.16
N SER B 33 -3.98 -7.04 -0.35
CA SER B 33 -4.39 -7.67 0.90
C SER B 33 -4.84 -6.62 1.92
N ASN B 34 -4.60 -5.36 1.60
CA ASN B 34 -4.97 -4.26 2.49
C ASN B 34 -6.08 -3.42 1.87
N PRO B 35 -7.27 -3.46 2.49
CA PRO B 35 -8.43 -2.70 2.01
C PRO B 35 -8.26 -1.19 2.22
N GLN B 36 -8.58 -0.72 3.42
CA GLN B 36 -8.47 0.69 3.74
C GLN B 36 -7.10 1.24 3.33
N LEU B 37 -6.09 0.38 3.41
CA LEU B 37 -4.73 0.77 3.06
C LEU B 37 -4.57 0.89 1.54
N MET B 38 -5.32 0.06 0.81
CA MET B 38 -5.26 0.07 -0.65
C MET B 38 -5.67 1.44 -1.19
N ALA B 39 -6.82 1.95 -0.73
CA ALA B 39 -7.30 3.24 -1.17
C ALA B 39 -6.26 4.33 -0.97
N ALA B 40 -5.74 4.42 0.25
CA ALA B 40 -4.73 5.42 0.58
C ALA B 40 -3.44 5.16 -0.19
N PHE B 41 -2.91 3.95 -0.07
CA PHE B 41 -1.68 3.57 -0.75
C PHE B 41 -1.75 3.92 -2.24
N ILE B 42 -2.86 3.57 -2.88
CA ILE B 42 -3.05 3.84 -4.29
C ILE B 42 -2.63 5.27 -4.63
N LYS B 43 -2.80 6.17 -3.68
CA LYS B 43 -2.44 7.57 -3.88
C LYS B 43 -0.97 7.70 -4.27
N GLN B 44 -0.11 6.96 -3.58
CA GLN B 44 1.32 6.98 -3.85
C GLN B 44 1.68 6.02 -4.98
N ARG B 45 1.39 4.74 -4.78
CA ARG B 45 1.69 3.72 -5.77
C ARG B 45 1.02 4.05 -7.09
N ALA B 46 -0.31 3.95 -7.12
CA ALA B 46 -1.08 4.23 -8.32
C ALA B 46 -0.64 5.55 -8.96
N ALA B 47 -0.09 6.44 -8.14
CA ALA B 47 0.38 7.74 -8.62
C ALA B 47 1.30 7.57 -9.82
N LYS B 48 1.88 6.39 -9.96
CA LYS B 48 2.79 6.11 -11.06
C LYS B 48 2.14 6.43 -12.40
N TYR B 49 0.81 6.45 -12.41
CA TYR B 49 0.06 6.75 -13.63
C TYR B 49 -0.80 8.00 -13.45
N GLN B 50 -0.33 8.93 -12.62
CA GLN B 50 -1.06 10.16 -12.36
C GLN B 50 -0.25 11.38 -12.79
N GLY A 1 -7.33 13.01 16.76
CA GLY A 1 -7.55 12.99 15.33
C GLY A 1 -6.61 13.92 14.58
N SER A 2 -5.39 14.07 15.09
CA SER A 2 -4.41 14.95 14.47
C SER A 2 -3.00 14.58 14.92
N GLU A 3 -2.71 13.28 14.98
CA GLU A 3 -1.41 12.80 15.39
C GLU A 3 -1.17 11.37 14.91
N SER A 4 -1.53 11.11 13.66
CA SER A 4 -1.36 9.78 13.08
C SER A 4 -1.97 8.71 13.99
N GLN A 5 -1.70 7.46 13.67
CA GLN A 5 -2.21 6.34 14.45
C GLN A 5 -3.73 6.46 14.63
N ASN A 6 -4.40 7.01 13.63
CA ASN A 6 -5.84 7.18 13.67
C ASN A 6 -6.55 6.01 12.99
N ASP A 7 -5.95 5.50 11.92
CA ASP A 7 -6.52 4.39 11.18
C ASP A 7 -5.43 3.63 10.42
N GLU A 8 -5.82 2.50 9.83
CA GLU A 8 -4.88 1.68 9.08
C GLU A 8 -4.09 2.53 8.09
N LYS A 9 -4.79 3.33 7.31
CA LYS A 9 -4.15 4.20 6.33
C LYS A 9 -3.15 5.14 6.99
N ALA A 10 -3.46 5.56 8.22
CA ALA A 10 -2.59 6.46 8.96
C ALA A 10 -1.30 5.74 9.38
N LEU A 11 -1.40 4.45 9.63
CA LEU A 11 -0.24 3.65 10.03
C LEU A 11 0.79 3.61 8.92
N LEU A 12 0.39 3.15 7.75
CA LEU A 12 1.29 3.06 6.60
C LEU A 12 1.50 4.43 5.96
N ASP A 13 0.61 5.37 6.28
CA ASP A 13 0.69 6.72 5.74
C ASP A 13 2.12 7.25 5.85
N GLN A 14 2.74 7.06 7.00
CA GLN A 14 4.10 7.52 7.23
C GLN A 14 5.11 6.61 6.54
N LEU A 15 4.94 5.30 6.72
CA LEU A 15 5.83 4.33 6.12
C LEU A 15 5.85 4.47 4.59
N ASP A 16 4.73 4.91 4.04
CA ASP A 16 4.61 5.08 2.59
C ASP A 16 5.79 5.89 2.05
N SER A 17 6.39 6.71 2.91
CA SER A 17 7.52 7.54 2.51
C SER A 17 8.57 6.70 1.78
N LEU A 18 8.72 5.45 2.20
CA LEU A 18 9.69 4.55 1.59
C LEU A 18 9.34 4.28 0.13
N LEU A 19 8.05 4.18 -0.15
CA LEU A 19 7.58 3.92 -1.51
C LEU A 19 8.14 4.95 -2.48
N SER A 20 8.46 6.14 -1.96
CA SER A 20 9.00 7.21 -2.78
C SER A 20 10.39 6.85 -3.30
N SER A 21 11.11 6.05 -2.52
CA SER A 21 12.46 5.63 -2.89
C SER A 21 12.43 4.27 -3.59
N THR A 22 11.39 4.05 -4.39
CA THR A 22 11.24 2.79 -5.11
C THR A 22 11.32 3.01 -6.61
N ASP A 23 12.00 2.09 -7.30
CA ASP A 23 12.14 2.18 -8.75
C ASP A 23 10.79 2.36 -9.42
N GLU A 24 10.66 3.42 -10.22
CA GLU A 24 9.41 3.71 -10.93
C GLU A 24 9.01 2.53 -11.80
N MET A 25 10.00 1.84 -12.36
CA MET A 25 9.74 0.70 -13.22
C MET A 25 9.22 -0.49 -12.41
N GLU A 26 9.96 -0.84 -11.36
CA GLU A 26 9.57 -1.96 -10.51
C GLU A 26 8.23 -1.70 -9.84
N LEU A 27 8.02 -0.45 -9.41
CA LEU A 27 6.78 -0.07 -8.75
C LEU A 27 5.58 -0.33 -9.67
N ALA A 28 5.74 -0.03 -10.95
CA ALA A 28 4.68 -0.24 -11.92
C ALA A 28 4.51 -1.72 -12.25
N GLU A 29 5.61 -2.46 -12.19
CA GLU A 29 5.59 -3.88 -12.49
C GLU A 29 4.61 -4.61 -11.58
N ILE A 30 4.64 -4.28 -10.30
CA ILE A 30 3.74 -4.90 -9.32
C ILE A 30 2.33 -4.36 -9.45
N ASP A 31 2.22 -3.08 -9.79
CA ASP A 31 0.92 -2.43 -9.95
C ASP A 31 0.15 -3.05 -11.11
N ARG A 32 0.75 -3.00 -12.30
CA ARG A 32 0.11 -3.54 -13.50
C ARG A 32 -0.05 -5.06 -13.38
N ALA A 33 0.77 -5.67 -12.53
CA ALA A 33 0.72 -7.11 -12.33
C ALA A 33 -0.67 -7.56 -11.89
N LEU A 34 -1.24 -6.84 -10.92
CA LEU A 34 -2.57 -7.16 -10.41
C LEU A 34 -3.63 -6.26 -11.03
N GLY A 35 -3.18 -5.16 -11.62
CA GLY A 35 -4.10 -4.23 -12.25
C GLY A 35 -4.94 -3.46 -11.24
N ILE A 36 -4.28 -2.64 -10.43
CA ILE A 36 -4.97 -1.85 -9.42
C ILE A 36 -5.85 -0.78 -10.06
N ASP A 37 -5.69 -0.59 -11.37
CA ASP A 37 -6.46 0.39 -12.10
C ASP A 37 -7.96 0.13 -11.96
N LYS A 38 -8.33 -1.14 -11.98
CA LYS A 38 -9.72 -1.54 -11.86
C LYS A 38 -10.04 -1.97 -10.43
N LEU A 39 -9.00 -2.29 -9.67
CA LEU A 39 -9.17 -2.72 -8.28
C LEU A 39 -9.58 -1.55 -7.39
N VAL A 40 -9.39 -0.34 -7.90
CA VAL A 40 -9.76 0.87 -7.16
C VAL A 40 -11.16 1.35 -7.50
N SER A 41 -11.78 0.66 -8.47
CA SER A 41 -13.13 1.01 -8.89
C SER A 41 -14.17 0.47 -7.91
N GLN A 42 -13.83 -0.61 -7.24
CA GLN A 42 -14.73 -1.23 -6.26
C GLN A 42 -14.55 -0.61 -4.89
N GLN A 43 -13.47 -1.00 -4.21
CA GLN A 43 -13.18 -0.47 -2.88
C GLN A 43 -12.51 0.89 -2.95
N GLY A 44 -12.44 1.58 -1.81
CA GLY A 44 -11.80 2.88 -1.78
C GLY A 44 -12.76 4.00 -2.15
N GLY A 45 -13.68 4.32 -1.24
CA GLY A 45 -14.65 5.36 -1.50
C GLY A 45 -14.04 6.75 -1.39
N GLY B 1 -12.34 4.08 19.03
CA GLY B 1 -11.13 3.29 19.25
C GLY B 1 -9.91 3.92 18.62
N SER B 2 -10.08 4.50 17.44
CA SER B 2 -8.97 5.14 16.72
C SER B 2 -7.82 4.15 16.53
N ILE B 3 -8.16 2.92 16.18
CA ILE B 3 -7.15 1.89 15.95
C ILE B 3 -7.67 0.83 14.98
N PRO B 4 -6.92 0.64 13.88
CA PRO B 4 -7.28 -0.35 12.85
C PRO B 4 -7.10 -1.79 13.34
N PRO B 5 -7.57 -2.74 12.53
CA PRO B 5 -7.48 -4.18 12.86
C PRO B 5 -6.05 -4.69 12.81
N ASN B 6 -5.67 -5.48 13.80
CA ASN B 6 -4.33 -6.04 13.87
C ASN B 6 -4.01 -6.83 12.60
N ALA B 7 -5.05 -7.24 11.88
CA ALA B 7 -4.88 -7.99 10.64
C ALA B 7 -4.25 -7.12 9.55
N LEU B 8 -4.86 -5.96 9.31
CA LEU B 8 -4.37 -5.04 8.29
C LEU B 8 -2.92 -4.66 8.56
N GLN B 9 -2.60 -4.45 9.83
CA GLN B 9 -1.25 -4.07 10.23
C GLN B 9 -0.24 -5.14 9.81
N ASP B 10 -0.65 -6.40 9.89
CA ASP B 10 0.22 -7.51 9.52
C ASP B 10 0.62 -7.42 8.05
N LEU B 11 -0.37 -7.21 7.20
CA LEU B 11 -0.13 -7.12 5.76
C LEU B 11 0.81 -5.96 5.45
N LEU B 12 0.37 -4.74 5.74
CA LEU B 12 1.17 -3.55 5.50
C LEU B 12 2.54 -3.67 6.15
N ARG B 13 2.57 -4.28 7.33
CA ARG B 13 3.83 -4.46 8.06
C ARG B 13 4.92 -4.99 7.14
N THR B 14 4.53 -5.86 6.20
CA THR B 14 5.48 -6.44 5.26
C THR B 14 6.09 -5.38 4.37
N LEU B 15 5.25 -4.67 3.64
CA LEU B 15 5.71 -3.61 2.74
C LEU B 15 6.29 -2.44 3.53
N ARG B 16 6.05 -2.45 4.83
CA ARG B 16 6.55 -1.38 5.70
C ARG B 16 8.01 -1.62 6.07
N SER B 17 8.38 -2.88 6.21
CA SER B 17 9.75 -3.26 6.56
C SER B 17 10.74 -2.70 5.54
N PRO B 18 11.73 -1.94 6.02
CA PRO B 18 12.76 -1.33 5.17
C PRO B 18 13.71 -2.37 4.59
N SER B 19 13.16 -3.34 3.87
CA SER B 19 13.96 -4.40 3.27
C SER B 19 14.30 -4.05 1.83
N SER B 20 15.22 -4.83 1.24
CA SER B 20 15.64 -4.61 -0.14
C SER B 20 14.45 -4.64 -1.08
N PRO B 21 14.69 -4.30 -2.36
CA PRO B 21 13.65 -4.29 -3.39
C PRO B 21 13.18 -5.68 -3.76
N GLN B 22 13.84 -6.70 -3.20
CA GLN B 22 13.49 -8.09 -3.47
C GLN B 22 12.15 -8.44 -2.84
N GLN B 23 11.96 -8.04 -1.59
CA GLN B 23 10.72 -8.31 -0.88
C GLN B 23 9.52 -7.78 -1.65
N GLN B 24 9.78 -6.87 -2.59
CA GLN B 24 8.71 -6.29 -3.40
C GLN B 24 7.79 -7.37 -3.95
N GLN B 25 8.38 -8.46 -4.41
CA GLN B 25 7.62 -9.57 -4.97
C GLN B 25 6.51 -10.00 -4.02
N GLN B 26 6.81 -9.99 -2.73
CA GLN B 26 5.83 -10.37 -1.72
C GLN B 26 4.85 -9.24 -1.44
N VAL B 27 5.34 -8.01 -1.56
CA VAL B 27 4.51 -6.84 -1.33
C VAL B 27 3.21 -6.91 -2.13
N LEU B 28 3.32 -7.39 -3.36
CA LEU B 28 2.15 -7.51 -4.24
C LEU B 28 0.98 -8.14 -3.49
N ASN B 29 1.20 -9.35 -2.97
CA ASN B 29 0.16 -10.05 -2.23
C ASN B 29 -0.33 -9.23 -1.05
N ILE B 30 0.56 -8.42 -0.49
CA ILE B 30 0.21 -7.57 0.64
C ILE B 30 -0.74 -6.45 0.24
N LEU B 31 -0.31 -5.63 -0.71
CA LEU B 31 -1.11 -4.52 -1.20
C LEU B 31 -2.53 -4.98 -1.50
N LYS B 32 -2.66 -6.06 -2.25
CA LYS B 32 -3.96 -6.60 -2.61
C LYS B 32 -4.68 -7.15 -1.38
N SER B 33 -3.90 -7.61 -0.41
CA SER B 33 -4.45 -8.16 0.82
C SER B 33 -4.98 -7.06 1.73
N ASN B 34 -4.66 -5.81 1.38
CA ASN B 34 -5.10 -4.66 2.17
C ASN B 34 -6.15 -3.87 1.42
N PRO B 35 -7.42 -4.01 1.85
CA PRO B 35 -8.55 -3.31 1.23
C PRO B 35 -8.54 -1.82 1.51
N GLN B 36 -9.05 -1.42 2.66
CA GLN B 36 -9.09 -0.02 3.04
C GLN B 36 -7.73 0.64 2.84
N LEU B 37 -6.67 -0.16 2.92
CA LEU B 37 -5.32 0.34 2.75
C LEU B 37 -4.97 0.49 1.28
N MET B 38 -5.59 -0.35 0.44
CA MET B 38 -5.35 -0.30 -1.00
C MET B 38 -5.66 1.08 -1.56
N ALA B 39 -6.84 1.60 -1.22
CA ALA B 39 -7.24 2.92 -1.70
C ALA B 39 -6.20 3.98 -1.35
N ALA B 40 -5.85 4.06 -0.07
CA ALA B 40 -4.86 5.02 0.39
C ALA B 40 -3.49 4.75 -0.23
N PHE B 41 -3.02 3.51 -0.10
CA PHE B 41 -1.73 3.13 -0.64
C PHE B 41 -1.61 3.50 -2.11
N ILE B 42 -2.65 3.19 -2.88
CA ILE B 42 -2.68 3.50 -4.30
C ILE B 42 -2.12 4.89 -4.58
N LYS B 43 -2.35 5.81 -3.64
CA LYS B 43 -1.87 7.18 -3.77
C LYS B 43 -0.35 7.20 -3.95
N GLN B 44 0.34 6.40 -3.16
CA GLN B 44 1.81 6.34 -3.23
C GLN B 44 2.25 5.32 -4.28
N ARG B 45 1.83 4.07 -4.10
CA ARG B 45 2.18 3.01 -5.02
C ARG B 45 1.79 3.37 -6.44
N ALA B 46 0.50 3.39 -6.71
CA ALA B 46 -0.01 3.73 -8.04
C ALA B 46 0.65 4.99 -8.58
N ALA B 47 1.12 5.84 -7.66
CA ALA B 47 1.78 7.09 -8.04
C ALA B 47 3.02 6.82 -8.88
N LYS B 48 3.37 5.54 -9.03
CA LYS B 48 4.54 5.15 -9.81
C LYS B 48 4.51 5.81 -11.18
N TYR B 49 3.32 6.14 -11.65
CA TYR B 49 3.16 6.78 -12.96
C TYR B 49 2.44 8.10 -12.83
N GLN B 50 2.39 8.64 -11.62
CA GLN B 50 1.72 9.90 -11.36
C GLN B 50 2.71 10.94 -10.82
N GLY A 1 -8.38 16.01 10.44
CA GLY A 1 -9.54 15.70 9.64
C GLY A 1 -9.43 14.35 8.96
N SER A 2 -10.23 14.14 7.92
CA SER A 2 -10.22 12.88 7.19
C SER A 2 -8.83 12.58 6.64
N GLU A 3 -8.11 11.70 7.32
CA GLU A 3 -6.76 11.33 6.90
C GLU A 3 -6.34 10.00 7.53
N SER A 4 -5.93 10.06 8.78
CA SER A 4 -5.50 8.87 9.50
C SER A 4 -6.68 8.17 10.16
N GLN A 5 -7.32 8.85 11.10
CA GLN A 5 -8.48 8.29 11.79
C GLN A 5 -8.07 7.09 12.64
N ASN A 6 -6.77 6.94 12.85
CA ASN A 6 -6.25 5.82 13.64
C ASN A 6 -6.71 4.48 13.07
N ASP A 7 -6.06 4.04 12.00
CA ASP A 7 -6.40 2.77 11.36
C ASP A 7 -5.24 2.25 10.53
N GLU A 8 -5.37 1.02 10.04
CA GLU A 8 -4.33 0.41 9.23
C GLU A 8 -3.91 1.34 8.10
N LYS A 9 -4.89 1.86 7.38
CA LYS A 9 -4.63 2.77 6.26
C LYS A 9 -3.71 3.91 6.69
N ALA A 10 -3.83 4.33 7.95
CA ALA A 10 -3.01 5.40 8.48
C ALA A 10 -1.66 4.87 8.96
N LEU A 11 -1.63 3.59 9.29
CA LEU A 11 -0.40 2.96 9.77
C LEU A 11 0.70 3.03 8.71
N LEU A 12 0.42 2.46 7.55
CA LEU A 12 1.38 2.45 6.45
C LEU A 12 1.33 3.77 5.67
N ASP A 13 0.25 4.53 5.87
CA ASP A 13 0.09 5.80 5.20
C ASP A 13 1.39 6.60 5.22
N GLN A 14 2.14 6.46 6.31
CA GLN A 14 3.41 7.17 6.45
C GLN A 14 4.50 6.52 5.62
N LEU A 15 4.85 5.29 5.96
CA LEU A 15 5.88 4.56 5.24
C LEU A 15 5.61 4.56 3.74
N ASP A 16 4.33 4.53 3.38
CA ASP A 16 3.94 4.54 1.97
C ASP A 16 4.64 5.66 1.21
N SER A 17 4.99 6.72 1.93
CA SER A 17 5.66 7.86 1.33
C SER A 17 6.86 7.41 0.50
N LEU A 18 7.49 6.33 0.93
CA LEU A 18 8.65 5.79 0.23
C LEU A 18 8.33 5.53 -1.24
N LEU A 19 7.09 5.16 -1.51
CA LEU A 19 6.65 4.89 -2.87
C LEU A 19 6.97 6.05 -3.80
N SER A 20 6.87 7.27 -3.26
CA SER A 20 7.15 8.47 -4.04
C SER A 20 8.64 8.57 -4.35
N SER A 21 9.46 8.04 -3.46
CA SER A 21 10.92 8.08 -3.63
C SER A 21 11.41 6.79 -4.29
N THR A 22 10.62 6.26 -5.22
CA THR A 22 10.99 5.03 -5.91
C THR A 22 10.80 5.17 -7.42
N ASP A 23 11.53 4.36 -8.18
CA ASP A 23 11.44 4.40 -9.63
C ASP A 23 9.99 4.32 -10.09
N GLU A 24 9.63 5.19 -11.03
CA GLU A 24 8.27 5.22 -11.56
C GLU A 24 7.97 3.98 -12.40
N MET A 25 9.02 3.42 -12.98
CA MET A 25 8.88 2.23 -13.82
C MET A 25 8.51 1.01 -12.97
N GLU A 26 9.28 0.77 -11.92
CA GLU A 26 9.03 -0.36 -11.03
C GLU A 26 7.61 -0.32 -10.48
N LEU A 27 7.10 0.89 -10.29
CA LEU A 27 5.75 1.08 -9.76
C LEU A 27 4.73 0.31 -10.61
N ALA A 28 4.79 0.52 -11.92
CA ALA A 28 3.87 -0.15 -12.83
C ALA A 28 4.11 -1.65 -12.85
N GLU A 29 5.35 -2.05 -12.57
CA GLU A 29 5.71 -3.47 -12.56
C GLU A 29 4.77 -4.26 -11.65
N ILE A 30 4.67 -3.81 -10.39
CA ILE A 30 3.81 -4.47 -9.42
C ILE A 30 2.34 -4.14 -9.66
N ASP A 31 2.07 -2.88 -9.99
CA ASP A 31 0.70 -2.44 -10.25
C ASP A 31 0.04 -3.31 -11.30
N ARG A 32 0.70 -3.44 -12.46
CA ARG A 32 0.16 -4.25 -13.55
C ARG A 32 0.05 -5.72 -13.13
N ALA A 33 0.87 -6.13 -12.18
CA ALA A 33 0.86 -7.50 -11.69
C ALA A 33 -0.53 -7.89 -11.17
N LEU A 34 -1.10 -7.02 -10.33
CA LEU A 34 -2.42 -7.28 -9.77
C LEU A 34 -3.49 -6.48 -10.50
N GLY A 35 -3.06 -5.47 -11.25
CA GLY A 35 -3.99 -4.65 -11.99
C GLY A 35 -4.90 -3.83 -11.10
N ILE A 36 -4.30 -3.07 -10.18
CA ILE A 36 -5.07 -2.24 -9.26
C ILE A 36 -5.84 -1.16 -10.00
N ASP A 37 -5.45 -0.91 -11.25
CA ASP A 37 -6.11 0.10 -12.06
C ASP A 37 -7.55 -0.31 -12.37
N LYS A 38 -7.72 -1.54 -12.84
CA LYS A 38 -9.04 -2.06 -13.17
C LYS A 38 -9.50 -3.09 -12.15
N LEU A 39 -8.83 -3.12 -11.01
CA LEU A 39 -9.17 -4.05 -9.94
C LEU A 39 -10.53 -3.71 -9.33
N VAL A 40 -10.61 -2.55 -8.70
CA VAL A 40 -11.85 -2.11 -8.06
C VAL A 40 -12.00 -0.59 -8.14
N SER A 41 -11.05 0.05 -8.82
CA SER A 41 -11.08 1.51 -8.97
C SER A 41 -10.65 2.19 -7.69
N GLN A 42 -11.23 1.74 -6.56
CA GLN A 42 -10.91 2.31 -5.26
C GLN A 42 -11.54 1.49 -4.14
N GLN A 43 -10.83 1.38 -3.02
CA GLN A 43 -11.33 0.62 -1.88
C GLN A 43 -12.23 1.48 -1.01
N GLY A 44 -11.94 2.78 -0.96
CA GLY A 44 -12.74 3.69 -0.16
C GLY A 44 -11.91 4.43 0.88
N GLY A 45 -11.98 5.75 0.85
CA GLY A 45 -11.22 6.56 1.80
C GLY A 45 -11.90 7.86 2.12
N GLY B 1 -10.11 2.32 20.42
CA GLY B 1 -10.72 2.72 19.16
C GLY B 1 -9.67 3.16 18.14
N SER B 2 -8.60 3.78 18.61
CA SER B 2 -7.54 4.25 17.73
C SER B 2 -6.44 3.20 17.60
N ILE B 3 -6.83 1.96 17.29
CA ILE B 3 -5.89 0.88 17.14
C ILE B 3 -6.44 -0.22 16.24
N PRO B 4 -5.79 -0.44 15.10
CA PRO B 4 -6.19 -1.46 14.13
C PRO B 4 -5.97 -2.88 14.64
N PRO B 5 -6.53 -3.86 13.92
CA PRO B 5 -6.41 -5.28 14.28
C PRO B 5 -4.99 -5.80 14.08
N ASN B 6 -4.80 -7.08 14.37
CA ASN B 6 -3.49 -7.71 14.23
C ASN B 6 -3.29 -8.23 12.80
N ALA B 7 -4.40 -8.51 12.13
CA ALA B 7 -4.35 -9.02 10.76
C ALA B 7 -3.91 -7.92 9.78
N LEU B 8 -4.59 -6.78 9.84
CA LEU B 8 -4.27 -5.66 8.96
C LEU B 8 -2.81 -5.25 9.12
N GLN B 9 -2.36 -5.18 10.37
CA GLN B 9 -0.99 -4.79 10.65
C GLN B 9 0.00 -5.77 10.01
N ASP B 10 -0.38 -7.03 9.97
CA ASP B 10 0.47 -8.07 9.38
C ASP B 10 0.75 -7.77 7.91
N LEU B 11 -0.30 -7.48 7.16
CA LEU B 11 -0.17 -7.16 5.74
C LEU B 11 0.75 -5.97 5.52
N LEU B 12 0.33 -4.82 6.04
CA LEU B 12 1.12 -3.60 5.91
C LEU B 12 2.54 -3.80 6.44
N ARG B 13 2.66 -4.59 7.51
CA ARG B 13 3.95 -4.86 8.10
C ARG B 13 4.94 -5.37 7.05
N THR B 14 4.42 -6.02 6.02
CA THR B 14 5.24 -6.56 4.95
C THR B 14 6.04 -5.46 4.26
N LEU B 15 5.33 -4.39 3.88
CA LEU B 15 5.97 -3.26 3.20
C LEU B 15 7.03 -2.63 4.09
N ARG B 16 6.83 -2.70 5.40
CA ARG B 16 7.77 -2.13 6.36
C ARG B 16 8.56 -3.23 7.06
N SER B 17 8.64 -4.39 6.42
CA SER B 17 9.37 -5.52 6.99
C SER B 17 10.84 -5.18 7.21
N PRO B 18 11.36 -5.53 8.38
CA PRO B 18 12.77 -5.27 8.74
C PRO B 18 13.74 -6.13 7.94
N SER B 19 13.22 -6.78 6.91
CA SER B 19 14.05 -7.64 6.06
C SER B 19 14.54 -6.88 4.82
N SER B 20 15.40 -7.53 4.05
CA SER B 20 15.95 -6.92 2.85
C SER B 20 14.84 -6.39 1.95
N PRO B 21 15.22 -5.68 0.89
CA PRO B 21 14.26 -5.11 -0.07
C PRO B 21 13.58 -6.17 -0.91
N GLN B 22 14.12 -7.38 -0.90
CA GLN B 22 13.55 -8.49 -1.65
C GLN B 22 12.14 -8.81 -1.18
N GLN B 23 11.92 -8.68 0.13
CA GLN B 23 10.60 -8.95 0.70
C GLN B 23 9.52 -8.12 0.01
N GLN B 24 9.94 -7.04 -0.65
CA GLN B 24 9.00 -6.18 -1.35
C GLN B 24 8.08 -6.98 -2.26
N GLN B 25 8.58 -8.11 -2.75
CA GLN B 25 7.80 -8.97 -3.63
C GLN B 25 6.46 -9.33 -2.99
N GLN B 26 6.44 -9.41 -1.67
CA GLN B 26 5.23 -9.74 -0.94
C GLN B 26 4.23 -8.60 -0.98
N VAL B 27 4.72 -7.41 -1.31
CA VAL B 27 3.88 -6.21 -1.38
C VAL B 27 2.68 -6.46 -2.28
N LEU B 28 2.93 -6.84 -3.52
CA LEU B 28 1.88 -7.10 -4.48
C LEU B 28 0.77 -7.94 -3.86
N ASN B 29 1.15 -9.06 -3.25
CA ASN B 29 0.20 -9.96 -2.61
C ASN B 29 -0.45 -9.28 -1.40
N ILE B 30 0.31 -8.44 -0.73
CA ILE B 30 -0.19 -7.72 0.45
C ILE B 30 -1.21 -6.66 0.05
N LEU B 31 -0.93 -5.98 -1.05
CA LEU B 31 -1.82 -4.92 -1.54
C LEU B 31 -3.26 -5.41 -1.58
N LYS B 32 -3.52 -6.44 -2.38
CA LYS B 32 -4.86 -7.00 -2.50
C LYS B 32 -5.32 -7.61 -1.17
N SER B 33 -4.37 -8.13 -0.41
CA SER B 33 -4.68 -8.74 0.88
C SER B 33 -4.99 -7.68 1.92
N ASN B 34 -4.77 -6.42 1.56
CA ASN B 34 -5.03 -5.31 2.46
C ASN B 34 -6.10 -4.38 1.90
N PRO B 35 -7.26 -4.36 2.55
CA PRO B 35 -8.39 -3.52 2.13
C PRO B 35 -8.13 -2.03 2.35
N GLN B 36 -8.21 -1.60 3.60
CA GLN B 36 -7.98 -0.20 3.94
C GLN B 36 -6.68 0.30 3.32
N LEU B 37 -5.69 -0.59 3.23
CA LEU B 37 -4.40 -0.23 2.65
C LEU B 37 -4.50 -0.10 1.13
N MET B 38 -5.35 -0.92 0.53
CA MET B 38 -5.54 -0.89 -0.92
C MET B 38 -5.96 0.50 -1.38
N ALA B 39 -6.92 1.09 -0.67
CA ALA B 39 -7.42 2.42 -1.01
C ALA B 39 -6.31 3.46 -0.90
N ALA B 40 -5.68 3.52 0.27
CA ALA B 40 -4.60 4.49 0.50
C ALA B 40 -3.42 4.22 -0.42
N PHE B 41 -2.90 2.99 -0.37
CA PHE B 41 -1.77 2.61 -1.21
C PHE B 41 -2.02 2.98 -2.67
N ILE B 42 -3.22 2.69 -3.16
CA ILE B 42 -3.59 2.99 -4.53
C ILE B 42 -3.12 4.39 -4.93
N LYS B 43 -3.16 5.32 -3.98
CA LYS B 43 -2.74 6.69 -4.23
C LYS B 43 -1.30 6.73 -4.75
N GLN B 44 -0.43 5.93 -4.14
CA GLN B 44 0.97 5.88 -4.55
C GLN B 44 1.17 4.86 -5.68
N ARG B 45 0.83 3.61 -5.42
CA ARG B 45 0.97 2.56 -6.41
C ARG B 45 0.19 2.90 -7.68
N ALA B 46 -1.14 2.85 -7.57
CA ALA B 46 -2.00 3.15 -8.71
C ALA B 46 -1.55 4.43 -9.43
N ALA B 47 -0.91 5.31 -8.67
CA ALA B 47 -0.42 6.58 -9.23
C ALA B 47 0.42 6.34 -10.48
N LYS B 48 0.98 5.15 -10.57
CA LYS B 48 1.81 4.79 -11.71
C LYS B 48 1.08 5.04 -13.03
N TYR B 49 -0.25 5.06 -12.96
CA TYR B 49 -1.07 5.30 -14.14
C TYR B 49 -1.96 6.52 -13.95
N GLN B 50 -1.45 7.50 -13.22
CA GLN B 50 -2.20 8.72 -12.96
C GLN B 50 -1.46 9.94 -13.50
N GLY A 1 -11.34 4.00 7.84
CA GLY A 1 -12.44 4.45 7.01
C GLY A 1 -12.40 5.95 6.76
N SER A 2 -13.53 6.61 6.98
CA SER A 2 -13.63 8.05 6.78
C SER A 2 -13.42 8.80 8.09
N GLU A 3 -12.52 8.29 8.92
CA GLU A 3 -12.23 8.92 10.21
C GLU A 3 -10.87 8.46 10.74
N SER A 4 -10.37 9.16 11.75
CA SER A 4 -9.08 8.82 12.35
C SER A 4 -7.95 9.06 11.35
N GLN A 5 -7.09 10.02 11.66
CA GLN A 5 -5.96 10.35 10.80
C GLN A 5 -4.70 9.61 11.24
N ASN A 6 -4.89 8.49 11.95
CA ASN A 6 -3.78 7.69 12.44
C ASN A 6 -4.11 6.21 12.41
N ASP A 7 -5.02 5.82 11.52
CA ASP A 7 -5.43 4.44 11.39
C ASP A 7 -4.40 3.64 10.60
N GLU A 8 -4.76 2.40 10.24
CA GLU A 8 -3.85 1.54 9.49
C GLU A 8 -3.32 2.24 8.25
N LYS A 9 -4.21 2.98 7.59
CA LYS A 9 -3.83 3.71 6.38
C LYS A 9 -2.72 4.72 6.67
N ALA A 10 -2.72 5.25 7.89
CA ALA A 10 -1.70 6.22 8.30
C ALA A 10 -0.42 5.52 8.74
N LEU A 11 -0.55 4.27 9.14
CA LEU A 11 0.60 3.49 9.59
C LEU A 11 1.64 3.37 8.48
N LEU A 12 1.23 2.83 7.34
CA LEU A 12 2.12 2.66 6.20
C LEU A 12 2.24 3.96 5.41
N ASP A 13 1.28 4.86 5.61
CA ASP A 13 1.28 6.14 4.91
C ASP A 13 2.66 6.78 4.95
N GLN A 14 3.36 6.61 6.07
CA GLN A 14 4.70 7.17 6.22
C GLN A 14 5.73 6.39 5.40
N LEU A 15 5.95 5.14 5.78
CA LEU A 15 6.90 4.29 5.06
C LEU A 15 6.64 4.31 3.57
N ASP A 16 5.38 4.47 3.20
CA ASP A 16 4.98 4.51 1.79
C ASP A 16 5.85 5.49 1.01
N SER A 17 6.35 6.50 1.72
CA SER A 17 7.19 7.53 1.09
C SER A 17 8.30 6.89 0.26
N LEU A 18 8.78 5.73 0.72
CA LEU A 18 9.84 5.02 0.03
C LEU A 18 9.44 4.72 -1.41
N LEU A 19 8.16 4.43 -1.62
CA LEU A 19 7.66 4.13 -2.95
C LEU A 19 8.01 5.24 -3.94
N SER A 20 8.15 6.46 -3.42
CA SER A 20 8.49 7.61 -4.26
C SER A 20 9.91 7.48 -4.81
N SER A 21 10.78 6.85 -4.04
CA SER A 21 12.17 6.66 -4.44
C SER A 21 12.36 5.31 -5.13
N THR A 22 11.35 4.91 -5.91
CA THR A 22 11.40 3.63 -6.62
C THR A 22 11.28 3.84 -8.12
N ASP A 23 11.93 2.98 -8.89
CA ASP A 23 11.88 3.07 -10.35
C ASP A 23 10.44 3.16 -10.85
N GLU A 24 10.21 4.02 -11.83
CA GLU A 24 8.88 4.21 -12.40
C GLU A 24 8.43 2.96 -13.15
N MET A 25 9.40 2.26 -13.74
CA MET A 25 9.10 1.05 -14.50
C MET A 25 8.67 -0.08 -13.57
N GLU A 26 9.47 -0.33 -12.54
CA GLU A 26 9.17 -1.39 -11.58
C GLU A 26 7.77 -1.21 -10.99
N LEU A 27 7.42 0.03 -10.70
CA LEU A 27 6.11 0.35 -10.13
C LEU A 27 4.99 -0.15 -11.04
N ALA A 28 5.19 -0.03 -12.34
CA ALA A 28 4.20 -0.48 -13.32
C ALA A 28 4.03 -1.98 -13.27
N GLU A 29 5.13 -2.70 -13.06
CA GLU A 29 5.09 -4.16 -13.00
C GLU A 29 4.19 -4.63 -11.86
N ILE A 30 4.33 -3.99 -10.70
CA ILE A 30 3.54 -4.34 -9.53
C ILE A 30 2.10 -3.86 -9.68
N ASP A 31 1.94 -2.72 -10.36
CA ASP A 31 0.62 -2.15 -10.57
C ASP A 31 -0.20 -2.99 -11.53
N ARG A 32 0.35 -3.23 -12.73
CA ARG A 32 -0.33 -4.03 -13.74
C ARG A 32 -0.47 -5.47 -13.28
N ALA A 33 0.40 -5.89 -12.36
CA ALA A 33 0.37 -7.26 -11.85
C ALA A 33 -0.95 -7.54 -11.12
N LEU A 34 -1.33 -6.64 -10.23
CA LEU A 34 -2.57 -6.80 -9.47
C LEU A 34 -3.70 -6.00 -10.11
N GLY A 35 -3.34 -5.05 -10.98
CA GLY A 35 -4.34 -4.24 -11.64
C GLY A 35 -5.09 -3.35 -10.68
N ILE A 36 -4.39 -2.42 -10.05
CA ILE A 36 -5.01 -1.51 -9.08
C ILE A 36 -5.94 -0.53 -9.79
N ASP A 37 -5.94 -0.57 -11.12
CA ASP A 37 -6.78 0.32 -11.91
C ASP A 37 -8.26 0.08 -11.61
N LYS A 38 -8.61 -1.18 -11.36
CA LYS A 38 -9.99 -1.55 -11.06
C LYS A 38 -10.22 -1.60 -9.56
N LEU A 39 -9.14 -1.45 -8.79
CA LEU A 39 -9.23 -1.48 -7.33
C LEU A 39 -9.86 -0.20 -6.81
N VAL A 40 -9.96 0.81 -7.66
CA VAL A 40 -10.55 2.09 -7.29
C VAL A 40 -12.06 2.07 -7.45
N SER A 41 -12.57 1.01 -8.09
CA SER A 41 -14.00 0.88 -8.32
C SER A 41 -14.70 0.26 -7.10
N GLN A 42 -13.91 0.02 -6.06
CA GLN A 42 -14.45 -0.56 -4.83
C GLN A 42 -13.35 -0.76 -3.79
N GLN A 43 -13.67 -1.47 -2.72
CA GLN A 43 -12.71 -1.72 -1.65
C GLN A 43 -13.07 -3.00 -0.89
N GLY A 44 -14.35 -3.16 -0.59
CA GLY A 44 -14.80 -4.33 0.14
C GLY A 44 -14.76 -4.13 1.64
N GLY A 45 -13.62 -3.69 2.15
CA GLY A 45 -13.46 -3.46 3.57
C GLY A 45 -12.77 -2.16 3.88
N GLY B 1 -9.80 4.79 18.74
CA GLY B 1 -8.80 5.15 19.73
C GLY B 1 -7.45 5.41 19.10
N SER B 2 -7.46 5.97 17.89
CA SER B 2 -6.22 6.27 17.18
C SER B 2 -5.31 5.05 17.14
N ILE B 3 -5.90 3.87 16.94
CA ILE B 3 -5.14 2.63 16.86
C ILE B 3 -5.87 1.59 16.04
N PRO B 4 -5.27 1.20 14.91
CA PRO B 4 -5.85 0.20 14.01
C PRO B 4 -5.83 -1.21 14.60
N PRO B 5 -6.54 -2.14 13.96
CA PRO B 5 -6.62 -3.53 14.41
C PRO B 5 -5.29 -4.27 14.24
N ASN B 6 -5.30 -5.58 14.51
CA ASN B 6 -4.11 -6.40 14.38
C ASN B 6 -4.00 -6.99 12.98
N ALA B 7 -5.14 -7.14 12.31
CA ALA B 7 -5.17 -7.70 10.97
C ALA B 7 -4.57 -6.72 9.96
N LEU B 8 -5.06 -5.49 9.96
CA LEU B 8 -4.58 -4.46 9.05
C LEU B 8 -3.08 -4.27 9.21
N GLN B 9 -2.61 -4.26 10.46
CA GLN B 9 -1.19 -4.09 10.75
C GLN B 9 -0.36 -5.20 10.11
N ASP B 10 -0.91 -6.41 10.13
CA ASP B 10 -0.23 -7.56 9.56
C ASP B 10 0.10 -7.33 8.09
N LEU B 11 -0.90 -6.91 7.33
CA LEU B 11 -0.72 -6.64 5.90
C LEU B 11 0.35 -5.59 5.67
N LEU B 12 0.10 -4.38 6.15
CA LEU B 12 1.04 -3.28 6.00
C LEU B 12 2.40 -3.64 6.58
N ARG B 13 2.38 -4.39 7.69
CA ARG B 13 3.62 -4.82 8.34
C ARG B 13 4.58 -5.44 7.34
N THR B 14 4.02 -6.07 6.31
CA THR B 14 4.83 -6.72 5.29
C THR B 14 5.64 -5.69 4.49
N LEU B 15 5.04 -4.53 4.24
CA LEU B 15 5.70 -3.48 3.49
C LEU B 15 6.89 -2.93 4.27
N ARG B 16 6.77 -2.91 5.60
CA ARG B 16 7.84 -2.41 6.45
C ARG B 16 8.56 -3.57 7.14
N SER B 17 8.43 -4.76 6.59
CA SER B 17 9.06 -5.94 7.15
C SER B 17 10.58 -5.82 7.11
N PRO B 18 11.23 -6.12 8.24
CA PRO B 18 12.69 -6.05 8.35
C PRO B 18 13.39 -7.14 7.54
N SER B 19 13.18 -7.13 6.24
CA SER B 19 13.78 -8.12 5.35
C SER B 19 14.49 -7.44 4.18
N SER B 20 15.24 -8.23 3.41
CA SER B 20 15.96 -7.70 2.27
C SER B 20 15.02 -6.96 1.32
N PRO B 21 15.60 -6.28 0.32
CA PRO B 21 14.83 -5.52 -0.67
C PRO B 21 14.04 -6.42 -1.61
N GLN B 22 14.51 -7.66 -1.77
CA GLN B 22 13.85 -8.62 -2.65
C GLN B 22 12.44 -8.93 -2.15
N GLN B 23 12.29 -8.96 -0.83
CA GLN B 23 10.99 -9.25 -0.22
C GLN B 23 9.93 -8.28 -0.71
N GLN B 24 10.37 -7.14 -1.26
CA GLN B 24 9.45 -6.13 -1.77
C GLN B 24 8.42 -6.76 -2.70
N GLN B 25 8.82 -7.80 -3.42
CA GLN B 25 7.93 -8.48 -4.34
C GLN B 25 6.63 -8.87 -3.65
N GLN B 26 6.72 -9.21 -2.37
CA GLN B 26 5.55 -9.60 -1.59
C GLN B 26 4.66 -8.40 -1.30
N VAL B 27 5.28 -7.23 -1.14
CA VAL B 27 4.55 -6.01 -0.85
C VAL B 27 3.46 -5.77 -1.89
N LEU B 28 3.85 -5.81 -3.17
CA LEU B 28 2.91 -5.60 -4.26
C LEU B 28 1.62 -6.39 -4.04
N ASN B 29 1.77 -7.69 -3.78
CA ASN B 29 0.62 -8.56 -3.55
C ASN B 29 -0.10 -8.18 -2.25
N ILE B 30 0.67 -7.68 -1.29
CA ILE B 30 0.11 -7.28 -0.01
C ILE B 30 -0.74 -6.02 -0.15
N LEU B 31 -0.32 -5.13 -1.04
CA LEU B 31 -1.04 -3.88 -1.27
C LEU B 31 -2.53 -4.14 -1.45
N LYS B 32 -2.87 -5.04 -2.35
CA LYS B 32 -4.26 -5.38 -2.61
C LYS B 32 -4.92 -5.97 -1.37
N SER B 33 -4.11 -6.60 -0.53
CA SER B 33 -4.62 -7.21 0.70
C SER B 33 -4.97 -6.15 1.73
N ASN B 34 -4.69 -4.89 1.40
CA ASN B 34 -4.98 -3.78 2.30
C ASN B 34 -5.99 -2.82 1.67
N PRO B 35 -7.18 -2.74 2.28
CA PRO B 35 -8.26 -1.85 1.80
C PRO B 35 -7.93 -0.38 2.00
N GLN B 36 -8.16 0.11 3.21
CA GLN B 36 -7.90 1.51 3.52
C GLN B 36 -6.51 1.93 3.03
N LEU B 37 -5.56 0.99 3.10
CA LEU B 37 -4.20 1.27 2.66
C LEU B 37 -4.11 1.34 1.14
N MET B 38 -4.95 0.54 0.47
CA MET B 38 -4.97 0.52 -0.99
C MET B 38 -5.29 1.90 -1.55
N ALA B 39 -6.32 2.54 -0.99
CA ALA B 39 -6.72 3.88 -1.43
C ALA B 39 -5.59 4.88 -1.25
N ALA B 40 -5.06 4.97 -0.04
CA ALA B 40 -3.97 5.89 0.26
C ALA B 40 -2.73 5.55 -0.55
N PHE B 41 -2.27 4.30 -0.40
CA PHE B 41 -1.07 3.85 -1.13
C PHE B 41 -1.17 4.17 -2.61
N ILE B 42 -2.34 3.91 -3.19
CA ILE B 42 -2.57 4.16 -4.61
C ILE B 42 -1.98 5.51 -5.01
N LYS B 43 -2.04 6.48 -4.10
CA LYS B 43 -1.52 7.81 -4.37
C LYS B 43 -0.05 7.74 -4.82
N GLN B 44 0.73 6.91 -4.14
CA GLN B 44 2.15 6.75 -4.47
C GLN B 44 2.33 5.71 -5.56
N ARG B 45 1.91 4.48 -5.29
CA ARG B 45 2.04 3.39 -6.26
C ARG B 45 1.33 3.76 -7.57
N ALA B 46 0.01 3.79 -7.52
CA ALA B 46 -0.79 4.12 -8.70
C ALA B 46 -0.23 5.34 -9.42
N ALA B 47 0.44 6.20 -8.67
CA ALA B 47 1.04 7.41 -9.25
C ALA B 47 1.91 7.07 -10.44
N LYS B 48 2.38 5.84 -10.50
CA LYS B 48 3.23 5.38 -11.60
C LYS B 48 2.57 5.69 -12.95
N TYR B 49 1.25 5.84 -12.95
CA TYR B 49 0.51 6.12 -14.17
C TYR B 49 -0.25 7.44 -14.04
N GLN B 50 0.33 8.38 -13.31
CA GLN B 50 -0.28 9.69 -13.10
C GLN B 50 0.59 10.80 -13.68
N GLY A 1 -13.23 8.84 5.34
CA GLY A 1 -11.97 9.22 5.94
C GLY A 1 -11.69 10.71 5.80
N SER A 2 -10.95 11.26 6.76
CA SER A 2 -10.61 12.68 6.74
C SER A 2 -9.62 13.02 7.84
N GLU A 3 -8.81 14.06 7.62
CA GLU A 3 -7.81 14.48 8.58
C GLU A 3 -7.02 13.28 9.11
N SER A 4 -6.00 12.89 8.37
CA SER A 4 -5.17 11.75 8.75
C SER A 4 -4.14 12.17 9.81
N GLN A 5 -3.83 11.25 10.72
CA GLN A 5 -2.88 11.52 11.78
C GLN A 5 -2.66 10.28 12.65
N ASN A 6 -3.75 9.67 13.09
CA ASN A 6 -3.68 8.48 13.94
C ASN A 6 -4.76 7.48 13.54
N ASP A 7 -5.09 7.45 12.26
CA ASP A 7 -6.11 6.53 11.75
C ASP A 7 -5.52 5.15 11.50
N GLU A 8 -6.27 4.32 10.77
CA GLU A 8 -5.81 2.97 10.46
C GLU A 8 -4.68 3.00 9.44
N LYS A 9 -5.01 3.41 8.22
CA LYS A 9 -4.02 3.49 7.14
C LYS A 9 -2.83 4.37 7.55
N ALA A 10 -3.09 5.32 8.45
CA ALA A 10 -2.05 6.22 8.92
C ALA A 10 -0.78 5.46 9.25
N LEU A 11 -0.92 4.20 9.65
CA LEU A 11 0.22 3.36 10.00
C LEU A 11 1.22 3.30 8.85
N LEU A 12 0.74 2.87 7.67
CA LEU A 12 1.58 2.77 6.50
C LEU A 12 1.72 4.12 5.80
N ASP A 13 0.76 5.01 6.06
CA ASP A 13 0.78 6.34 5.46
C ASP A 13 2.16 6.99 5.60
N GLN A 14 2.83 6.69 6.71
CA GLN A 14 4.15 7.24 6.96
C GLN A 14 5.20 6.58 6.07
N LEU A 15 5.45 5.30 6.30
CA LEU A 15 6.43 4.56 5.52
C LEU A 15 6.17 4.72 4.02
N ASP A 16 4.90 4.81 3.65
CA ASP A 16 4.51 4.96 2.26
C ASP A 16 5.27 6.12 1.61
N SER A 17 5.71 7.07 2.43
CA SER A 17 6.46 8.22 1.94
C SER A 17 7.60 7.78 1.02
N LEU A 18 8.20 6.64 1.35
CA LEU A 18 9.30 6.11 0.55
C LEU A 18 8.87 5.90 -0.91
N LEU A 19 7.60 5.57 -1.10
CA LEU A 19 7.07 5.34 -2.44
C LEU A 19 7.36 6.53 -3.35
N SER A 20 7.51 7.71 -2.75
CA SER A 20 7.79 8.92 -3.51
C SER A 20 9.13 8.82 -4.23
N SER A 21 10.06 8.07 -3.63
CA SER A 21 11.38 7.90 -4.21
C SER A 21 11.49 6.56 -4.94
N THR A 22 10.37 6.14 -5.54
CA THR A 22 10.34 4.87 -6.27
C THR A 22 10.06 5.10 -7.75
N ASP A 23 10.84 4.44 -8.60
CA ASP A 23 10.68 4.57 -10.05
C ASP A 23 9.23 4.34 -10.45
N GLU A 24 8.77 5.08 -11.45
CA GLU A 24 7.40 4.95 -11.94
C GLU A 24 7.22 3.64 -12.69
N MET A 25 8.30 3.15 -13.29
CA MET A 25 8.26 1.91 -14.05
C MET A 25 8.06 0.71 -13.13
N GLU A 26 8.91 0.63 -12.09
CA GLU A 26 8.82 -0.47 -11.13
C GLU A 26 7.42 -0.57 -10.55
N LEU A 27 6.82 0.57 -10.25
CA LEU A 27 5.47 0.61 -9.68
C LEU A 27 4.45 0.03 -10.65
N ALA A 28 4.68 0.26 -11.95
CA ALA A 28 3.77 -0.23 -12.98
C ALA A 28 3.72 -1.76 -12.97
N GLU A 29 4.89 -2.38 -12.78
CA GLU A 29 4.98 -3.83 -12.76
C GLU A 29 4.15 -4.41 -11.63
N ILE A 30 4.20 -3.76 -10.47
CA ILE A 30 3.45 -4.21 -9.30
C ILE A 30 1.97 -3.85 -9.43
N ASP A 31 1.71 -2.69 -10.02
CA ASP A 31 0.33 -2.23 -10.20
C ASP A 31 -0.40 -3.12 -11.20
N ARG A 32 0.17 -3.26 -12.39
CA ARG A 32 -0.44 -4.07 -13.44
C ARG A 32 -0.53 -5.54 -13.01
N ALA A 33 0.39 -5.95 -12.14
CA ALA A 33 0.40 -7.32 -11.64
C ALA A 33 -0.93 -7.69 -11.00
N LEU A 34 -1.44 -6.81 -10.14
CA LEU A 34 -2.70 -7.04 -9.47
C LEU A 34 -3.84 -6.28 -10.15
N GLY A 35 -3.47 -5.30 -10.96
CA GLY A 35 -4.48 -4.52 -11.67
C GLY A 35 -5.34 -3.71 -10.73
N ILE A 36 -4.71 -2.84 -9.94
CA ILE A 36 -5.44 -2.01 -8.99
C ILE A 36 -6.34 -1.01 -9.71
N ASP A 37 -6.11 -0.84 -11.01
CA ASP A 37 -6.91 0.08 -11.82
C ASP A 37 -8.31 -0.48 -12.05
N LYS A 38 -8.37 -1.72 -12.53
CA LYS A 38 -9.64 -2.37 -12.79
C LYS A 38 -10.04 -3.28 -11.63
N LEU A 39 -9.35 -3.13 -10.51
CA LEU A 39 -9.64 -3.94 -9.33
C LEU A 39 -10.90 -3.46 -8.62
N VAL A 40 -10.86 -2.22 -8.12
CA VAL A 40 -11.99 -1.64 -7.44
C VAL A 40 -12.05 -0.12 -7.65
N SER A 41 -11.22 0.37 -8.57
CA SER A 41 -11.18 1.80 -8.86
C SER A 41 -10.45 2.56 -7.77
N GLN A 42 -10.80 2.26 -6.52
CA GLN A 42 -10.17 2.92 -5.38
C GLN A 42 -10.00 1.95 -4.22
N GLN A 43 -11.10 1.65 -3.55
CA GLN A 43 -11.08 0.74 -2.41
C GLN A 43 -12.44 0.09 -2.20
N GLY A 44 -12.47 -1.23 -2.15
CA GLY A 44 -13.72 -1.95 -1.95
C GLY A 44 -13.50 -3.41 -1.60
N GLY A 45 -12.41 -3.69 -0.90
CA GLY A 45 -12.10 -5.06 -0.50
C GLY A 45 -12.16 -5.25 0.99
N GLY B 1 -11.00 3.85 16.91
CA GLY B 1 -10.93 5.26 17.22
C GLY B 1 -9.63 5.90 16.77
N SER B 2 -8.53 5.17 16.92
CA SER B 2 -7.22 5.67 16.54
C SER B 2 -6.21 4.53 16.46
N ILE B 3 -6.68 3.35 16.06
CA ILE B 3 -5.82 2.18 15.95
C ILE B 3 -6.38 1.18 14.95
N PRO B 4 -5.57 0.80 13.96
CA PRO B 4 -5.96 -0.17 12.92
C PRO B 4 -6.12 -1.58 13.49
N PRO B 5 -6.89 -2.41 12.77
CA PRO B 5 -7.14 -3.80 13.17
C PRO B 5 -5.89 -4.67 13.02
N ASN B 6 -5.79 -5.69 13.88
CA ASN B 6 -4.65 -6.60 13.85
C ASN B 6 -4.40 -7.12 12.43
N ALA B 7 -5.49 -7.26 11.67
CA ALA B 7 -5.39 -7.74 10.30
C ALA B 7 -4.69 -6.73 9.40
N LEU B 8 -5.21 -5.51 9.39
CA LEU B 8 -4.63 -4.44 8.57
C LEU B 8 -3.16 -4.24 8.90
N GLN B 9 -2.84 -4.30 10.19
CA GLN B 9 -1.47 -4.12 10.65
C GLN B 9 -0.56 -5.22 10.09
N ASP B 10 -1.09 -6.43 10.03
CA ASP B 10 -0.33 -7.57 9.51
C ASP B 10 0.12 -7.32 8.08
N LEU B 11 -0.82 -6.99 7.21
CA LEU B 11 -0.52 -6.72 5.81
C LEU B 11 0.49 -5.59 5.67
N LEU B 12 0.11 -4.40 6.12
CA LEU B 12 0.98 -3.24 6.05
C LEU B 12 2.32 -3.53 6.74
N ARG B 13 2.27 -4.24 7.85
CA ARG B 13 3.47 -4.60 8.59
C ARG B 13 4.52 -5.21 7.67
N THR B 14 4.06 -5.87 6.61
CA THR B 14 4.97 -6.50 5.66
C THR B 14 5.84 -5.48 4.96
N LEU B 15 5.20 -4.49 4.33
CA LEU B 15 5.94 -3.44 3.63
C LEU B 15 6.72 -2.57 4.60
N ARG B 16 6.36 -2.64 5.88
CA ARG B 16 7.03 -1.87 6.91
C ARG B 16 8.24 -2.62 7.45
N SER B 17 8.16 -3.94 7.47
CA SER B 17 9.25 -4.77 7.96
C SER B 17 10.57 -4.38 7.30
N PRO B 18 11.58 -4.10 8.12
CA PRO B 18 12.92 -3.72 7.64
C PRO B 18 13.65 -4.88 6.97
N SER B 19 13.38 -5.07 5.68
CA SER B 19 14.01 -6.15 4.92
C SER B 19 14.63 -5.61 3.64
N SER B 20 15.46 -6.44 2.99
CA SER B 20 16.12 -6.05 1.76
C SER B 20 15.10 -5.58 0.72
N PRO B 21 15.60 -5.03 -0.39
CA PRO B 21 14.75 -4.54 -1.48
C PRO B 21 14.06 -5.68 -2.24
N GLN B 22 14.58 -6.88 -2.09
CA GLN B 22 14.01 -8.05 -2.76
C GLN B 22 12.65 -8.40 -2.16
N GLN B 23 12.58 -8.44 -0.83
CA GLN B 23 11.34 -8.76 -0.14
C GLN B 23 10.21 -7.85 -0.60
N GLN B 24 10.57 -6.70 -1.17
CA GLN B 24 9.59 -5.74 -1.66
C GLN B 24 8.54 -6.43 -2.52
N GLN B 25 8.95 -7.46 -3.24
CA GLN B 25 8.04 -8.21 -4.12
C GLN B 25 6.78 -8.60 -3.37
N GLN B 26 6.90 -8.84 -2.07
CA GLN B 26 5.76 -9.22 -1.24
C GLN B 26 4.83 -8.04 -1.03
N VAL B 27 5.40 -6.84 -0.93
CA VAL B 27 4.61 -5.63 -0.71
C VAL B 27 3.51 -5.50 -1.76
N LEU B 28 3.89 -5.62 -3.03
CA LEU B 28 2.94 -5.51 -4.13
C LEU B 28 1.70 -6.35 -3.85
N ASN B 29 1.90 -7.62 -3.51
CA ASN B 29 0.80 -8.53 -3.21
C ASN B 29 0.07 -8.09 -1.95
N ILE B 30 0.80 -7.48 -1.03
CA ILE B 30 0.23 -7.01 0.23
C ILE B 30 -0.75 -5.87 0.00
N LEU B 31 -0.43 -5.01 -0.97
CA LEU B 31 -1.28 -3.88 -1.30
C LEU B 31 -2.74 -4.31 -1.41
N LYS B 32 -3.00 -5.29 -2.26
CA LYS B 32 -4.34 -5.79 -2.47
C LYS B 32 -4.91 -6.38 -1.17
N SER B 33 -4.02 -6.90 -0.33
CA SER B 33 -4.44 -7.49 0.94
C SER B 33 -4.88 -6.42 1.92
N ASN B 34 -4.73 -5.16 1.52
CA ASN B 34 -5.11 -4.03 2.36
C ASN B 34 -6.22 -3.21 1.71
N PRO B 35 -7.40 -3.21 2.34
CA PRO B 35 -8.56 -2.46 1.85
C PRO B 35 -8.38 -0.96 1.97
N GLN B 36 -8.76 -0.41 3.13
CA GLN B 36 -8.64 1.02 3.36
C GLN B 36 -7.24 1.52 2.99
N LEU B 37 -6.25 0.65 3.14
CA LEU B 37 -4.87 1.01 2.82
C LEU B 37 -4.66 1.06 1.31
N MET B 38 -5.42 0.25 0.58
CA MET B 38 -5.32 0.20 -0.87
C MET B 38 -5.64 1.56 -1.48
N ALA B 39 -6.77 2.13 -1.09
CA ALA B 39 -7.19 3.43 -1.59
C ALA B 39 -6.11 4.49 -1.35
N ALA B 40 -5.67 4.58 -0.10
CA ALA B 40 -4.65 5.56 0.26
C ALA B 40 -3.33 5.27 -0.46
N PHE B 41 -2.85 4.04 -0.33
CA PHE B 41 -1.60 3.63 -0.97
C PHE B 41 -1.62 3.96 -2.46
N ILE B 42 -2.72 3.62 -3.12
CA ILE B 42 -2.87 3.88 -4.54
C ILE B 42 -2.38 5.28 -4.91
N LYS B 43 -2.57 6.21 -3.97
CA LYS B 43 -2.15 7.59 -4.18
C LYS B 43 -0.66 7.66 -4.55
N GLN B 44 0.16 6.92 -3.81
CA GLN B 44 1.60 6.89 -4.06
C GLN B 44 1.94 5.91 -5.17
N ARG B 45 1.57 4.64 -4.97
CA ARG B 45 1.85 3.59 -5.95
C ARG B 45 1.24 3.95 -7.31
N ALA B 46 -0.09 3.92 -7.37
CA ALA B 46 -0.80 4.24 -8.61
C ALA B 46 -0.26 5.53 -9.23
N ALA B 47 0.28 6.41 -8.40
CA ALA B 47 0.83 7.67 -8.87
C ALA B 47 1.84 7.44 -9.99
N LYS B 48 2.35 6.22 -10.08
CA LYS B 48 3.33 5.86 -11.11
C LYS B 48 2.83 6.27 -12.49
N TYR B 49 1.51 6.40 -12.62
CA TYR B 49 0.91 6.78 -13.90
C TYR B 49 0.12 8.07 -13.75
N GLN B 50 0.58 8.95 -12.87
CA GLN B 50 -0.09 10.22 -12.64
C GLN B 50 0.84 11.39 -12.96
N GLY A 1 -11.57 8.20 4.69
CA GLY A 1 -12.62 9.20 4.61
C GLY A 1 -12.08 10.61 4.62
N SER A 2 -10.93 10.81 3.98
CA SER A 2 -10.31 12.13 3.92
C SER A 2 -10.04 12.67 5.32
N GLU A 3 -9.72 11.77 6.25
CA GLU A 3 -9.45 12.15 7.62
C GLU A 3 -8.65 11.09 8.35
N SER A 4 -7.57 10.64 7.72
CA SER A 4 -6.71 9.61 8.30
C SER A 4 -5.77 10.20 9.35
N GLN A 5 -5.55 9.45 10.41
CA GLN A 5 -4.67 9.91 11.49
C GLN A 5 -4.52 8.83 12.56
N ASN A 6 -5.61 8.10 12.81
CA ASN A 6 -5.60 7.04 13.81
C ASN A 6 -6.29 5.78 13.28
N ASP A 7 -5.79 5.27 12.16
CA ASP A 7 -6.36 4.07 11.55
C ASP A 7 -5.33 3.39 10.64
N GLU A 8 -5.63 2.16 10.24
CA GLU A 8 -4.75 1.39 9.38
C GLU A 8 -4.33 2.22 8.16
N LYS A 9 -5.32 2.80 7.48
CA LYS A 9 -5.06 3.61 6.30
C LYS A 9 -4.05 4.71 6.60
N ALA A 10 -4.03 5.17 7.85
CA ALA A 10 -3.11 6.21 8.27
C ALA A 10 -1.79 5.60 8.77
N LEU A 11 -1.84 4.35 9.18
CA LEU A 11 -0.66 3.65 9.68
C LEU A 11 0.44 3.61 8.62
N LEU A 12 0.11 3.05 7.47
CA LEU A 12 1.07 2.95 6.37
C LEU A 12 1.12 4.25 5.57
N ASP A 13 0.09 5.07 5.73
CA ASP A 13 0.02 6.35 5.03
C ASP A 13 1.36 7.08 5.08
N GLN A 14 2.01 7.04 6.25
CA GLN A 14 3.30 7.69 6.44
C GLN A 14 4.38 6.99 5.63
N LEU A 15 4.71 5.76 6.03
CA LEU A 15 5.73 4.99 5.34
C LEU A 15 5.48 4.95 3.84
N ASP A 16 4.21 5.01 3.46
CA ASP A 16 3.83 4.98 2.05
C ASP A 16 4.60 6.03 1.26
N SER A 17 5.07 7.06 1.96
CA SER A 17 5.82 8.14 1.32
C SER A 17 6.93 7.57 0.43
N LEU A 18 7.49 6.44 0.86
CA LEU A 18 8.56 5.80 0.10
C LEU A 18 8.12 5.50 -1.33
N LEU A 19 6.84 5.19 -1.50
CA LEU A 19 6.29 4.88 -2.81
C LEU A 19 6.62 5.99 -3.81
N SER A 20 6.71 7.22 -3.31
CA SER A 20 7.01 8.36 -4.16
C SER A 20 8.43 8.25 -4.74
N SER A 21 9.33 7.66 -3.96
CA SER A 21 10.71 7.49 -4.38
C SER A 21 10.90 6.17 -5.13
N THR A 22 9.90 5.80 -5.91
CA THR A 22 9.94 4.55 -6.67
C THR A 22 9.77 4.82 -8.17
N ASP A 23 10.60 4.16 -8.97
CA ASP A 23 10.54 4.31 -10.42
C ASP A 23 9.11 4.19 -10.92
N GLU A 24 8.78 4.99 -11.94
CA GLU A 24 7.44 4.98 -12.51
C GLU A 24 7.20 3.69 -13.30
N MET A 25 8.26 3.14 -13.87
CA MET A 25 8.17 1.91 -14.64
C MET A 25 7.90 0.71 -13.73
N GLU A 26 8.73 0.56 -12.71
CA GLU A 26 8.59 -0.54 -11.77
C GLU A 26 7.20 -0.55 -11.14
N LEU A 27 6.68 0.64 -10.85
CA LEU A 27 5.36 0.76 -10.25
C LEU A 27 4.29 0.14 -11.14
N ALA A 28 4.50 0.24 -12.45
CA ALA A 28 3.56 -0.32 -13.41
C ALA A 28 3.59 -1.85 -13.39
N GLU A 29 4.77 -2.41 -13.15
CA GLU A 29 4.94 -3.85 -13.10
C GLU A 29 4.16 -4.45 -11.93
N ILE A 30 4.17 -3.76 -10.80
CA ILE A 30 3.47 -4.23 -9.61
C ILE A 30 1.96 -4.01 -9.75
N ASP A 31 1.58 -2.92 -10.40
CA ASP A 31 0.18 -2.59 -10.61
C ASP A 31 -0.51 -3.66 -11.46
N ARG A 32 0.04 -3.90 -12.66
CA ARG A 32 -0.52 -4.88 -13.57
C ARG A 32 -0.35 -6.29 -13.01
N ALA A 33 0.63 -6.46 -12.14
CA ALA A 33 0.90 -7.76 -11.53
C ALA A 33 -0.31 -8.25 -10.73
N LEU A 34 -0.83 -7.38 -9.87
CA LEU A 34 -1.99 -7.72 -9.04
C LEU A 34 -3.27 -7.17 -9.65
N GLY A 35 -3.12 -6.20 -10.55
CA GLY A 35 -4.29 -5.60 -11.18
C GLY A 35 -5.13 -4.81 -10.21
N ILE A 36 -4.55 -3.74 -9.66
CA ILE A 36 -5.27 -2.90 -8.71
C ILE A 36 -6.43 -2.17 -9.39
N ASP A 37 -6.09 -1.23 -10.27
CA ASP A 37 -7.10 -0.46 -10.98
C ASP A 37 -7.89 -1.35 -11.93
N LYS A 38 -7.40 -2.57 -12.12
CA LYS A 38 -8.07 -3.53 -13.01
C LYS A 38 -9.04 -4.40 -12.24
N LEU A 39 -8.82 -4.52 -10.93
CA LEU A 39 -9.69 -5.33 -10.09
C LEU A 39 -11.04 -4.65 -9.88
N VAL A 40 -11.00 -3.43 -9.35
CA VAL A 40 -12.22 -2.68 -9.10
C VAL A 40 -12.00 -1.19 -9.35
N SER A 41 -10.86 -0.85 -9.93
CA SER A 41 -10.52 0.54 -10.23
C SER A 41 -10.08 1.26 -8.97
N GLN A 42 -10.82 1.07 -7.89
CA GLN A 42 -10.50 1.71 -6.61
C GLN A 42 -11.18 0.99 -5.45
N GLN A 43 -10.57 1.06 -4.28
CA GLN A 43 -11.12 0.42 -3.09
C GLN A 43 -12.17 1.31 -2.43
N GLY A 44 -11.95 2.62 -2.49
CA GLY A 44 -12.88 3.56 -1.88
C GLY A 44 -13.16 3.24 -0.43
N GLY A 45 -12.18 3.52 0.43
CA GLY A 45 -12.34 3.26 1.85
C GLY A 45 -11.23 3.87 2.68
N GLY B 1 -8.82 5.21 23.05
CA GLY B 1 -9.35 5.05 21.71
C GLY B 1 -8.28 5.09 20.64
N SER B 2 -8.70 5.19 19.39
CA SER B 2 -7.76 5.23 18.27
C SER B 2 -6.84 4.02 18.29
N ILE B 3 -7.37 2.88 17.82
CA ILE B 3 -6.60 1.64 17.78
C ILE B 3 -7.13 0.71 16.70
N PRO B 4 -6.38 0.60 15.59
CA PRO B 4 -6.75 -0.26 14.46
C PRO B 4 -6.64 -1.74 14.80
N PRO B 5 -7.16 -2.60 13.91
CA PRO B 5 -7.13 -4.06 14.10
C PRO B 5 -5.71 -4.62 13.96
N ASN B 6 -5.58 -5.93 14.20
CA ASN B 6 -4.29 -6.58 14.09
C ASN B 6 -4.11 -7.21 12.72
N ALA B 7 -5.22 -7.53 12.07
CA ALA B 7 -5.17 -8.13 10.73
C ALA B 7 -4.64 -7.15 9.70
N LEU B 8 -5.27 -5.98 9.62
CA LEU B 8 -4.87 -4.95 8.67
C LEU B 8 -3.41 -4.54 8.91
N GLN B 9 -3.03 -4.45 10.18
CA GLN B 9 -1.67 -4.06 10.54
C GLN B 9 -0.66 -5.07 9.99
N ASP B 10 -1.06 -6.33 9.94
CA ASP B 10 -0.19 -7.38 9.43
C ASP B 10 0.19 -7.12 7.97
N LEU B 11 -0.81 -6.86 7.15
CA LEU B 11 -0.58 -6.59 5.73
C LEU B 11 0.34 -5.39 5.55
N LEU B 12 -0.09 -4.24 6.03
CA LEU B 12 0.69 -3.01 5.93
C LEU B 12 2.07 -3.19 6.55
N ARG B 13 2.12 -3.97 7.62
CA ARG B 13 3.39 -4.22 8.31
C ARG B 13 4.47 -4.67 7.33
N THR B 14 4.05 -5.33 6.26
CA THR B 14 4.98 -5.81 5.24
C THR B 14 5.71 -4.65 4.58
N LEU B 15 5.04 -3.50 4.49
CA LEU B 15 5.64 -2.32 3.88
C LEU B 15 6.85 -1.84 4.69
N ARG B 16 6.76 -1.98 6.01
CA ARG B 16 7.85 -1.56 6.89
C ARG B 16 8.55 -2.77 7.50
N SER B 17 8.41 -3.91 6.84
CA SER B 17 9.03 -5.15 7.32
C SER B 17 10.55 -5.01 7.35
N PRO B 18 11.16 -5.39 8.48
CA PRO B 18 12.62 -5.32 8.66
C PRO B 18 13.35 -6.36 7.80
N SER B 19 13.16 -6.27 6.49
CA SER B 19 13.81 -7.19 5.57
C SER B 19 14.52 -6.44 4.45
N SER B 20 15.31 -7.16 3.66
CA SER B 20 16.05 -6.56 2.56
C SER B 20 15.11 -5.82 1.61
N PRO B 21 15.68 -5.11 0.63
CA PRO B 21 14.92 -4.37 -0.36
C PRO B 21 14.18 -5.28 -1.34
N GLN B 22 14.72 -6.47 -1.54
CA GLN B 22 14.11 -7.44 -2.45
C GLN B 22 12.72 -7.86 -1.96
N GLN B 23 12.57 -7.91 -0.64
CA GLN B 23 11.30 -8.30 -0.03
C GLN B 23 10.17 -7.40 -0.53
N GLN B 24 10.52 -6.24 -1.07
CA GLN B 24 9.54 -5.29 -1.57
C GLN B 24 8.55 -5.98 -2.50
N GLN B 25 9.02 -7.00 -3.21
CA GLN B 25 8.17 -7.74 -4.13
C GLN B 25 6.89 -8.20 -3.44
N GLN B 26 6.97 -8.44 -2.14
CA GLN B 26 5.82 -8.88 -1.36
C GLN B 26 4.82 -7.75 -1.19
N VAL B 27 5.32 -6.53 -1.10
CA VAL B 27 4.46 -5.36 -0.93
C VAL B 27 3.39 -5.31 -2.02
N LEU B 28 3.82 -5.39 -3.27
CA LEU B 28 2.90 -5.36 -4.40
C LEU B 28 1.70 -6.27 -4.15
N ASN B 29 1.98 -7.52 -3.80
CA ASN B 29 0.93 -8.49 -3.53
C ASN B 29 0.17 -8.15 -2.26
N ILE B 30 0.87 -7.52 -1.31
CA ILE B 30 0.26 -7.13 -0.05
C ILE B 30 -0.76 -6.01 -0.24
N LEU B 31 -0.49 -5.15 -1.23
CA LEU B 31 -1.38 -4.03 -1.53
C LEU B 31 -2.83 -4.50 -1.59
N LYS B 32 -3.11 -5.45 -2.47
CA LYS B 32 -4.45 -5.98 -2.63
C LYS B 32 -4.95 -6.60 -1.31
N SER B 33 -4.02 -7.06 -0.50
CA SER B 33 -4.36 -7.67 0.78
C SER B 33 -4.85 -6.62 1.77
N ASN B 34 -4.74 -5.35 1.39
CA ASN B 34 -5.18 -4.25 2.25
C ASN B 34 -6.31 -3.47 1.59
N PRO B 35 -7.50 -3.52 2.20
CA PRO B 35 -8.68 -2.82 1.71
C PRO B 35 -8.57 -1.31 1.83
N GLN B 36 -8.88 -0.79 3.02
CA GLN B 36 -8.81 0.64 3.28
C GLN B 36 -7.48 1.20 2.81
N LEU B 37 -6.41 0.42 2.96
CA LEU B 37 -5.09 0.84 2.55
C LEU B 37 -4.96 0.88 1.03
N MET B 38 -5.70 -0.01 0.36
CA MET B 38 -5.68 -0.08 -1.09
C MET B 38 -6.13 1.25 -1.71
N ALA B 39 -7.25 1.77 -1.22
CA ALA B 39 -7.78 3.03 -1.73
C ALA B 39 -6.76 4.16 -1.58
N ALA B 40 -6.23 4.32 -0.38
CA ALA B 40 -5.24 5.36 -0.12
C ALA B 40 -3.96 5.11 -0.91
N PHE B 41 -3.38 3.92 -0.74
CA PHE B 41 -2.15 3.56 -1.43
C PHE B 41 -2.28 3.82 -2.93
N ILE B 42 -3.40 3.39 -3.51
CA ILE B 42 -3.64 3.59 -4.93
C ILE B 42 -3.25 5.00 -5.37
N LYS B 43 -3.46 5.96 -4.49
CA LYS B 43 -3.13 7.35 -4.78
C LYS B 43 -1.67 7.48 -5.23
N GLN B 44 -0.78 6.80 -4.52
CA GLN B 44 0.64 6.84 -4.84
C GLN B 44 0.99 5.82 -5.94
N ARG B 45 0.75 4.54 -5.64
CA ARG B 45 1.02 3.49 -6.61
C ARG B 45 0.30 3.74 -7.93
N ALA B 46 -1.02 3.64 -7.90
CA ALA B 46 -1.83 3.85 -9.09
C ALA B 46 -1.39 5.10 -9.84
N ALA B 47 -0.83 6.06 -9.10
CA ALA B 47 -0.36 7.30 -9.69
C ALA B 47 0.56 7.03 -10.87
N LYS B 48 1.17 5.85 -10.88
CA LYS B 48 2.08 5.47 -11.96
C LYS B 48 1.43 5.66 -13.32
N TYR B 49 0.10 5.66 -13.35
CA TYR B 49 -0.64 5.84 -14.58
C TYR B 49 -1.55 7.05 -14.51
N GLN B 50 -1.10 8.07 -13.78
CA GLN B 50 -1.87 9.30 -13.62
C GLN B 50 -1.11 10.50 -14.18
N GLY A 1 -4.34 15.44 -0.40
CA GLY A 1 -3.39 15.26 0.70
C GLY A 1 -3.66 14.02 1.51
N SER A 2 -2.83 13.78 2.52
CA SER A 2 -2.99 12.61 3.37
C SER A 2 -3.86 12.92 4.59
N GLU A 3 -3.32 13.75 5.50
CA GLU A 3 -4.05 14.13 6.70
C GLU A 3 -4.23 12.93 7.63
N SER A 4 -5.17 12.04 7.28
CA SER A 4 -5.44 10.86 8.08
C SER A 4 -6.06 11.24 9.42
N GLN A 5 -7.23 10.67 9.71
CA GLN A 5 -7.92 10.95 10.96
C GLN A 5 -7.55 9.94 12.04
N ASN A 6 -6.28 9.55 12.07
CA ASN A 6 -5.80 8.58 13.04
C ASN A 6 -6.49 7.23 12.85
N ASP A 7 -6.05 6.48 11.85
CA ASP A 7 -6.63 5.17 11.56
C ASP A 7 -5.62 4.30 10.80
N GLU A 8 -6.07 3.12 10.40
CA GLU A 8 -5.21 2.18 9.67
C GLU A 8 -4.51 2.88 8.51
N LYS A 9 -5.30 3.54 7.67
CA LYS A 9 -4.76 4.24 6.51
C LYS A 9 -3.65 5.20 6.94
N ALA A 10 -3.76 5.73 8.15
CA ALA A 10 -2.77 6.65 8.68
C ALA A 10 -1.46 5.93 8.99
N LEU A 11 -1.57 4.67 9.38
CA LEU A 11 -0.40 3.85 9.72
C LEU A 11 0.56 3.77 8.53
N LEU A 12 0.04 3.30 7.40
CA LEU A 12 0.85 3.18 6.18
C LEU A 12 0.98 4.51 5.46
N ASP A 13 0.06 5.43 5.77
CA ASP A 13 0.08 6.75 5.15
C ASP A 13 1.47 7.36 5.21
N GLN A 14 2.05 7.38 6.41
CA GLN A 14 3.38 7.94 6.60
C GLN A 14 4.44 7.09 5.90
N LEU A 15 4.35 5.78 6.09
CA LEU A 15 5.30 4.86 5.48
C LEU A 15 5.26 4.95 3.95
N ASP A 16 4.09 5.28 3.42
CA ASP A 16 3.91 5.41 1.98
C ASP A 16 4.98 6.30 1.38
N SER A 17 5.51 7.21 2.19
CA SER A 17 6.56 8.12 1.75
C SER A 17 7.67 7.37 1.02
N LEU A 18 7.98 6.17 1.50
CA LEU A 18 9.02 5.35 0.90
C LEU A 18 8.68 5.01 -0.56
N LEU A 19 7.39 4.77 -0.80
CA LEU A 19 6.93 4.43 -2.15
C LEU A 19 7.41 5.46 -3.16
N SER A 20 7.59 6.70 -2.70
CA SER A 20 8.04 7.77 -3.58
C SER A 20 9.45 7.50 -4.09
N SER A 21 10.27 6.85 -3.27
CA SER A 21 11.63 6.53 -3.65
C SER A 21 11.70 5.20 -4.40
N THR A 22 10.70 4.96 -5.24
CA THR A 22 10.64 3.73 -6.02
C THR A 22 10.41 4.03 -7.50
N ASP A 23 11.05 3.25 -8.37
CA ASP A 23 10.91 3.44 -9.81
C ASP A 23 9.44 3.55 -10.20
N GLU A 24 9.15 4.45 -11.13
CA GLU A 24 7.78 4.65 -11.59
C GLU A 24 7.31 3.46 -12.44
N MET A 25 8.24 2.88 -13.19
CA MET A 25 7.92 1.74 -14.04
C MET A 25 7.65 0.49 -13.20
N GLU A 26 8.47 0.28 -12.18
CA GLU A 26 8.33 -0.87 -11.30
C GLU A 26 6.92 -0.93 -10.71
N LEU A 27 6.39 0.23 -10.36
CA LEU A 27 5.06 0.31 -9.78
C LEU A 27 4.00 -0.17 -10.77
N ALA A 28 4.26 0.04 -12.05
CA ALA A 28 3.33 -0.38 -13.10
C ALA A 28 3.23 -1.91 -13.17
N GLU A 29 4.36 -2.57 -12.91
CA GLU A 29 4.39 -4.04 -12.95
C GLU A 29 3.56 -4.63 -11.81
N ILE A 30 3.62 -3.98 -10.65
CA ILE A 30 2.87 -4.45 -9.49
C ILE A 30 1.39 -4.09 -9.61
N ASP A 31 1.12 -2.93 -10.18
CA ASP A 31 -0.26 -2.47 -10.36
C ASP A 31 -1.01 -3.38 -11.33
N ARG A 32 -0.45 -3.55 -12.53
CA ARG A 32 -1.07 -4.38 -13.55
C ARG A 32 -1.06 -5.85 -13.13
N ALA A 33 -0.07 -6.23 -12.32
CA ALA A 33 0.07 -7.59 -11.85
C ALA A 33 -1.19 -8.04 -11.13
N LEU A 34 -1.67 -7.21 -10.21
CA LEU A 34 -2.87 -7.52 -9.44
C LEU A 34 -4.09 -6.78 -10.00
N GLY A 35 -3.82 -5.76 -10.82
CA GLY A 35 -4.90 -4.98 -11.40
C GLY A 35 -5.72 -4.24 -10.36
N ILE A 36 -5.09 -3.29 -9.69
CA ILE A 36 -5.76 -2.50 -8.65
C ILE A 36 -6.87 -1.64 -9.26
N ASP A 37 -6.48 -0.60 -9.98
CA ASP A 37 -7.43 0.30 -10.61
C ASP A 37 -8.20 -0.43 -11.71
N LYS A 38 -7.76 -1.62 -12.05
CA LYS A 38 -8.40 -2.41 -13.10
C LYS A 38 -9.50 -3.30 -12.51
N LEU A 39 -9.37 -3.61 -11.22
CA LEU A 39 -10.34 -4.45 -10.53
C LEU A 39 -11.65 -3.71 -10.34
N VAL A 40 -11.59 -2.57 -9.66
CA VAL A 40 -12.77 -1.75 -9.41
C VAL A 40 -12.45 -0.26 -9.51
N SER A 41 -11.24 0.05 -9.93
CA SER A 41 -10.80 1.43 -10.07
C SER A 41 -10.76 2.12 -8.70
N GLN A 42 -10.91 1.34 -7.64
CA GLN A 42 -10.89 1.88 -6.28
C GLN A 42 -11.10 0.76 -5.26
N GLN A 43 -11.41 1.16 -4.03
CA GLN A 43 -11.63 0.19 -2.96
C GLN A 43 -12.62 0.73 -1.93
N GLY A 44 -12.71 0.05 -0.79
CA GLY A 44 -13.62 0.47 0.25
C GLY A 44 -13.93 -0.64 1.24
N GLY A 45 -12.95 -1.01 2.05
CA GLY A 45 -13.15 -2.06 3.02
C GLY A 45 -12.29 -1.89 4.25
N GLY B 1 -9.48 5.72 21.02
CA GLY B 1 -10.26 5.80 19.80
C GLY B 1 -9.44 6.25 18.61
N SER B 2 -8.36 5.53 18.33
CA SER B 2 -7.49 5.88 17.21
C SER B 2 -6.39 4.84 17.04
N ILE B 3 -6.79 3.60 16.78
CA ILE B 3 -5.84 2.50 16.59
C ILE B 3 -6.43 1.40 15.72
N PRO B 4 -5.71 1.06 14.64
CA PRO B 4 -6.15 0.02 13.71
C PRO B 4 -6.08 -1.38 14.32
N PRO B 5 -6.71 -2.36 13.65
CA PRO B 5 -6.73 -3.75 14.13
C PRO B 5 -5.37 -4.42 14.01
N ASN B 6 -5.33 -5.72 14.29
CA ASN B 6 -4.09 -6.47 14.22
C ASN B 6 -3.89 -7.06 12.81
N ALA B 7 -4.99 -7.30 12.12
CA ALA B 7 -4.94 -7.85 10.77
C ALA B 7 -4.38 -6.85 9.78
N LEU B 8 -4.96 -5.66 9.76
CA LEU B 8 -4.53 -4.60 8.86
C LEU B 8 -3.05 -4.30 9.06
N GLN B 9 -2.62 -4.24 10.31
CA GLN B 9 -1.23 -3.96 10.64
C GLN B 9 -0.31 -5.04 10.08
N ASP B 10 -0.78 -6.28 10.11
CA ASP B 10 0.00 -7.40 9.61
C ASP B 10 0.39 -7.18 8.15
N LEU B 11 -0.61 -6.92 7.32
CA LEU B 11 -0.37 -6.68 5.89
C LEU B 11 0.56 -5.49 5.69
N LEU B 12 0.10 -4.31 6.07
CA LEU B 12 0.90 -3.10 5.93
C LEU B 12 2.28 -3.27 6.54
N ARG B 13 2.33 -3.97 7.67
CA ARG B 13 3.60 -4.22 8.36
C ARG B 13 4.65 -4.76 7.39
N THR B 14 4.20 -5.56 6.43
CA THR B 14 5.10 -6.14 5.45
C THR B 14 5.81 -5.06 4.64
N LEU B 15 5.02 -4.26 3.92
CA LEU B 15 5.57 -3.18 3.11
C LEU B 15 6.11 -2.06 3.99
N ARG B 16 5.79 -2.11 5.27
CA ARG B 16 6.24 -1.09 6.21
C ARG B 16 7.68 -1.36 6.66
N SER B 17 8.02 -2.64 6.75
CA SER B 17 9.37 -3.04 7.18
C SER B 17 10.43 -2.42 6.27
N PRO B 18 11.37 -1.68 6.88
CA PRO B 18 12.46 -1.03 6.14
C PRO B 18 13.46 -2.02 5.58
N SER B 19 12.98 -2.90 4.70
CA SER B 19 13.83 -3.92 4.09
C SER B 19 14.29 -3.46 2.70
N SER B 20 15.25 -4.18 2.14
CA SER B 20 15.79 -3.85 0.83
C SER B 20 14.67 -3.76 -0.21
N PRO B 21 15.02 -3.28 -1.41
CA PRO B 21 14.06 -3.13 -2.51
C PRO B 21 13.60 -4.46 -3.07
N GLN B 22 14.29 -5.53 -2.69
CA GLN B 22 13.95 -6.87 -3.15
C GLN B 22 12.64 -7.34 -2.54
N GLN B 23 12.52 -7.23 -1.22
CA GLN B 23 11.32 -7.65 -0.53
C GLN B 23 10.09 -6.94 -1.09
N GLN B 24 10.32 -5.83 -1.78
CA GLN B 24 9.23 -5.07 -2.38
C GLN B 24 8.28 -5.97 -3.15
N GLN B 25 8.85 -6.97 -3.84
CA GLN B 25 8.06 -7.90 -4.62
C GLN B 25 6.90 -8.45 -3.80
N GLN B 26 7.12 -8.60 -2.50
CA GLN B 26 6.09 -9.12 -1.60
C GLN B 26 5.04 -8.06 -1.30
N VAL B 27 5.48 -6.80 -1.22
CA VAL B 27 4.59 -5.69 -0.93
C VAL B 27 3.40 -5.68 -1.89
N LEU B 28 3.68 -5.81 -3.19
CA LEU B 28 2.65 -5.82 -4.21
C LEU B 28 1.49 -6.73 -3.81
N ASN B 29 1.83 -7.99 -3.52
CA ASN B 29 0.83 -8.97 -3.12
C ASN B 29 0.11 -8.54 -1.84
N ILE B 30 0.83 -7.81 -0.98
CA ILE B 30 0.27 -7.34 0.27
C ILE B 30 -0.75 -6.23 0.02
N LEU B 31 -0.43 -5.34 -0.91
CA LEU B 31 -1.33 -4.23 -1.24
C LEU B 31 -2.75 -4.73 -1.44
N LYS B 32 -2.92 -5.78 -2.22
CA LYS B 32 -4.23 -6.35 -2.48
C LYS B 32 -4.85 -6.90 -1.20
N SER B 33 -3.99 -7.38 -0.29
CA SER B 33 -4.46 -7.93 0.98
C SER B 33 -4.97 -6.82 1.90
N ASN B 34 -4.74 -5.58 1.50
CA ASN B 34 -5.17 -4.43 2.30
C ASN B 34 -6.28 -3.67 1.59
N PRO B 35 -7.50 -3.77 2.12
CA PRO B 35 -8.68 -3.09 1.56
C PRO B 35 -8.62 -1.58 1.74
N GLN B 36 -9.08 -1.12 2.90
CA GLN B 36 -9.09 0.32 3.21
C GLN B 36 -7.73 0.93 2.93
N LEU B 37 -6.68 0.11 3.03
CA LEU B 37 -5.32 0.58 2.79
C LEU B 37 -5.03 0.69 1.30
N MET B 38 -5.69 -0.16 0.51
CA MET B 38 -5.51 -0.16 -0.94
C MET B 38 -5.89 1.20 -1.52
N ALA B 39 -7.07 1.69 -1.15
CA ALA B 39 -7.54 2.98 -1.64
C ALA B 39 -6.53 4.08 -1.37
N ALA B 40 -6.15 4.21 -0.10
CA ALA B 40 -5.18 5.24 0.29
C ALA B 40 -3.82 5.00 -0.37
N PHE B 41 -3.30 3.79 -0.23
CA PHE B 41 -2.02 3.43 -0.81
C PHE B 41 -1.99 3.77 -2.30
N ILE B 42 -3.04 3.38 -3.01
CA ILE B 42 -3.13 3.63 -4.44
C ILE B 42 -2.69 5.04 -4.78
N LYS B 43 -2.94 5.97 -3.86
CA LYS B 43 -2.55 7.37 -4.06
C LYS B 43 -1.07 7.48 -4.42
N GLN B 44 -0.24 6.76 -3.68
CA GLN B 44 1.20 6.77 -3.92
C GLN B 44 1.59 5.76 -5.00
N ARG B 45 1.24 4.51 -4.76
CA ARG B 45 1.56 3.44 -5.71
C ARG B 45 0.99 3.75 -7.10
N ALA B 46 -0.34 3.72 -7.20
CA ALA B 46 -1.01 3.99 -8.47
C ALA B 46 -0.48 5.28 -9.10
N ALA B 47 0.05 6.17 -8.26
CA ALA B 47 0.59 7.44 -8.74
C ALA B 47 1.81 7.21 -9.63
N LYS B 48 2.15 5.94 -9.84
CA LYS B 48 3.30 5.58 -10.67
C LYS B 48 3.30 6.38 -11.97
N TYR B 49 2.11 6.68 -12.48
CA TYR B 49 1.97 7.44 -13.72
C TYR B 49 1.15 8.70 -13.50
N GLN B 50 1.18 9.21 -12.26
CA GLN B 50 0.44 10.41 -11.92
C GLN B 50 1.37 11.52 -11.45
N GLY A 1 6.04 9.99 14.36
CA GLY A 1 5.38 10.24 15.63
C GLY A 1 4.39 11.39 15.56
N SER A 2 3.49 11.32 14.58
CA SER A 2 2.49 12.37 14.41
C SER A 2 1.49 11.99 13.31
N GLU A 3 0.65 12.95 12.92
CA GLU A 3 -0.35 12.71 11.88
C GLU A 3 -1.07 11.38 12.13
N SER A 4 -1.79 10.92 11.10
CA SER A 4 -2.53 9.67 11.20
C SER A 4 -3.68 9.79 12.20
N GLN A 5 -4.86 9.37 11.78
CA GLN A 5 -6.05 9.43 12.63
C GLN A 5 -6.26 8.11 13.36
N ASN A 6 -5.17 7.41 13.63
CA ASN A 6 -5.24 6.11 14.31
C ASN A 6 -6.13 5.13 13.56
N ASP A 7 -5.67 4.73 12.37
CA ASP A 7 -6.42 3.79 11.55
C ASP A 7 -5.49 3.01 10.63
N GLU A 8 -5.93 1.85 10.19
CA GLU A 8 -5.14 0.99 9.31
C GLU A 8 -4.62 1.79 8.12
N LYS A 9 -5.50 2.56 7.49
CA LYS A 9 -5.14 3.38 6.34
C LYS A 9 -4.03 4.36 6.70
N ALA A 10 -4.05 4.83 7.94
CA ALA A 10 -3.04 5.77 8.41
C ALA A 10 -1.78 5.05 8.87
N LEU A 11 -1.92 3.78 9.23
CA LEU A 11 -0.80 2.98 9.69
C LEU A 11 0.29 2.89 8.61
N LEU A 12 -0.10 2.40 7.44
CA LEU A 12 0.83 2.27 6.32
C LEU A 12 1.02 3.60 5.60
N ASP A 13 0.06 4.51 5.79
CA ASP A 13 0.11 5.82 5.16
C ASP A 13 1.49 6.45 5.35
N GLN A 14 2.03 6.34 6.55
CA GLN A 14 3.35 6.90 6.85
C GLN A 14 4.45 6.12 6.14
N LEU A 15 4.61 4.86 6.51
CA LEU A 15 5.63 4.01 5.91
C LEU A 15 5.56 4.07 4.39
N ASP A 16 4.35 4.29 3.87
CA ASP A 16 4.15 4.37 2.43
C ASP A 16 5.18 5.30 1.79
N SER A 17 5.66 6.26 2.56
CA SER A 17 6.63 7.23 2.07
C SER A 17 7.79 6.51 1.37
N LEU A 18 8.14 5.33 1.87
CA LEU A 18 9.23 4.56 1.29
C LEU A 18 8.97 4.26 -0.18
N LEU A 19 7.71 4.03 -0.52
CA LEU A 19 7.34 3.74 -1.90
C LEU A 19 7.82 4.84 -2.83
N SER A 20 8.01 6.04 -2.29
CA SER A 20 8.47 7.17 -3.07
C SER A 20 9.89 6.95 -3.57
N SER A 21 10.68 6.21 -2.80
CA SER A 21 12.06 5.93 -3.14
C SER A 21 12.17 4.60 -3.91
N THR A 22 11.17 4.33 -4.75
CA THR A 22 11.14 3.11 -5.54
C THR A 22 11.17 3.41 -7.03
N ASP A 23 11.92 2.61 -7.78
CA ASP A 23 12.02 2.79 -9.22
C ASP A 23 10.64 2.91 -9.85
N GLU A 24 10.48 3.91 -10.72
CA GLU A 24 9.20 4.13 -11.40
C GLU A 24 8.81 2.92 -12.25
N MET A 25 9.82 2.27 -12.82
CA MET A 25 9.59 1.09 -13.66
C MET A 25 9.13 -0.10 -12.81
N GLU A 26 9.91 -0.41 -11.78
CA GLU A 26 9.59 -1.52 -10.90
C GLU A 26 8.23 -1.32 -10.24
N LEU A 27 7.90 -0.06 -9.93
CA LEU A 27 6.63 0.25 -9.31
C LEU A 27 5.47 -0.05 -10.24
N ALA A 28 5.70 0.10 -11.54
CA ALA A 28 4.68 -0.16 -12.54
C ALA A 28 4.42 -1.65 -12.69
N GLU A 29 5.46 -2.45 -12.46
CA GLU A 29 5.34 -3.90 -12.58
C GLU A 29 4.40 -4.45 -11.51
N ILE A 30 4.48 -3.89 -10.31
CA ILE A 30 3.64 -4.32 -9.20
C ILE A 30 2.21 -3.83 -9.38
N ASP A 31 2.07 -2.62 -9.91
CA ASP A 31 0.75 -2.04 -10.13
C ASP A 31 0.00 -2.79 -11.23
N ARG A 32 0.61 -2.91 -12.39
CA ARG A 32 0.00 -3.60 -13.52
C ARG A 32 -0.17 -5.09 -13.21
N ALA A 33 0.64 -5.59 -12.29
CA ALA A 33 0.57 -7.00 -11.91
C ALA A 33 -0.79 -7.34 -11.32
N LEU A 34 -1.26 -6.52 -10.40
CA LEU A 34 -2.56 -6.74 -9.77
C LEU A 34 -3.65 -5.91 -10.44
N GLY A 35 -3.23 -4.90 -11.21
CA GLY A 35 -4.18 -4.05 -11.90
C GLY A 35 -5.00 -3.21 -10.95
N ILE A 36 -4.33 -2.31 -10.21
CA ILE A 36 -5.01 -1.44 -9.26
C ILE A 36 -5.88 -0.43 -9.97
N ASP A 37 -5.77 -0.38 -11.30
CA ASP A 37 -6.56 0.55 -12.10
C ASP A 37 -8.05 0.32 -11.89
N LYS A 38 -8.47 -0.94 -11.99
CA LYS A 38 -9.88 -1.30 -11.82
C LYS A 38 -10.14 -1.79 -10.40
N LEU A 39 -9.06 -2.08 -9.67
CA LEU A 39 -9.18 -2.55 -8.29
C LEU A 39 -9.61 -1.42 -7.36
N VAL A 40 -9.50 -0.18 -7.84
CA VAL A 40 -9.88 0.99 -7.05
C VAL A 40 -11.31 1.41 -7.35
N SER A 41 -11.96 0.68 -8.26
CA SER A 41 -13.33 0.98 -8.65
C SER A 41 -14.31 0.47 -7.60
N GLN A 42 -13.88 -0.52 -6.83
CA GLN A 42 -14.72 -1.10 -5.79
C GLN A 42 -14.22 -0.72 -4.41
N GLN A 43 -14.82 -1.31 -3.38
CA GLN A 43 -14.44 -1.02 -2.00
C GLN A 43 -14.60 0.46 -1.69
N GLY A 44 -14.20 0.86 -0.49
CA GLY A 44 -14.31 2.25 -0.09
C GLY A 44 -14.50 2.41 1.41
N GLY A 45 -15.20 1.45 2.02
CA GLY A 45 -15.45 1.51 3.45
C GLY A 45 -16.33 2.69 3.84
N GLY B 1 -12.38 2.19 17.89
CA GLY B 1 -11.66 2.77 19.01
C GLY B 1 -10.31 3.34 18.61
N SER B 2 -10.27 4.00 17.47
CA SER B 2 -9.03 4.60 16.98
C SER B 2 -7.94 3.54 16.86
N ILE B 3 -8.32 2.33 16.46
CA ILE B 3 -7.38 1.25 16.31
C ILE B 3 -7.87 0.22 15.31
N PRO B 4 -7.05 -0.06 14.28
CA PRO B 4 -7.39 -1.03 13.24
C PRO B 4 -7.39 -2.46 13.75
N PRO B 5 -7.93 -3.38 12.95
CA PRO B 5 -8.00 -4.81 13.30
C PRO B 5 -6.62 -5.47 13.30
N ASN B 6 -6.60 -6.78 13.53
CA ASN B 6 -5.35 -7.53 13.55
C ASN B 6 -4.99 -8.03 12.15
N ALA B 7 -6.00 -8.22 11.32
CA ALA B 7 -5.79 -8.69 9.96
C ALA B 7 -5.11 -7.62 9.11
N LEU B 8 -5.69 -6.43 9.08
CA LEU B 8 -5.15 -5.32 8.31
C LEU B 8 -3.71 -5.04 8.70
N GLN B 9 -3.44 -5.06 10.00
CA GLN B 9 -2.10 -4.81 10.51
C GLN B 9 -1.11 -5.85 9.98
N ASP B 10 -1.59 -7.08 9.84
CA ASP B 10 -0.75 -8.17 9.34
C ASP B 10 -0.15 -7.82 7.97
N LEU B 11 -1.03 -7.48 7.03
CA LEU B 11 -0.59 -7.12 5.68
C LEU B 11 0.35 -5.92 5.71
N LEU B 12 -0.16 -4.78 6.15
CA LEU B 12 0.65 -3.56 6.24
C LEU B 12 1.92 -3.80 7.02
N ARG B 13 1.83 -4.62 8.07
CA ARG B 13 2.98 -4.94 8.90
C ARG B 13 4.16 -5.39 8.05
N THR B 14 3.87 -6.10 6.97
CA THR B 14 4.90 -6.59 6.07
C THR B 14 5.62 -5.44 5.38
N LEU B 15 4.85 -4.59 4.73
CA LEU B 15 5.42 -3.43 4.03
C LEU B 15 6.05 -2.45 5.00
N ARG B 16 5.71 -2.59 6.28
CA ARG B 16 6.25 -1.73 7.32
C ARG B 16 7.64 -2.18 7.75
N SER B 17 7.85 -3.49 7.74
CA SER B 17 9.14 -4.06 8.13
C SER B 17 10.27 -3.46 7.32
N PRO B 18 11.25 -2.87 8.03
CA PRO B 18 12.41 -2.24 7.39
C PRO B 18 13.35 -3.25 6.75
N SER B 19 12.82 -4.03 5.82
CA SER B 19 13.62 -5.05 5.13
C SER B 19 14.14 -4.53 3.80
N SER B 20 15.08 -5.27 3.21
CA SER B 20 15.66 -4.87 1.93
C SER B 20 14.58 -4.68 0.87
N PRO B 21 14.98 -4.10 -0.28
CA PRO B 21 14.07 -3.85 -1.39
C PRO B 21 13.61 -5.14 -2.08
N GLN B 22 14.29 -6.25 -1.76
CA GLN B 22 13.95 -7.54 -2.34
C GLN B 22 12.60 -8.03 -1.83
N GLN B 23 12.45 -8.06 -0.51
CA GLN B 23 11.20 -8.51 0.10
C GLN B 23 10.01 -7.73 -0.46
N GLN B 24 10.27 -6.55 -1.01
CA GLN B 24 9.23 -5.70 -1.57
C GLN B 24 8.33 -6.51 -2.51
N GLN B 25 8.92 -7.47 -3.21
CA GLN B 25 8.18 -8.31 -4.14
C GLN B 25 6.93 -8.87 -3.49
N GLN B 26 7.02 -9.16 -2.19
CA GLN B 26 5.89 -9.71 -1.44
C GLN B 26 4.88 -8.62 -1.12
N VAL B 27 5.36 -7.40 -0.91
CA VAL B 27 4.49 -6.27 -0.60
C VAL B 27 3.40 -6.12 -1.64
N LEU B 28 3.78 -6.09 -2.91
CA LEU B 28 2.84 -5.95 -4.01
C LEU B 28 1.66 -6.89 -3.83
N ASN B 29 1.96 -8.18 -3.69
CA ASN B 29 0.91 -9.19 -3.51
C ASN B 29 0.07 -8.90 -2.28
N ILE B 30 0.71 -8.32 -1.26
CA ILE B 30 0.02 -7.98 -0.02
C ILE B 30 -0.87 -6.75 -0.20
N LEU B 31 -0.43 -5.83 -1.04
CA LEU B 31 -1.18 -4.62 -1.30
C LEU B 31 -2.64 -4.93 -1.60
N LYS B 32 -2.87 -5.92 -2.45
CA LYS B 32 -4.22 -6.33 -2.81
C LYS B 32 -4.96 -6.87 -1.59
N SER B 33 -4.22 -7.44 -0.65
CA SER B 33 -4.82 -7.99 0.56
C SER B 33 -5.24 -6.88 1.52
N ASN B 34 -4.89 -5.65 1.17
CA ASN B 34 -5.23 -4.50 2.00
C ASN B 34 -6.26 -3.61 1.31
N PRO B 35 -7.52 -3.71 1.74
CA PRO B 35 -8.62 -2.92 1.18
C PRO B 35 -8.52 -1.45 1.52
N GLN B 36 -9.00 -1.08 2.70
CA GLN B 36 -8.95 0.30 3.15
C GLN B 36 -7.57 0.90 2.94
N LEU B 37 -6.54 0.06 2.98
CA LEU B 37 -5.17 0.50 2.81
C LEU B 37 -4.86 0.70 1.32
N MET B 38 -5.53 -0.08 0.48
CA MET B 38 -5.32 0.01 -0.96
C MET B 38 -5.61 1.43 -1.47
N ALA B 39 -6.74 1.98 -1.04
CA ALA B 39 -7.13 3.32 -1.44
C ALA B 39 -6.03 4.33 -1.13
N ALA B 40 -5.61 4.38 0.13
CA ALA B 40 -4.57 5.30 0.55
C ALA B 40 -3.25 4.99 -0.14
N PHE B 41 -2.83 3.73 -0.06
CA PHE B 41 -1.57 3.31 -0.68
C PHE B 41 -1.53 3.72 -2.14
N ILE B 42 -2.63 3.48 -2.85
CA ILE B 42 -2.72 3.83 -4.27
C ILE B 42 -2.10 5.19 -4.54
N LYS B 43 -2.25 6.10 -3.57
CA LYS B 43 -1.70 7.45 -3.70
C LYS B 43 -0.21 7.41 -4.01
N GLN B 44 0.51 6.56 -3.28
CA GLN B 44 1.95 6.43 -3.47
C GLN B 44 2.26 5.42 -4.58
N ARG B 45 1.79 4.19 -4.41
CA ARG B 45 2.03 3.13 -5.38
C ARG B 45 1.55 3.56 -6.77
N ALA B 46 0.23 3.66 -6.94
CA ALA B 46 -0.34 4.06 -8.21
C ALA B 46 0.36 5.31 -8.76
N ALA B 47 0.92 6.11 -7.87
CA ALA B 47 1.61 7.32 -8.26
C ALA B 47 2.75 7.01 -9.24
N LYS B 48 3.06 5.73 -9.38
CA LYS B 48 4.12 5.30 -10.29
C LYS B 48 3.96 5.93 -11.67
N TYR B 49 2.72 6.27 -12.02
CA TYR B 49 2.43 6.87 -13.31
C TYR B 49 1.74 8.23 -13.13
N GLN B 50 1.88 8.80 -11.93
CA GLN B 50 1.27 10.10 -11.63
C GLN B 50 2.34 11.12 -11.27
N GLY A 1 -10.57 0.82 16.31
CA GLY A 1 -10.60 2.22 16.68
C GLY A 1 -10.93 3.13 15.51
N SER A 2 -9.92 3.85 15.02
CA SER A 2 -10.11 4.76 13.90
C SER A 2 -11.02 5.92 14.29
N GLU A 3 -10.52 7.14 14.15
CA GLU A 3 -11.28 8.33 14.48
C GLU A 3 -10.68 9.57 13.82
N SER A 4 -10.48 9.49 12.51
CA SER A 4 -9.90 10.60 11.77
C SER A 4 -8.62 11.11 12.44
N GLN A 5 -7.81 10.17 12.91
CA GLN A 5 -6.56 10.52 13.58
C GLN A 5 -5.42 9.62 13.09
N ASN A 6 -5.13 9.67 11.80
CA ASN A 6 -4.07 8.86 11.22
C ASN A 6 -4.37 7.38 11.37
N ASP A 7 -5.34 6.89 10.62
CA ASP A 7 -5.73 5.49 10.67
C ASP A 7 -4.78 4.63 9.82
N GLU A 8 -5.17 3.37 9.60
CA GLU A 8 -4.36 2.46 8.82
C GLU A 8 -3.98 3.08 7.48
N LYS A 9 -4.96 3.67 6.80
CA LYS A 9 -4.72 4.31 5.51
C LYS A 9 -3.62 5.36 5.61
N ALA A 10 -3.50 5.98 6.79
CA ALA A 10 -2.49 6.99 7.02
C ALA A 10 -1.18 6.37 7.52
N LEU A 11 -1.30 5.18 8.08
CA LEU A 11 -0.13 4.48 8.61
C LEU A 11 0.91 4.26 7.52
N LEU A 12 0.50 3.62 6.43
CA LEU A 12 1.40 3.35 5.32
C LEU A 12 1.53 4.57 4.42
N ASP A 13 0.54 5.47 4.50
CA ASP A 13 0.55 6.69 3.69
C ASP A 13 1.90 7.39 3.77
N GLN A 14 2.48 7.41 4.97
CA GLN A 14 3.77 8.04 5.18
C GLN A 14 4.89 7.24 4.54
N LEU A 15 5.13 6.04 5.07
CA LEU A 15 6.17 5.17 4.55
C LEU A 15 6.05 5.02 3.02
N ASP A 16 4.82 5.09 2.53
CA ASP A 16 4.56 4.97 1.10
C ASP A 16 5.46 5.92 0.30
N SER A 17 5.87 7.01 0.95
CA SER A 17 6.73 8.00 0.30
C SER A 17 7.92 7.33 -0.39
N LEU A 18 8.38 6.23 0.19
CA LEU A 18 9.52 5.49 -0.36
C LEU A 18 9.24 5.08 -1.80
N LEU A 19 7.97 4.80 -2.10
CA LEU A 19 7.58 4.40 -3.44
C LEU A 19 8.07 5.40 -4.48
N SER A 20 8.17 6.66 -4.07
CA SER A 20 8.61 7.72 -4.97
C SER A 20 10.09 7.53 -5.34
N SER A 21 10.86 6.97 -4.42
CA SER A 21 12.27 6.74 -4.65
C SER A 21 12.52 5.33 -5.17
N THR A 22 11.60 4.86 -6.01
CA THR A 22 11.71 3.52 -6.58
C THR A 22 11.77 3.58 -8.11
N ASP A 23 12.53 2.67 -8.71
CA ASP A 23 12.67 2.62 -10.16
C ASP A 23 11.30 2.61 -10.83
N GLU A 24 11.11 3.54 -11.76
CA GLU A 24 9.84 3.65 -12.48
C GLU A 24 9.44 2.30 -13.07
N MET A 25 10.42 1.49 -13.41
CA MET A 25 10.17 0.17 -13.98
C MET A 25 9.62 -0.78 -12.92
N GLU A 26 10.31 -0.88 -11.79
CA GLU A 26 9.89 -1.75 -10.71
C GLU A 26 8.55 -1.30 -10.14
N LEU A 27 8.44 0.00 -9.86
CA LEU A 27 7.21 0.55 -9.31
C LEU A 27 6.01 0.19 -10.16
N ALA A 28 6.15 0.34 -11.48
CA ALA A 28 5.07 0.01 -12.40
C ALA A 28 4.96 -1.50 -12.59
N GLU A 29 6.06 -2.20 -12.44
CA GLU A 29 6.09 -3.65 -12.59
C GLU A 29 5.06 -4.31 -11.66
N ILE A 30 5.08 -3.91 -10.39
CA ILE A 30 4.15 -4.46 -9.41
C ILE A 30 2.74 -3.90 -9.61
N ASP A 31 2.67 -2.60 -9.91
CA ASP A 31 1.38 -1.94 -10.12
C ASP A 31 0.58 -2.65 -11.19
N ARG A 32 1.17 -2.79 -12.38
CA ARG A 32 0.50 -3.46 -13.49
C ARG A 32 0.29 -4.94 -13.20
N ALA A 33 1.13 -5.49 -12.34
CA ALA A 33 1.05 -6.90 -11.98
C ALA A 33 -0.34 -7.24 -11.45
N LEU A 34 -0.84 -6.41 -10.53
CA LEU A 34 -2.16 -6.62 -9.95
C LEU A 34 -3.21 -5.78 -10.66
N GLY A 35 -2.76 -4.75 -11.36
CA GLY A 35 -3.68 -3.87 -12.08
C GLY A 35 -4.47 -2.98 -11.14
N ILE A 36 -3.77 -2.15 -10.40
CA ILE A 36 -4.42 -1.23 -9.46
C ILE A 36 -5.25 -0.19 -10.20
N ASP A 37 -5.08 -0.12 -11.52
CA ASP A 37 -5.81 0.83 -12.33
C ASP A 37 -7.32 0.55 -12.28
N LYS A 38 -7.67 -0.73 -12.26
CA LYS A 38 -9.07 -1.14 -12.21
C LYS A 38 -9.53 -1.33 -10.77
N LEU A 39 -8.59 -1.22 -9.84
CA LEU A 39 -8.90 -1.38 -8.42
C LEU A 39 -9.70 -0.20 -7.90
N VAL A 40 -9.77 0.86 -8.70
CA VAL A 40 -10.51 2.05 -8.32
C VAL A 40 -11.99 1.93 -8.66
N SER A 41 -12.35 0.82 -9.30
CA SER A 41 -13.72 0.57 -9.69
C SER A 41 -14.51 -0.05 -8.54
N GLN A 42 -13.80 -0.55 -7.54
CA GLN A 42 -14.44 -1.17 -6.38
C GLN A 42 -13.38 -1.64 -5.38
N GLN A 43 -13.43 -1.09 -4.17
CA GLN A 43 -12.49 -1.45 -3.12
C GLN A 43 -12.92 -2.74 -2.42
N GLY A 44 -12.13 -3.17 -1.45
CA GLY A 44 -12.46 -4.38 -0.72
C GLY A 44 -13.08 -4.10 0.63
N GLY A 45 -12.61 -4.80 1.66
CA GLY A 45 -13.14 -4.60 3.00
C GLY A 45 -12.25 -3.75 3.87
N GLY B 1 -9.02 6.68 20.59
CA GLY B 1 -9.66 7.35 19.47
C GLY B 1 -8.69 7.68 18.36
N SER B 2 -7.74 6.79 18.12
CA SER B 2 -6.74 6.99 17.07
C SER B 2 -5.81 5.78 16.97
N ILE B 3 -6.39 4.63 16.64
CA ILE B 3 -5.61 3.40 16.49
C ILE B 3 -6.31 2.42 15.56
N PRO B 4 -5.65 2.10 14.43
CA PRO B 4 -6.18 1.17 13.44
C PRO B 4 -6.21 -0.26 13.95
N PRO B 5 -6.88 -1.15 13.19
CA PRO B 5 -6.99 -2.57 13.54
C PRO B 5 -5.67 -3.31 13.41
N ASN B 6 -5.66 -4.58 13.79
CA ASN B 6 -4.45 -5.40 13.71
C ASN B 6 -4.30 -6.01 12.31
N ALA B 7 -5.43 -6.16 11.61
CA ALA B 7 -5.42 -6.73 10.28
C ALA B 7 -4.76 -5.78 9.28
N LEU B 8 -5.26 -4.55 9.22
CA LEU B 8 -4.72 -3.55 8.31
C LEU B 8 -3.22 -3.34 8.55
N GLN B 9 -2.83 -3.31 9.82
CA GLN B 9 -1.43 -3.13 10.18
C GLN B 9 -0.57 -4.25 9.63
N ASP B 10 -1.14 -5.45 9.59
CA ASP B 10 -0.42 -6.62 9.08
C ASP B 10 0.01 -6.40 7.64
N LEU B 11 -0.95 -6.01 6.80
CA LEU B 11 -0.67 -5.78 5.38
C LEU B 11 0.39 -4.69 5.21
N LEU B 12 0.07 -3.48 5.65
CA LEU B 12 1.00 -2.36 5.54
C LEU B 12 2.33 -2.70 6.20
N ARG B 13 2.27 -3.41 7.32
CA ARG B 13 3.47 -3.81 8.04
C ARG B 13 4.49 -4.43 7.10
N THR B 14 4.01 -5.10 6.06
CA THR B 14 4.88 -5.75 5.09
C THR B 14 5.72 -4.73 4.33
N LEU B 15 5.11 -3.59 4.02
CA LEU B 15 5.80 -2.53 3.30
C LEU B 15 6.98 -1.99 4.11
N ARG B 16 6.81 -1.96 5.43
CA ARG B 16 7.85 -1.47 6.32
C ARG B 16 8.43 -2.61 7.15
N SER B 17 8.25 -3.83 6.68
CA SER B 17 8.75 -5.02 7.38
C SER B 17 10.27 -4.98 7.46
N PRO B 18 10.81 -5.28 8.67
CA PRO B 18 12.26 -5.30 8.90
C PRO B 18 12.94 -6.46 8.20
N SER B 19 12.75 -6.56 6.89
CA SER B 19 13.35 -7.63 6.11
C SER B 19 14.07 -7.08 4.88
N SER B 20 14.82 -7.94 4.21
CA SER B 20 15.56 -7.53 3.02
C SER B 20 14.63 -6.91 1.99
N PRO B 21 15.22 -6.33 0.93
CA PRO B 21 14.45 -5.69 -0.14
C PRO B 21 13.69 -6.70 -1.00
N GLN B 22 14.12 -7.94 -0.96
CA GLN B 22 13.46 -9.00 -1.73
C GLN B 22 12.04 -9.21 -1.27
N GLN B 23 11.81 -9.08 0.04
CA GLN B 23 10.48 -9.25 0.60
C GLN B 23 9.48 -8.32 -0.08
N GLN B 24 9.99 -7.27 -0.70
CA GLN B 24 9.14 -6.31 -1.39
C GLN B 24 8.17 -7.02 -2.33
N GLN B 25 8.58 -8.16 -2.86
CA GLN B 25 7.76 -8.93 -3.78
C GLN B 25 6.38 -9.22 -3.16
N GLN B 26 6.36 -9.36 -1.83
CA GLN B 26 5.11 -9.64 -1.13
C GLN B 26 4.18 -8.42 -1.16
N VAL B 27 4.75 -7.26 -1.44
CA VAL B 27 3.98 -6.03 -1.50
C VAL B 27 2.81 -6.16 -2.46
N LEU B 28 3.09 -6.71 -3.64
CA LEU B 28 2.05 -6.90 -4.66
C LEU B 28 0.78 -7.46 -4.04
N ASN B 29 0.92 -8.56 -3.30
CA ASN B 29 -0.22 -9.21 -2.66
C ASN B 29 -0.75 -8.34 -1.52
N ILE B 30 0.15 -7.56 -0.91
CA ILE B 30 -0.23 -6.70 0.20
C ILE B 30 -1.12 -5.55 -0.28
N LEU B 31 -0.74 -4.94 -1.39
CA LEU B 31 -1.51 -3.83 -1.95
C LEU B 31 -2.99 -4.14 -1.94
N LYS B 32 -3.38 -5.21 -2.63
CA LYS B 32 -4.78 -5.62 -2.70
C LYS B 32 -5.29 -6.03 -1.33
N SER B 33 -4.38 -6.48 -0.47
CA SER B 33 -4.75 -6.90 0.88
C SER B 33 -5.11 -5.71 1.74
N ASN B 34 -4.86 -4.51 1.23
CA ASN B 34 -5.16 -3.28 1.96
C ASN B 34 -6.28 -2.49 1.27
N PRO B 35 -7.48 -2.51 1.87
CA PRO B 35 -8.65 -1.81 1.34
C PRO B 35 -8.51 -0.30 1.44
N GLN B 36 -8.91 0.25 2.58
CA GLN B 36 -8.83 1.69 2.81
C GLN B 36 -7.44 2.22 2.48
N LEU B 37 -6.43 1.41 2.77
CA LEU B 37 -5.05 1.79 2.52
C LEU B 37 -4.78 1.87 1.01
N MET B 38 -5.53 1.11 0.24
CA MET B 38 -5.37 1.10 -1.21
C MET B 38 -5.62 2.48 -1.79
N ALA B 39 -6.59 3.20 -1.20
CA ALA B 39 -6.93 4.54 -1.67
C ALA B 39 -5.71 5.46 -1.63
N ALA B 40 -5.10 5.57 -0.46
CA ALA B 40 -3.93 6.42 -0.29
C ALA B 40 -2.73 5.87 -1.06
N PHE B 41 -2.43 4.60 -0.84
CA PHE B 41 -1.32 3.95 -1.51
C PHE B 41 -1.38 4.19 -3.02
N ILE B 42 -2.55 4.00 -3.59
CA ILE B 42 -2.75 4.21 -5.02
C ILE B 42 -2.03 5.46 -5.51
N LYS B 43 -2.00 6.48 -4.66
CA LYS B 43 -1.33 7.73 -5.00
C LYS B 43 0.13 7.50 -5.37
N GLN B 44 0.75 6.54 -4.70
CA GLN B 44 2.15 6.22 -4.97
C GLN B 44 2.27 5.22 -6.11
N ARG B 45 1.80 3.99 -5.86
CA ARG B 45 1.85 2.94 -6.87
C ARG B 45 1.10 3.35 -8.13
N ALA B 46 -0.21 3.49 -8.02
CA ALA B 46 -1.04 3.88 -9.15
C ALA B 46 -0.42 5.06 -9.91
N ALA B 47 0.34 5.87 -9.18
CA ALA B 47 1.00 7.03 -9.78
C ALA B 47 1.77 6.64 -11.03
N LYS B 48 2.16 5.37 -11.12
CA LYS B 48 2.90 4.87 -12.26
C LYS B 48 2.13 5.09 -13.56
N TYR B 49 0.83 5.32 -13.43
CA TYR B 49 -0.03 5.55 -14.59
C TYR B 49 -0.64 6.95 -14.56
N GLN B 50 0.05 7.87 -13.90
CA GLN B 50 -0.43 9.24 -13.78
C GLN B 50 0.55 10.21 -14.43
N GLY A 1 7.20 12.65 9.27
CA GLY A 1 6.38 12.44 8.10
C GLY A 1 4.92 12.82 8.32
N SER A 2 4.01 12.01 7.77
CA SER A 2 2.59 12.27 7.92
C SER A 2 2.17 12.21 9.39
N GLU A 3 1.09 12.91 9.71
CA GLU A 3 0.58 12.95 11.08
C GLU A 3 -0.16 11.65 11.42
N SER A 4 -0.85 11.10 10.43
CA SER A 4 -1.61 9.87 10.62
C SER A 4 -2.79 10.10 11.56
N GLN A 5 -3.97 9.65 11.14
CA GLN A 5 -5.18 9.81 11.93
C GLN A 5 -5.45 8.56 12.77
N ASN A 6 -4.38 7.86 13.13
CA ASN A 6 -4.51 6.65 13.93
C ASN A 6 -5.42 5.62 13.24
N ASP A 7 -4.97 5.13 12.10
CA ASP A 7 -5.75 4.15 11.34
C ASP A 7 -4.83 3.28 10.48
N GLU A 8 -5.32 2.11 10.11
CA GLU A 8 -4.55 1.18 9.29
C GLU A 8 -3.99 1.89 8.05
N LYS A 9 -4.84 2.67 7.39
CA LYS A 9 -4.44 3.40 6.20
C LYS A 9 -3.28 4.34 6.50
N ALA A 10 -3.25 4.85 7.73
CA ALA A 10 -2.19 5.76 8.15
C ALA A 10 -0.95 5.00 8.61
N LEU A 11 -1.16 3.76 9.02
CA LEU A 11 -0.06 2.92 9.49
C LEU A 11 1.00 2.76 8.40
N LEU A 12 0.59 2.26 7.25
CA LEU A 12 1.52 2.07 6.13
C LEU A 12 1.74 3.37 5.37
N ASP A 13 0.82 4.31 5.55
CA ASP A 13 0.93 5.61 4.88
C ASP A 13 2.33 6.19 5.04
N GLN A 14 2.91 6.03 6.22
CA GLN A 14 4.25 6.54 6.50
C GLN A 14 5.30 5.72 5.75
N LEU A 15 5.43 4.45 6.12
CA LEU A 15 6.39 3.57 5.49
C LEU A 15 6.27 3.62 3.97
N ASP A 16 5.05 3.86 3.49
CA ASP A 16 4.80 3.93 2.06
C ASP A 16 5.75 4.91 1.38
N SER A 17 6.24 5.87 2.16
CA SER A 17 7.17 6.87 1.64
C SER A 17 8.30 6.22 0.86
N LEU A 18 8.72 5.04 1.31
CA LEU A 18 9.80 4.31 0.65
C LEU A 18 9.45 4.01 -0.80
N LEU A 19 8.16 3.79 -1.06
CA LEU A 19 7.68 3.50 -2.40
C LEU A 19 8.15 4.56 -3.40
N SER A 20 8.33 5.77 -2.91
CA SER A 20 8.79 6.88 -3.75
C SER A 20 10.22 6.64 -4.23
N SER A 21 11.01 5.98 -3.39
CA SER A 21 12.41 5.69 -3.72
C SER A 21 12.53 4.34 -4.42
N THR A 22 11.56 4.03 -5.27
CA THR A 22 11.56 2.76 -6.00
C THR A 22 11.44 3.00 -7.51
N ASP A 23 12.07 2.13 -8.29
CA ASP A 23 12.03 2.23 -9.74
C ASP A 23 10.59 2.46 -10.22
N GLU A 24 10.43 3.40 -11.15
CA GLU A 24 9.12 3.71 -11.70
C GLU A 24 8.64 2.61 -12.64
N MET A 25 9.59 1.98 -13.33
CA MET A 25 9.27 0.90 -14.26
C MET A 25 8.79 -0.34 -13.51
N GLU A 26 9.60 -0.79 -12.56
CA GLU A 26 9.25 -1.97 -11.77
C GLU A 26 7.95 -1.77 -11.03
N LEU A 27 7.67 -0.52 -10.65
CA LEU A 27 6.45 -0.19 -9.92
C LEU A 27 5.22 -0.53 -10.76
N ALA A 28 5.32 -0.32 -12.07
CA ALA A 28 4.21 -0.61 -12.98
C ALA A 28 4.00 -2.10 -13.13
N GLU A 29 5.07 -2.87 -13.01
CA GLU A 29 5.00 -4.32 -13.14
C GLU A 29 4.17 -4.92 -12.01
N ILE A 30 4.32 -4.36 -10.82
CA ILE A 30 3.59 -4.83 -9.65
C ILE A 30 2.13 -4.40 -9.71
N ASP A 31 1.88 -3.23 -10.27
CA ASP A 31 0.52 -2.71 -10.39
C ASP A 31 -0.27 -3.50 -11.43
N ARG A 32 0.27 -3.58 -12.64
CA ARG A 32 -0.39 -4.30 -13.72
C ARG A 32 -0.56 -5.78 -13.36
N ALA A 33 0.26 -6.27 -12.44
CA ALA A 33 0.20 -7.65 -12.01
C ALA A 33 -1.15 -7.96 -11.37
N LEU A 34 -1.58 -7.10 -10.46
CA LEU A 34 -2.84 -7.28 -9.76
C LEU A 34 -3.94 -6.41 -10.38
N GLY A 35 -3.52 -5.40 -11.14
CA GLY A 35 -4.47 -4.51 -11.78
C GLY A 35 -5.26 -3.69 -10.78
N ILE A 36 -4.58 -2.78 -10.11
CA ILE A 36 -5.22 -1.93 -9.11
C ILE A 36 -6.19 -0.95 -9.77
N ASP A 37 -6.15 -0.90 -11.09
CA ASP A 37 -7.02 -0.01 -11.84
C ASP A 37 -8.49 -0.32 -11.55
N LYS A 38 -8.79 -1.59 -11.32
CA LYS A 38 -10.14 -2.02 -11.02
C LYS A 38 -10.37 -2.11 -9.52
N LEU A 39 -9.30 -2.27 -8.77
CA LEU A 39 -9.38 -2.37 -7.31
C LEU A 39 -9.70 -1.01 -6.70
N VAL A 40 -9.50 0.05 -7.48
CA VAL A 40 -9.77 1.40 -7.01
C VAL A 40 -11.19 1.84 -7.37
N SER A 41 -11.84 1.06 -8.23
CA SER A 41 -13.20 1.37 -8.66
C SER A 41 -14.21 0.94 -7.59
N GLN A 42 -13.87 -0.11 -6.85
CA GLN A 42 -14.76 -0.61 -5.81
C GLN A 42 -14.03 -1.63 -4.93
N GLN A 43 -13.96 -1.35 -3.64
CA GLN A 43 -13.30 -2.25 -2.70
C GLN A 43 -14.22 -3.39 -2.29
N GLY A 44 -15.17 -3.08 -1.41
CA GLY A 44 -16.10 -4.09 -0.94
C GLY A 44 -17.18 -3.52 -0.05
N GLY A 45 -17.06 -3.76 1.25
CA GLY A 45 -18.04 -3.26 2.20
C GLY A 45 -17.40 -2.50 3.34
N GLY B 1 -11.24 5.06 19.20
CA GLY B 1 -10.46 3.90 18.81
C GLY B 1 -9.03 4.26 18.48
N SER B 2 -8.82 4.92 17.34
CA SER B 2 -7.48 5.32 16.92
C SER B 2 -6.54 4.12 16.92
N ILE B 3 -7.08 2.96 16.56
CA ILE B 3 -6.28 1.74 16.51
C ILE B 3 -6.88 0.73 15.54
N PRO B 4 -6.12 0.40 14.48
CA PRO B 4 -6.56 -0.56 13.46
C PRO B 4 -6.62 -1.99 13.98
N PRO B 5 -7.25 -2.88 13.21
CA PRO B 5 -7.39 -4.29 13.58
C PRO B 5 -6.06 -5.04 13.52
N ASN B 6 -6.12 -6.36 13.65
CA ASN B 6 -4.92 -7.19 13.62
C ASN B 6 -4.66 -7.70 12.20
N ALA B 7 -5.73 -7.83 11.42
CA ALA B 7 -5.62 -8.32 10.04
C ALA B 7 -4.95 -7.28 9.15
N LEU B 8 -5.48 -6.06 9.17
CA LEU B 8 -4.94 -4.98 8.36
C LEU B 8 -3.44 -4.79 8.63
N GLN B 9 -3.07 -4.85 9.90
CA GLN B 9 -1.67 -4.69 10.29
C GLN B 9 -0.81 -5.81 9.70
N ASP B 10 -1.38 -7.00 9.59
CA ASP B 10 -0.67 -8.15 9.04
C ASP B 10 -0.17 -7.84 7.63
N LEU B 11 -1.07 -7.41 6.76
CA LEU B 11 -0.72 -7.09 5.38
C LEU B 11 0.36 -6.01 5.33
N LEU B 12 0.02 -4.82 5.82
CA LEU B 12 0.98 -3.72 5.85
C LEU B 12 2.27 -4.11 6.54
N ARG B 13 2.16 -4.92 7.58
CA ARG B 13 3.32 -5.38 8.33
C ARG B 13 4.33 -6.03 7.41
N THR B 14 3.85 -6.64 6.33
CA THR B 14 4.72 -7.31 5.36
C THR B 14 5.66 -6.31 4.69
N LEU B 15 5.09 -5.30 4.06
CA LEU B 15 5.88 -4.27 3.38
C LEU B 15 6.69 -3.46 4.38
N ARG B 16 6.28 -3.51 5.64
CA ARG B 16 6.96 -2.77 6.70
C ARG B 16 8.12 -3.58 7.27
N SER B 17 7.97 -4.91 7.28
CA SER B 17 9.01 -5.79 7.79
C SER B 17 10.37 -5.45 7.18
N PRO B 18 11.37 -5.24 8.04
CA PRO B 18 12.73 -4.91 7.61
C PRO B 18 13.42 -6.09 6.93
N SER B 19 13.18 -6.26 5.64
CA SER B 19 13.77 -7.35 4.88
C SER B 19 14.45 -6.83 3.62
N SER B 20 15.25 -7.68 2.99
CA SER B 20 15.96 -7.30 1.77
C SER B 20 14.99 -6.77 0.72
N PRO B 21 15.53 -6.24 -0.38
CA PRO B 21 14.74 -5.69 -1.48
C PRO B 21 14.00 -6.78 -2.25
N GLN B 22 14.46 -8.00 -2.12
CA GLN B 22 13.83 -9.13 -2.81
C GLN B 22 12.44 -9.41 -2.26
N GLN B 23 12.32 -9.41 -0.94
CA GLN B 23 11.04 -9.65 -0.28
C GLN B 23 9.97 -8.71 -0.81
N GLN B 24 10.40 -7.61 -1.41
CA GLN B 24 9.47 -6.62 -1.96
C GLN B 24 8.43 -7.31 -2.84
N GLN B 25 8.84 -8.38 -3.51
CA GLN B 25 7.93 -9.12 -4.38
C GLN B 25 6.62 -9.45 -3.67
N GLN B 26 6.71 -9.69 -2.37
CA GLN B 26 5.54 -10.03 -1.58
C GLN B 26 4.66 -8.80 -1.36
N VAL B 27 5.30 -7.64 -1.24
CA VAL B 27 4.57 -6.39 -1.04
C VAL B 27 3.50 -6.20 -2.11
N LEU B 28 3.90 -6.32 -3.37
CA LEU B 28 2.98 -6.16 -4.48
C LEU B 28 1.68 -6.93 -4.24
N ASN B 29 1.80 -8.21 -3.89
CA ASN B 29 0.65 -9.04 -3.62
C ASN B 29 -0.09 -8.58 -2.37
N ILE B 30 0.67 -8.01 -1.43
CA ILE B 30 0.09 -7.52 -0.18
C ILE B 30 -0.80 -6.31 -0.43
N LEU B 31 -0.41 -5.48 -1.39
CA LEU B 31 -1.17 -4.29 -1.72
C LEU B 31 -2.66 -4.60 -1.86
N LYS B 32 -2.97 -5.57 -2.70
CA LYS B 32 -4.36 -5.98 -2.92
C LYS B 32 -4.96 -6.56 -1.64
N SER B 33 -4.11 -7.15 -0.80
CA SER B 33 -4.56 -7.74 0.44
C SER B 33 -5.00 -6.66 1.43
N ASN B 34 -4.71 -5.41 1.09
CA ASN B 34 -5.07 -4.28 1.94
C ASN B 34 -6.13 -3.41 1.28
N PRO B 35 -7.34 -3.40 1.86
CA PRO B 35 -8.46 -2.61 1.33
C PRO B 35 -8.25 -1.11 1.52
N GLN B 36 -8.66 -0.59 2.67
CA GLN B 36 -8.52 0.83 2.96
C GLN B 36 -7.09 1.30 2.70
N LEU B 37 -6.14 0.39 2.83
CA LEU B 37 -4.74 0.70 2.60
C LEU B 37 -4.44 0.81 1.11
N MET B 38 -5.17 0.05 0.32
CA MET B 38 -4.99 0.06 -1.14
C MET B 38 -5.24 1.45 -1.70
N ALA B 39 -6.39 2.02 -1.36
CA ALA B 39 -6.75 3.36 -1.83
C ALA B 39 -5.65 4.36 -1.53
N ALA B 40 -5.22 4.41 -0.28
CA ALA B 40 -4.17 5.34 0.12
C ALA B 40 -2.85 4.99 -0.54
N PHE B 41 -2.44 3.73 -0.41
CA PHE B 41 -1.18 3.27 -1.01
C PHE B 41 -1.12 3.65 -2.49
N ILE B 42 -2.18 3.35 -3.21
CA ILE B 42 -2.24 3.66 -4.64
C ILE B 42 -1.71 5.06 -4.92
N LYS B 43 -1.87 5.96 -3.95
CA LYS B 43 -1.39 7.33 -4.09
C LYS B 43 0.08 7.37 -4.48
N GLN B 44 0.89 6.57 -3.78
CA GLN B 44 2.32 6.51 -4.05
C GLN B 44 2.62 5.54 -5.20
N ARG B 45 2.14 4.31 -5.06
CA ARG B 45 2.36 3.29 -6.08
C ARG B 45 1.85 3.78 -7.44
N ALA B 46 0.54 3.90 -7.57
CA ALA B 46 -0.07 4.34 -8.81
C ALA B 46 0.63 5.58 -9.35
N ALA B 47 1.21 6.37 -8.45
CA ALA B 47 1.91 7.58 -8.84
C ALA B 47 2.97 7.30 -9.90
N LYS B 48 3.40 6.04 -9.97
CA LYS B 48 4.40 5.64 -10.95
C LYS B 48 3.99 6.04 -12.36
N TYR B 49 2.68 6.23 -12.56
CA TYR B 49 2.16 6.62 -13.86
C TYR B 49 1.41 7.95 -13.77
N GLN B 50 1.87 8.82 -12.87
CA GLN B 50 1.25 10.12 -12.68
C GLN B 50 2.24 11.24 -12.98
N GLY A 1 -9.88 12.61 5.81
CA GLY A 1 -9.59 11.76 4.66
C GLY A 1 -8.10 11.58 4.45
N SER A 2 -7.49 12.52 3.72
CA SER A 2 -6.07 12.45 3.44
C SER A 2 -5.26 12.27 4.72
N GLU A 3 -5.69 12.96 5.77
CA GLU A 3 -5.01 12.89 7.06
C GLU A 3 -5.36 11.60 7.79
N SER A 4 -6.61 11.16 7.63
CA SER A 4 -7.07 9.94 8.28
C SER A 4 -7.10 10.11 9.80
N GLN A 5 -7.74 9.16 10.47
CA GLN A 5 -7.85 9.21 11.94
C GLN A 5 -6.70 8.44 12.58
N ASN A 6 -5.56 8.39 11.90
CA ASN A 6 -4.39 7.69 12.41
C ASN A 6 -4.67 6.19 12.52
N ASP A 7 -5.47 5.67 11.59
CA ASP A 7 -5.81 4.25 11.57
C ASP A 7 -4.70 3.43 10.91
N GLU A 8 -5.00 2.16 10.65
CA GLU A 8 -4.03 1.28 10.02
C GLU A 8 -3.46 1.89 8.75
N LYS A 9 -4.34 2.53 7.97
CA LYS A 9 -3.94 3.17 6.72
C LYS A 9 -2.88 4.24 6.97
N ALA A 10 -2.93 4.85 8.15
CA ALA A 10 -1.97 5.88 8.51
C ALA A 10 -0.66 5.27 8.98
N LEU A 11 -0.72 4.02 9.44
CA LEU A 11 0.47 3.32 9.91
C LEU A 11 1.54 3.27 8.82
N LEU A 12 1.18 2.68 7.68
CA LEU A 12 2.11 2.55 6.56
C LEU A 12 2.15 3.85 5.75
N ASP A 13 1.12 4.67 5.91
CA ASP A 13 1.04 5.94 5.19
C ASP A 13 2.38 6.67 5.24
N GLN A 14 3.08 6.55 6.36
CA GLN A 14 4.36 7.21 6.54
C GLN A 14 5.44 6.52 5.71
N LEU A 15 5.80 5.30 6.10
CA LEU A 15 6.82 4.53 5.39
C LEU A 15 6.53 4.50 3.90
N ASP A 16 5.25 4.52 3.55
CA ASP A 16 4.84 4.49 2.15
C ASP A 16 5.57 5.55 1.34
N SER A 17 6.01 6.61 2.03
CA SER A 17 6.72 7.70 1.37
C SER A 17 7.85 7.16 0.49
N LEU A 18 8.45 6.06 0.92
CA LEU A 18 9.54 5.44 0.18
C LEU A 18 9.11 5.11 -1.25
N LEU A 19 7.83 4.79 -1.42
CA LEU A 19 7.29 4.46 -2.73
C LEU A 19 7.59 5.56 -3.74
N SER A 20 7.65 6.80 -3.26
CA SER A 20 7.92 7.94 -4.13
C SER A 20 9.34 7.86 -4.68
N SER A 21 10.24 7.26 -3.91
CA SER A 21 11.64 7.12 -4.33
C SER A 21 11.86 5.77 -5.02
N THR A 22 10.87 5.34 -5.79
CA THR A 22 10.96 4.06 -6.50
C THR A 22 10.71 4.26 -7.99
N ASP A 23 11.39 3.46 -8.81
CA ASP A 23 11.24 3.53 -10.25
C ASP A 23 9.77 3.50 -10.65
N GLU A 24 9.40 4.33 -11.62
CA GLU A 24 8.02 4.39 -12.09
C GLU A 24 7.66 3.13 -12.88
N MET A 25 8.66 2.56 -13.56
CA MET A 25 8.45 1.35 -14.35
C MET A 25 8.19 0.14 -13.45
N GLU A 26 9.05 -0.03 -12.44
CA GLU A 26 8.91 -1.13 -11.51
C GLU A 26 7.51 -1.17 -10.90
N LEU A 27 7.01 0.00 -10.55
CA LEU A 27 5.68 0.11 -9.95
C LEU A 27 4.61 -0.42 -10.90
N ALA A 28 4.78 -0.16 -12.18
CA ALA A 28 3.82 -0.62 -13.19
C ALA A 28 3.71 -2.14 -13.19
N GLU A 29 4.85 -2.81 -13.07
CA GLU A 29 4.88 -4.27 -13.04
C GLU A 29 4.04 -4.82 -11.90
N ILE A 30 4.18 -4.20 -10.73
CA ILE A 30 3.44 -4.62 -9.54
C ILE A 30 1.98 -4.18 -9.63
N ASP A 31 1.75 -3.03 -10.25
CA ASP A 31 0.41 -2.50 -10.40
C ASP A 31 -0.42 -3.35 -11.36
N ARG A 32 0.11 -3.54 -12.57
CA ARG A 32 -0.58 -4.34 -13.58
C ARG A 32 -0.71 -5.79 -13.14
N ALA A 33 0.17 -6.20 -12.23
CA ALA A 33 0.16 -7.57 -11.72
C ALA A 33 -1.15 -7.89 -11.01
N LEU A 34 -1.55 -6.99 -10.11
CA LEU A 34 -2.79 -7.17 -9.36
C LEU A 34 -3.91 -6.34 -9.96
N GLY A 35 -3.55 -5.36 -10.77
CA GLY A 35 -4.54 -4.50 -11.40
C GLY A 35 -5.29 -3.65 -10.40
N ILE A 36 -4.57 -2.80 -9.67
CA ILE A 36 -5.18 -1.94 -8.68
C ILE A 36 -6.06 -0.88 -9.34
N ASP A 37 -5.64 -0.40 -10.50
CA ASP A 37 -6.39 0.61 -11.24
C ASP A 37 -7.71 0.05 -11.75
N LYS A 38 -7.68 -1.22 -12.17
CA LYS A 38 -8.88 -1.87 -12.67
C LYS A 38 -9.50 -2.78 -11.61
N LEU A 39 -9.02 -2.65 -10.38
CA LEU A 39 -9.53 -3.46 -9.28
C LEU A 39 -10.90 -2.96 -8.83
N VAL A 40 -10.94 -1.74 -8.32
CA VAL A 40 -12.19 -1.14 -7.86
C VAL A 40 -12.21 0.37 -8.10
N SER A 41 -11.22 0.86 -8.84
CA SER A 41 -11.13 2.28 -9.14
C SER A 41 -10.61 3.05 -7.93
N GLN A 42 -11.20 2.77 -6.77
CA GLN A 42 -10.82 3.44 -5.53
C GLN A 42 -11.38 2.71 -4.32
N GLN A 43 -10.58 2.63 -3.26
CA GLN A 43 -10.99 1.95 -2.04
C GLN A 43 -11.79 2.89 -1.14
N GLY A 44 -11.45 4.17 -1.18
CA GLY A 44 -12.17 5.15 -0.37
C GLY A 44 -12.15 4.80 1.10
N GLY A 45 -11.00 4.99 1.74
CA GLY A 45 -10.89 4.68 3.16
C GLY A 45 -11.55 5.73 4.04
N GLY B 1 -10.64 6.04 18.66
CA GLY B 1 -9.52 5.13 18.78
C GLY B 1 -8.31 5.57 18.00
N SER B 2 -7.13 5.24 18.50
CA SER B 2 -5.88 5.62 17.85
C SER B 2 -4.94 4.42 17.72
N ILE B 3 -5.52 3.26 17.46
CA ILE B 3 -4.73 2.04 17.32
C ILE B 3 -5.45 1.02 16.44
N PRO B 4 -4.83 0.68 15.30
CA PRO B 4 -5.39 -0.29 14.35
C PRO B 4 -5.38 -1.72 14.90
N PRO B 5 -6.09 -2.61 14.21
CA PRO B 5 -6.19 -4.03 14.61
C PRO B 5 -4.88 -4.77 14.40
N ASN B 6 -4.89 -6.07 14.66
CA ASN B 6 -3.70 -6.90 14.50
C ASN B 6 -3.60 -7.43 13.08
N ALA B 7 -4.74 -7.57 12.42
CA ALA B 7 -4.78 -8.06 11.04
C ALA B 7 -4.19 -7.06 10.08
N LEU B 8 -4.70 -5.83 10.11
CA LEU B 8 -4.23 -4.77 9.23
C LEU B 8 -2.73 -4.55 9.41
N GLN B 9 -2.27 -4.59 10.66
CA GLN B 9 -0.86 -4.39 10.97
C GLN B 9 -0.01 -5.47 10.30
N ASP B 10 -0.54 -6.70 10.28
CA ASP B 10 0.18 -7.82 9.67
C ASP B 10 0.50 -7.53 8.20
N LEU B 11 -0.51 -7.09 7.46
CA LEU B 11 -0.34 -6.79 6.04
C LEU B 11 0.71 -5.70 5.84
N LEU B 12 0.43 -4.51 6.37
CA LEU B 12 1.35 -3.38 6.26
C LEU B 12 2.71 -3.73 6.84
N ARG B 13 2.70 -4.53 7.90
CA ARG B 13 3.94 -4.94 8.57
C ARG B 13 4.94 -5.49 7.55
N THR B 14 4.43 -6.08 6.48
CA THR B 14 5.28 -6.65 5.44
C THR B 14 6.09 -5.56 4.74
N LEU B 15 5.49 -4.37 4.63
CA LEU B 15 6.16 -3.25 3.98
C LEU B 15 7.40 -2.83 4.76
N ARG B 16 7.34 -2.94 6.08
CA ARG B 16 8.46 -2.58 6.93
C ARG B 16 9.15 -3.82 7.48
N SER B 17 8.95 -4.95 6.81
CA SER B 17 9.54 -6.22 7.23
C SER B 17 11.07 -6.15 7.15
N PRO B 18 11.73 -6.52 8.25
CA PRO B 18 13.20 -6.51 8.33
C PRO B 18 13.83 -7.60 7.46
N SER B 19 13.60 -7.51 6.16
CA SER B 19 14.14 -8.49 5.22
C SER B 19 14.85 -7.79 4.07
N SER B 20 15.57 -8.57 3.26
CA SER B 20 16.29 -8.03 2.12
C SER B 20 15.36 -7.25 1.19
N PRO B 21 15.95 -6.57 0.20
CA PRO B 21 15.20 -5.78 -0.78
C PRO B 21 14.37 -6.65 -1.72
N GLN B 22 14.82 -7.88 -1.92
CA GLN B 22 14.13 -8.81 -2.81
C GLN B 22 12.73 -9.13 -2.28
N GLN B 23 12.61 -9.17 -0.95
CA GLN B 23 11.33 -9.47 -0.31
C GLN B 23 10.25 -8.49 -0.78
N GLN B 24 10.68 -7.36 -1.32
CA GLN B 24 9.75 -6.35 -1.81
C GLN B 24 8.68 -6.97 -2.70
N GLN B 25 9.05 -8.01 -3.43
CA GLN B 25 8.13 -8.69 -4.32
C GLN B 25 6.84 -9.06 -3.58
N GLN B 26 6.96 -9.34 -2.29
CA GLN B 26 5.81 -9.70 -1.47
C GLN B 26 4.91 -8.50 -1.22
N VAL B 27 5.54 -7.32 -1.13
CA VAL B 27 4.79 -6.09 -0.89
C VAL B 27 3.66 -5.91 -1.89
N LEU B 28 4.00 -6.01 -3.18
CA LEU B 28 3.00 -5.86 -4.23
C LEU B 28 1.75 -6.69 -3.93
N ASN B 29 1.95 -7.96 -3.62
CA ASN B 29 0.84 -8.86 -3.30
C ASN B 29 0.17 -8.45 -2.00
N ILE B 30 0.96 -7.89 -1.08
CA ILE B 30 0.44 -7.46 0.21
C ILE B 30 -0.46 -6.23 0.06
N LEU B 31 -0.08 -5.34 -0.86
CA LEU B 31 -0.85 -4.13 -1.10
C LEU B 31 -2.33 -4.45 -1.26
N LYS B 32 -2.64 -5.40 -2.14
CA LYS B 32 -4.02 -5.79 -2.38
C LYS B 32 -4.64 -6.39 -1.12
N SER B 33 -3.81 -6.98 -0.28
CA SER B 33 -4.27 -7.60 0.96
C SER B 33 -4.65 -6.53 1.99
N ASN B 34 -4.33 -5.28 1.67
CA ASN B 34 -4.63 -4.16 2.55
C ASN B 34 -5.69 -3.25 1.94
N PRO B 35 -6.87 -3.19 2.58
CA PRO B 35 -7.98 -2.35 2.10
C PRO B 35 -7.70 -0.87 2.28
N GLN B 36 -7.90 -0.38 3.50
CA GLN B 36 -7.68 1.04 3.80
C GLN B 36 -6.32 1.50 3.28
N LEU B 37 -5.35 0.59 3.31
CA LEU B 37 -4.00 0.90 2.85
C LEU B 37 -3.96 0.98 1.32
N MET B 38 -4.81 0.19 0.67
CA MET B 38 -4.86 0.17 -0.79
C MET B 38 -5.22 1.56 -1.33
N ALA B 39 -6.22 2.19 -0.73
CA ALA B 39 -6.66 3.51 -1.15
C ALA B 39 -5.54 4.53 -1.00
N ALA B 40 -4.97 4.61 0.20
CA ALA B 40 -3.89 5.55 0.47
C ALA B 40 -2.66 5.22 -0.36
N PHE B 41 -2.18 3.99 -0.23
CA PHE B 41 -1.00 3.55 -0.97
C PHE B 41 -1.16 3.85 -2.47
N ILE B 42 -2.34 3.57 -2.99
CA ILE B 42 -2.61 3.81 -4.41
C ILE B 42 -2.04 5.15 -4.87
N LYS B 43 -2.06 6.13 -3.96
CA LYS B 43 -1.55 7.46 -4.26
C LYS B 43 -0.13 7.39 -4.80
N GLN B 44 0.71 6.58 -4.14
CA GLN B 44 2.09 6.41 -4.56
C GLN B 44 2.21 5.36 -5.66
N ARG B 45 1.80 4.14 -5.34
CA ARG B 45 1.87 3.04 -6.31
C ARG B 45 1.12 3.40 -7.59
N ALA B 46 -0.21 3.48 -7.49
CA ALA B 46 -1.03 3.81 -8.64
C ALA B 46 -0.47 5.01 -9.40
N ALA B 47 0.24 5.87 -8.69
CA ALA B 47 0.83 7.06 -9.30
C ALA B 47 1.75 6.68 -10.46
N LYS B 48 2.05 5.39 -10.56
CA LYS B 48 2.92 4.90 -11.63
C LYS B 48 2.42 5.35 -12.99
N TYR B 49 1.13 5.67 -13.06
CA TYR B 49 0.53 6.11 -14.31
C TYR B 49 0.11 7.58 -14.23
N GLN B 50 0.78 8.33 -13.37
CA GLN B 50 0.48 9.74 -13.19
C GLN B 50 1.68 10.60 -13.57
#